data_6Y5K
#
_entry.id   6Y5K
#
_cell.length_a   1.00
_cell.length_b   1.00
_cell.length_c   1.00
_cell.angle_alpha   90.00
_cell.angle_beta   90.00
_cell.angle_gamma   90.00
#
_symmetry.space_group_name_H-M   'P 1'
#
loop_
_entity.id
_entity.type
_entity.pdbx_description
1 polymer 'X-31 Influenza Haemagglutinin HA1'
2 polymer 'X-31 Influenza Haemagglutinin HA2'
3 non-polymer 2-acetamido-2-deoxy-beta-D-glucopyranose
#
loop_
_entity_poly.entity_id
_entity_poly.type
_entity_poly.pdbx_seq_one_letter_code
_entity_poly.pdbx_strand_id
1 'polypeptide(L)'
;NSTATLCLGHHAVPNGTLVKTITDDQIEVTNATELVQSSSTGKICNNPHRILDGIDCTLIDALLGDPHCDVFQNETWDLF
VERSKAFSNCYPYDVPDYASLRSLVASSGTLEFITEGFTWTGVTQNGGSNACKRGPGSGFFSRLNWLTKSGSTYPVLNVT
MPNNDNFDKLYIWGIHHPSTNQEQTSLYVQASGRVTVSTRRSQQTIIPNIGSRPWVRGLSSRISIYWTIVKPGDVLVINS
NGNLIAPRGYFKMRTGKSSIMRSDAPIDTCISECITPNGSIPNDKPFQNVNKITYGACPKYVKQNTLKLATGMRNVPE
;
A,C,E
2 'polypeptide(L)'
;GLFGAIAGFIENGWEGMIDGWYGFRHQNSEGTGQAADLKSTQAAIDQINGKLNRVIEKTNEKFHQIEKEFSEVEGRIQDL
EKYVEDTKIDLWSYNAELLVALENQHTIDLTDSEMNKLFEKTRRQLRENAEEMGNGCFKIYHKCDNACIESIRNGTYDHD
VYRDEALNNRFQ
;
B,D,F
#
# COMPACT_ATOMS: atom_id res chain seq x y z
N CYS A 7 52.46 -19.48 -14.94
CA CYS A 7 52.82 -18.71 -13.76
C CYS A 7 51.87 -18.99 -12.59
N LEU A 8 51.14 -17.96 -12.16
CA LEU A 8 50.32 -18.07 -10.96
C LEU A 8 48.95 -18.66 -11.21
N GLY A 9 48.46 -18.67 -12.46
CA GLY A 9 47.18 -19.25 -12.76
C GLY A 9 46.32 -18.43 -13.69
N HIS A 10 46.42 -17.11 -13.60
CA HIS A 10 45.70 -16.21 -14.50
C HIS A 10 46.68 -15.25 -15.13
N HIS A 11 46.50 -14.99 -16.43
CA HIS A 11 47.46 -14.25 -17.22
C HIS A 11 47.09 -12.78 -17.39
N ALA A 12 46.17 -12.28 -16.55
CA ALA A 12 45.78 -10.86 -16.57
C ALA A 12 45.26 -10.46 -17.95
N VAL A 13 44.12 -11.06 -18.29
CA VAL A 13 43.45 -10.83 -19.57
C VAL A 13 43.36 -9.34 -19.88
N PRO A 14 43.47 -8.94 -21.14
CA PRO A 14 43.45 -7.51 -21.44
C PRO A 14 42.12 -6.86 -21.17
N ASN A 15 41.03 -7.60 -21.25
CA ASN A 15 39.69 -7.08 -21.01
C ASN A 15 39.31 -7.39 -19.57
N GLY A 16 39.20 -6.36 -18.74
CA GLY A 16 38.80 -6.56 -17.37
C GLY A 16 37.31 -6.81 -17.22
N THR A 17 36.95 -7.50 -16.14
CA THR A 17 35.56 -7.84 -15.85
C THR A 17 35.24 -7.36 -14.44
N LEU A 18 34.53 -6.23 -14.37
CA LEU A 18 34.12 -5.64 -13.10
C LEU A 18 32.89 -6.35 -12.57
N VAL A 19 32.96 -6.76 -11.30
CA VAL A 19 31.90 -7.52 -10.65
C VAL A 19 31.58 -6.86 -9.32
N LYS A 20 30.29 -6.89 -8.97
CA LYS A 20 29.78 -6.26 -7.71
C LYS A 20 29.83 -7.30 -6.58
N THR A 21 30.41 -6.92 -5.43
CA THR A 21 30.48 -7.79 -4.27
C THR A 21 29.79 -7.12 -3.09
N ILE A 22 29.90 -7.72 -1.91
CA ILE A 22 29.35 -7.13 -0.70
C ILE A 22 30.45 -6.67 0.25
N THR A 23 31.63 -7.28 0.21
CA THR A 23 32.76 -6.78 0.97
C THR A 23 33.30 -5.51 0.35
N ASP A 24 33.78 -5.60 -0.90
CA ASP A 24 34.13 -4.42 -1.68
C ASP A 24 32.90 -3.96 -2.45
N ASP A 25 33.10 -3.04 -3.39
CA ASP A 25 32.00 -2.59 -4.25
C ASP A 25 32.10 -3.16 -5.67
N GLN A 26 33.22 -2.94 -6.34
CA GLN A 26 33.42 -3.42 -7.70
C GLN A 26 34.86 -3.82 -7.88
N ILE A 27 35.12 -5.10 -8.17
CA ILE A 27 36.47 -5.59 -8.32
C ILE A 27 36.62 -6.25 -9.69
N GLU A 28 37.85 -6.58 -10.03
CA GLU A 28 38.20 -7.14 -11.33
C GLU A 28 38.47 -8.63 -11.21
N VAL A 29 37.81 -9.41 -12.05
CA VAL A 29 38.00 -10.85 -12.10
C VAL A 29 38.30 -11.26 -13.53
N THR A 30 38.80 -12.49 -13.69
CA THR A 30 39.16 -12.99 -15.00
C THR A 30 37.96 -13.10 -15.92
N ASN A 31 37.00 -13.95 -15.58
CA ASN A 31 35.86 -14.23 -16.43
C ASN A 31 34.57 -13.86 -15.72
N ALA A 32 33.57 -13.46 -16.50
CA ALA A 32 32.27 -13.13 -15.92
C ALA A 32 31.18 -13.34 -16.96
N THR A 33 29.96 -13.55 -16.48
CA THR A 33 28.79 -13.76 -17.32
C THR A 33 27.69 -12.78 -16.96
N GLU A 34 26.85 -12.47 -17.94
CA GLU A 34 25.77 -11.50 -17.74
C GLU A 34 24.54 -12.25 -17.28
N LEU A 35 23.80 -11.65 -16.36
CA LEU A 35 22.64 -12.30 -15.76
C LEU A 35 21.32 -11.63 -16.10
N VAL A 36 21.32 -10.70 -17.06
CA VAL A 36 20.13 -9.92 -17.35
C VAL A 36 20.04 -9.76 -18.87
N GLN A 37 18.98 -10.29 -19.46
CA GLN A 37 18.73 -10.14 -20.88
C GLN A 37 18.05 -8.80 -21.08
N SER A 38 18.69 -7.89 -21.83
CA SER A 38 18.24 -6.51 -21.88
C SER A 38 17.98 -6.03 -23.30
N SER A 39 17.87 -6.94 -24.26
CA SER A 39 17.58 -6.58 -25.64
C SER A 39 16.47 -7.47 -26.18
N SER A 40 15.76 -6.94 -27.16
CA SER A 40 14.66 -7.65 -27.80
C SER A 40 14.88 -7.71 -29.31
N THR A 41 14.26 -8.71 -29.92
CA THR A 41 14.39 -8.92 -31.36
C THR A 41 13.57 -7.92 -32.16
N GLY A 42 12.42 -7.50 -31.65
CA GLY A 42 11.59 -6.53 -32.34
C GLY A 42 10.32 -7.09 -32.94
N LYS A 43 10.23 -8.43 -32.94
CA LYS A 43 9.07 -9.15 -33.56
C LYS A 43 8.34 -9.96 -32.49
N ILE A 44 7.06 -10.25 -32.72
CA ILE A 44 6.25 -11.09 -31.85
C ILE A 44 6.09 -12.43 -32.55
N CYS A 45 6.74 -13.44 -31.96
CA CYS A 45 6.57 -14.87 -32.38
C CYS A 45 5.09 -15.22 -32.40
N ASN A 46 4.68 -16.08 -33.34
CA ASN A 46 3.34 -16.64 -33.27
C ASN A 46 3.39 -18.14 -32.98
N ASN A 47 4.38 -18.58 -32.21
CA ASN A 47 4.47 -19.98 -31.84
C ASN A 47 5.15 -20.08 -30.49
N PRO A 48 4.69 -20.96 -29.60
CA PRO A 48 3.56 -21.87 -29.81
C PRO A 48 2.25 -21.28 -29.30
N HIS A 49 2.24 -19.98 -29.05
CA HIS A 49 1.03 -19.30 -28.64
C HIS A 49 0.20 -18.90 -29.86
N ARG A 50 -1.09 -18.71 -29.61
CA ARG A 50 -2.05 -18.32 -30.65
C ARG A 50 -2.30 -16.82 -30.52
N ILE A 51 -1.68 -16.05 -31.40
CA ILE A 51 -1.75 -14.59 -31.35
C ILE A 51 -2.81 -14.12 -32.32
N LEU A 52 -3.63 -13.17 -31.89
CA LEU A 52 -4.64 -12.55 -32.73
C LEU A 52 -4.31 -11.07 -32.87
N ASP A 53 -4.24 -10.59 -34.12
CA ASP A 53 -3.82 -9.23 -34.40
C ASP A 53 -5.06 -8.35 -34.61
N GLY A 54 -5.38 -7.53 -33.62
CA GLY A 54 -6.49 -6.60 -33.72
C GLY A 54 -6.06 -5.35 -34.46
N ILE A 55 -6.02 -5.44 -35.78
CA ILE A 55 -5.34 -4.43 -36.61
C ILE A 55 -5.93 -3.04 -36.35
N ASP A 56 -7.21 -2.84 -36.69
CA ASP A 56 -7.80 -1.51 -36.53
C ASP A 56 -9.00 -1.53 -35.59
N CYS A 57 -9.15 -2.59 -34.82
CA CYS A 57 -10.27 -2.78 -33.90
C CYS A 57 -9.75 -3.15 -32.52
N THR A 58 -10.43 -2.67 -31.51
CA THR A 58 -10.22 -3.08 -30.13
C THR A 58 -11.05 -4.35 -29.87
N LEU A 59 -11.00 -4.82 -28.63
CA LEU A 59 -11.75 -6.03 -28.28
C LEU A 59 -13.24 -5.74 -28.23
N ILE A 60 -13.63 -4.57 -27.73
CA ILE A 60 -15.05 -4.28 -27.58
C ILE A 60 -15.70 -4.06 -28.94
N ASP A 61 -14.99 -3.45 -29.88
CA ASP A 61 -15.56 -3.27 -31.22
C ASP A 61 -15.68 -4.58 -31.97
N ALA A 62 -14.72 -5.49 -31.77
CA ALA A 62 -14.84 -6.83 -32.36
C ALA A 62 -15.89 -7.66 -31.67
N LEU A 63 -16.22 -7.33 -30.42
CA LEU A 63 -17.30 -7.98 -29.68
C LEU A 63 -18.67 -7.50 -30.16
N LEU A 64 -18.83 -6.19 -30.30
CA LEU A 64 -20.13 -5.62 -30.65
C LEU A 64 -20.53 -5.94 -32.08
N GLY A 65 -19.54 -6.08 -32.98
CA GLY A 65 -19.85 -6.35 -34.36
C GLY A 65 -19.69 -5.13 -35.23
N ASP A 66 -18.61 -4.39 -35.02
CA ASP A 66 -18.32 -3.24 -35.86
C ASP A 66 -18.22 -3.70 -37.32
N PRO A 67 -18.74 -2.93 -38.28
CA PRO A 67 -18.77 -3.41 -39.66
C PRO A 67 -17.41 -3.60 -40.32
N HIS A 68 -16.34 -2.98 -39.83
CA HIS A 68 -15.03 -3.25 -40.42
C HIS A 68 -14.19 -4.26 -39.64
N CYS A 69 -14.77 -4.96 -38.67
CA CYS A 69 -14.03 -6.13 -38.11
C CYS A 69 -14.99 -7.31 -37.97
N ASP A 70 -15.88 -7.40 -38.94
CA ASP A 70 -16.81 -8.51 -39.04
C ASP A 70 -16.10 -9.79 -39.46
N VAL A 71 -14.82 -9.69 -39.83
CA VAL A 71 -13.98 -10.86 -40.05
C VAL A 71 -13.52 -11.50 -38.74
N PHE A 72 -13.75 -10.84 -37.61
CA PHE A 72 -13.33 -11.35 -36.31
C PHE A 72 -14.45 -12.07 -35.57
N GLN A 73 -15.40 -12.66 -36.30
CA GLN A 73 -16.45 -13.44 -35.66
C GLN A 73 -15.93 -14.81 -35.28
N ASN A 74 -16.20 -15.20 -34.03
CA ASN A 74 -15.75 -16.48 -33.48
C ASN A 74 -14.24 -16.62 -33.60
N GLU A 75 -13.53 -15.54 -33.30
CA GLU A 75 -12.07 -15.60 -33.21
C GLU A 75 -11.66 -16.20 -31.88
N THR A 76 -10.76 -17.17 -31.92
CA THR A 76 -10.18 -17.78 -30.74
C THR A 76 -8.73 -17.35 -30.61
N TRP A 77 -8.36 -16.72 -29.49
CA TRP A 77 -7.03 -16.20 -29.29
C TRP A 77 -6.42 -16.86 -28.06
N ASP A 78 -5.09 -16.91 -28.02
CA ASP A 78 -4.37 -17.12 -26.77
C ASP A 78 -3.76 -15.84 -26.21
N LEU A 79 -3.41 -14.90 -27.08
CA LEU A 79 -3.01 -13.57 -26.63
C LEU A 79 -3.45 -12.56 -27.67
N PHE A 80 -4.29 -11.62 -27.27
CA PHE A 80 -4.75 -10.54 -28.14
C PHE A 80 -3.76 -9.38 -28.11
N VAL A 81 -3.37 -8.93 -29.30
CA VAL A 81 -2.45 -7.81 -29.47
C VAL A 81 -3.25 -6.63 -29.99
N GLU A 82 -3.25 -5.55 -29.23
CA GLU A 82 -4.01 -4.36 -29.55
C GLU A 82 -3.10 -3.29 -30.10
N ARG A 83 -3.43 -2.77 -31.27
CA ARG A 83 -2.67 -1.71 -31.89
C ARG A 83 -3.25 -0.35 -31.49
N SER A 84 -2.44 0.70 -31.69
CA SER A 84 -2.84 2.06 -31.37
C SER A 84 -3.60 2.76 -32.50
N LYS A 85 -3.51 2.24 -33.73
CA LYS A 85 -4.23 2.80 -34.86
C LYS A 85 -5.69 2.37 -34.95
N ALA A 86 -6.25 1.80 -33.87
CA ALA A 86 -7.62 1.32 -33.92
C ALA A 86 -8.60 2.47 -33.76
N PHE A 87 -9.76 2.33 -34.40
CA PHE A 87 -10.79 3.35 -34.34
C PHE A 87 -12.15 2.68 -34.50
N SER A 88 -13.20 3.46 -34.25
CA SER A 88 -14.58 2.99 -34.38
C SER A 88 -15.26 3.75 -35.50
N ASN A 89 -16.13 3.06 -36.24
CA ASN A 89 -16.81 3.62 -37.40
C ASN A 89 -18.27 3.17 -37.40
N CYS A 90 -18.91 3.27 -36.24
CA CYS A 90 -20.32 2.91 -36.10
C CYS A 90 -20.97 3.93 -35.18
N TYR A 91 -22.16 3.58 -34.69
CA TYR A 91 -22.89 4.45 -33.79
C TYR A 91 -22.05 4.78 -32.56
N PRO A 92 -21.91 6.05 -32.19
CA PRO A 92 -21.11 6.40 -31.01
C PRO A 92 -21.73 5.81 -29.75
N TYR A 93 -20.89 5.20 -28.93
CA TYR A 93 -21.34 4.47 -27.76
C TYR A 93 -20.46 4.80 -26.56
N ASP A 94 -20.76 4.14 -25.44
CA ASP A 94 -20.11 4.42 -24.18
C ASP A 94 -20.29 3.19 -23.29
N VAL A 95 -19.24 2.84 -22.55
CA VAL A 95 -19.30 1.68 -21.67
C VAL A 95 -18.96 2.08 -20.24
N PRO A 96 -19.91 2.01 -19.32
CA PRO A 96 -19.58 2.13 -17.88
C PRO A 96 -18.81 0.90 -17.41
N ASP A 97 -17.73 1.15 -16.68
CA ASP A 97 -16.79 0.11 -16.25
C ASP A 97 -16.17 -0.57 -17.48
N TYR A 98 -15.51 0.26 -18.29
CA TYR A 98 -14.92 -0.25 -19.53
C TYR A 98 -13.77 -1.20 -19.26
N ALA A 99 -12.88 -0.85 -18.31
CA ALA A 99 -11.71 -1.68 -18.05
C ALA A 99 -12.11 -3.04 -17.50
N SER A 100 -13.15 -3.07 -16.67
CA SER A 100 -13.61 -4.34 -16.10
C SER A 100 -14.08 -5.28 -17.19
N LEU A 101 -14.89 -4.76 -18.11
CA LEU A 101 -15.41 -5.59 -19.19
C LEU A 101 -14.29 -5.99 -20.14
N ARG A 102 -13.35 -5.07 -20.40
CA ARG A 102 -12.23 -5.39 -21.28
C ARG A 102 -11.39 -6.52 -20.70
N SER A 103 -11.15 -6.50 -19.39
CA SER A 103 -10.36 -7.57 -18.79
C SER A 103 -11.16 -8.85 -18.64
N LEU A 104 -12.48 -8.74 -18.54
CA LEU A 104 -13.34 -9.92 -18.45
C LEU A 104 -13.40 -10.64 -19.79
N VAL A 105 -13.46 -9.88 -20.89
CA VAL A 105 -13.56 -10.52 -22.20
C VAL A 105 -12.16 -10.95 -22.64
N ALA A 106 -11.14 -10.23 -22.22
CA ALA A 106 -9.77 -10.60 -22.58
C ALA A 106 -9.40 -11.93 -21.94
N SER A 107 -9.81 -12.13 -20.68
CA SER A 107 -9.49 -13.33 -19.94
C SER A 107 -10.42 -14.49 -20.26
N SER A 108 -11.44 -14.28 -21.09
CA SER A 108 -12.32 -15.40 -21.43
C SER A 108 -11.74 -16.22 -22.56
N GLY A 109 -11.21 -15.57 -23.60
CA GLY A 109 -10.46 -16.24 -24.63
C GLY A 109 -11.26 -16.67 -25.84
N THR A 110 -12.54 -16.31 -25.91
CA THR A 110 -13.40 -16.70 -27.01
C THR A 110 -14.32 -15.54 -27.37
N LEU A 111 -14.70 -15.47 -28.65
CA LEU A 111 -15.77 -14.60 -29.11
C LEU A 111 -16.93 -15.38 -29.69
N GLU A 112 -17.14 -16.60 -29.19
CA GLU A 112 -18.19 -17.46 -29.71
C GLU A 112 -19.57 -16.94 -29.30
N PHE A 113 -20.43 -16.69 -30.28
CA PHE A 113 -21.70 -16.03 -30.07
C PHE A 113 -22.81 -16.97 -30.53
N ILE A 114 -23.65 -17.40 -29.60
CA ILE A 114 -24.81 -18.22 -29.88
C ILE A 114 -26.03 -17.31 -29.95
N THR A 115 -26.71 -17.32 -31.09
CA THR A 115 -27.88 -16.49 -31.27
C THR A 115 -29.09 -17.15 -30.62
N GLU A 116 -29.96 -16.33 -30.03
CA GLU A 116 -31.15 -16.80 -29.34
C GLU A 116 -32.38 -16.11 -29.91
N GLY A 117 -33.52 -16.78 -29.79
CA GLY A 117 -34.77 -16.25 -30.31
C GLY A 117 -35.57 -15.47 -29.28
N PHE A 118 -35.41 -14.16 -29.29
CA PHE A 118 -36.24 -13.27 -28.49
C PHE A 118 -37.50 -12.91 -29.26
N THR A 119 -38.58 -12.66 -28.53
CA THR A 119 -39.87 -12.29 -29.10
C THR A 119 -40.22 -10.88 -28.65
N TRP A 120 -40.08 -9.92 -29.57
CA TRP A 120 -40.46 -8.53 -29.32
C TRP A 120 -41.72 -8.24 -30.11
N THR A 121 -42.87 -8.25 -29.42
CA THR A 121 -44.15 -8.02 -30.06
C THR A 121 -44.62 -6.60 -29.76
N GLY A 122 -45.03 -5.88 -30.80
CA GLY A 122 -45.49 -4.52 -30.67
C GLY A 122 -44.49 -3.46 -31.05
N VAL A 123 -43.31 -3.85 -31.52
CA VAL A 123 -42.24 -2.92 -31.88
C VAL A 123 -41.68 -3.32 -33.23
N THR A 124 -40.85 -2.43 -33.79
CA THR A 124 -40.16 -2.67 -35.04
C THR A 124 -38.70 -3.00 -34.75
N GLN A 125 -38.21 -4.07 -35.36
CA GLN A 125 -36.88 -4.59 -35.10
C GLN A 125 -35.89 -4.13 -36.17
N ASN A 126 -34.61 -4.40 -35.91
CA ASN A 126 -33.52 -4.18 -36.86
C ASN A 126 -33.43 -2.70 -37.26
N GLY A 127 -33.27 -1.84 -36.26
CA GLY A 127 -33.02 -0.44 -36.53
C GLY A 127 -31.63 -0.21 -37.08
N GLY A 128 -31.51 0.82 -37.90
CA GLY A 128 -30.27 1.12 -38.60
C GLY A 128 -29.85 2.55 -38.36
N SER A 129 -28.67 2.88 -38.91
CA SER A 129 -28.10 4.20 -38.76
C SER A 129 -27.24 4.48 -39.97
N ASN A 130 -27.15 5.76 -40.35
CA ASN A 130 -26.34 6.15 -41.49
C ASN A 130 -24.90 6.45 -41.10
N ALA A 131 -24.56 6.33 -39.82
CA ALA A 131 -23.20 6.46 -39.32
C ALA A 131 -22.52 5.11 -39.16
N CYS A 132 -23.24 4.03 -39.44
CA CYS A 132 -22.78 2.66 -39.28
C CYS A 132 -23.10 1.87 -40.54
N LYS A 133 -22.72 2.44 -41.69
CA LYS A 133 -23.00 1.83 -42.98
C LYS A 133 -22.38 0.44 -43.07
N ARG A 134 -23.22 -0.55 -43.30
CA ARG A 134 -22.80 -1.92 -43.58
C ARG A 134 -23.03 -2.16 -45.06
N GLY A 135 -22.03 -1.83 -45.87
CA GLY A 135 -22.16 -1.91 -47.30
C GLY A 135 -22.49 -0.56 -47.90
N PRO A 136 -23.43 -0.55 -48.84
CA PRO A 136 -23.89 0.70 -49.44
C PRO A 136 -25.08 1.34 -48.72
N GLY A 137 -25.70 0.62 -47.77
CA GLY A 137 -26.86 1.10 -47.08
C GLY A 137 -26.62 1.30 -45.59
N SER A 138 -27.67 1.72 -44.90
CA SER A 138 -27.59 1.95 -43.46
C SER A 138 -27.42 0.64 -42.72
N GLY A 139 -26.89 0.75 -41.49
CA GLY A 139 -26.65 -0.43 -40.70
C GLY A 139 -26.55 -0.12 -39.22
N PHE A 140 -26.06 -1.10 -38.48
CA PHE A 140 -25.93 -1.02 -37.03
C PHE A 140 -24.93 -2.09 -36.60
N PHE A 141 -24.72 -2.19 -35.29
CA PHE A 141 -23.96 -3.31 -34.73
C PHE A 141 -24.65 -4.63 -35.06
N SER A 142 -23.84 -5.68 -35.23
CA SER A 142 -24.34 -6.98 -35.66
C SER A 142 -24.81 -7.88 -34.52
N ARG A 143 -24.56 -7.53 -33.27
CA ARG A 143 -24.97 -8.37 -32.16
C ARG A 143 -26.11 -7.76 -31.34
N LEU A 144 -26.65 -6.62 -31.77
CA LEU A 144 -27.70 -5.93 -31.04
C LEU A 144 -28.85 -5.62 -31.98
N ASN A 145 -30.00 -5.35 -31.37
CA ASN A 145 -31.26 -5.16 -32.07
C ASN A 145 -31.90 -3.88 -31.55
N TRP A 146 -32.06 -2.90 -32.45
CA TRP A 146 -32.60 -1.60 -32.11
C TRP A 146 -34.11 -1.59 -32.40
N LEU A 147 -34.89 -1.60 -31.33
CA LEU A 147 -36.35 -1.63 -31.43
C LEU A 147 -36.91 -0.22 -31.28
N THR A 148 -37.87 0.12 -32.14
CA THR A 148 -38.55 1.41 -32.12
C THR A 148 -40.05 1.17 -32.16
N LYS A 149 -40.81 2.26 -32.15
CA LYS A 149 -42.26 2.16 -32.09
C LYS A 149 -42.81 1.57 -33.39
N SER A 150 -43.94 0.87 -33.26
CA SER A 150 -44.57 0.18 -34.38
C SER A 150 -45.84 0.94 -34.75
N GLY A 151 -45.70 1.86 -35.71
CA GLY A 151 -46.82 2.66 -36.17
C GLY A 151 -47.05 3.87 -35.31
N SER A 152 -47.69 3.67 -34.15
CA SER A 152 -48.02 4.79 -33.27
C SER A 152 -47.86 4.47 -31.79
N THR A 153 -47.38 3.28 -31.42
CA THR A 153 -47.32 2.91 -30.01
C THR A 153 -46.07 2.09 -29.73
N TYR A 154 -45.71 2.02 -28.46
CA TYR A 154 -44.57 1.25 -27.97
C TYR A 154 -44.94 0.60 -26.65
N PRO A 155 -45.40 -0.65 -26.69
CA PRO A 155 -45.87 -1.29 -25.45
C PRO A 155 -44.72 -1.60 -24.51
N VAL A 156 -45.04 -2.09 -23.32
CA VAL A 156 -44.01 -2.43 -22.34
C VAL A 156 -43.48 -3.83 -22.65
N LEU A 157 -42.27 -3.90 -23.20
CA LEU A 157 -41.66 -5.19 -23.48
C LEU A 157 -41.29 -5.87 -22.18
N ASN A 158 -41.61 -7.16 -22.08
CA ASN A 158 -41.32 -7.95 -20.89
C ASN A 158 -41.06 -9.38 -21.34
N VAL A 159 -39.79 -9.78 -21.34
CA VAL A 159 -39.39 -11.06 -21.91
C VAL A 159 -38.55 -11.81 -20.89
N THR A 160 -38.51 -13.13 -21.05
CA THR A 160 -37.82 -14.01 -20.12
C THR A 160 -37.00 -15.02 -20.91
N MET A 161 -35.93 -15.50 -20.27
CA MET A 161 -35.05 -16.51 -20.86
C MET A 161 -34.37 -17.32 -19.76
N PRO A 162 -34.65 -18.61 -19.64
CA PRO A 162 -34.02 -19.41 -18.60
C PRO A 162 -32.71 -20.04 -19.07
N ASN A 163 -31.88 -20.38 -18.08
CA ASN A 163 -30.58 -21.00 -18.32
C ASN A 163 -30.61 -22.40 -17.73
N ASN A 164 -30.77 -23.39 -18.60
CA ASN A 164 -30.81 -24.79 -18.17
C ASN A 164 -29.50 -25.53 -18.42
N ASP A 165 -28.50 -24.88 -19.02
CA ASP A 165 -27.24 -25.53 -19.33
C ASP A 165 -26.38 -25.55 -18.06
N ASN A 166 -25.09 -25.87 -18.22
CA ASN A 166 -24.16 -25.94 -17.10
C ASN A 166 -22.96 -25.00 -17.28
N PHE A 167 -23.16 -23.88 -17.97
CA PHE A 167 -22.10 -22.88 -18.08
C PHE A 167 -22.73 -21.50 -17.97
N ASP A 168 -21.88 -20.48 -17.81
CA ASP A 168 -22.36 -19.12 -17.70
C ASP A 168 -22.60 -18.50 -19.06
N LYS A 169 -23.55 -17.57 -19.11
CA LYS A 169 -23.91 -16.85 -20.31
C LYS A 169 -23.71 -15.36 -20.10
N LEU A 170 -23.11 -14.71 -21.08
CA LEU A 170 -22.85 -13.28 -21.02
C LEU A 170 -23.75 -12.57 -22.02
N TYR A 171 -24.61 -11.69 -21.51
CA TYR A 171 -25.51 -10.91 -22.34
C TYR A 171 -25.06 -9.45 -22.37
N ILE A 172 -25.06 -8.86 -23.56
CA ILE A 172 -24.66 -7.49 -23.77
C ILE A 172 -25.86 -6.73 -24.28
N TRP A 173 -26.25 -5.67 -23.57
CA TRP A 173 -27.39 -4.84 -23.93
C TRP A 173 -26.98 -3.37 -23.83
N GLY A 174 -27.93 -2.49 -24.11
CA GLY A 174 -27.60 -1.08 -24.06
C GLY A 174 -28.84 -0.22 -23.90
N ILE A 175 -28.59 1.08 -23.78
CA ILE A 175 -29.64 2.08 -23.66
C ILE A 175 -29.29 3.25 -24.56
N HIS A 176 -30.33 3.87 -25.12
CA HIS A 176 -30.18 4.92 -26.12
C HIS A 176 -30.46 6.27 -25.47
N HIS A 177 -29.47 7.16 -25.50
CA HIS A 177 -29.66 8.52 -24.99
C HIS A 177 -29.93 9.43 -26.17
N PRO A 178 -31.16 9.95 -26.33
CA PRO A 178 -31.44 10.82 -27.49
C PRO A 178 -30.86 12.20 -27.32
N SER A 179 -31.06 13.06 -28.32
CA SER A 179 -30.48 14.39 -28.33
C SER A 179 -31.49 15.47 -27.94
N THR A 180 -32.71 15.39 -28.47
CA THR A 180 -33.77 16.34 -28.20
C THR A 180 -35.00 15.60 -27.67
N ASN A 181 -36.00 16.37 -27.29
CA ASN A 181 -37.27 15.84 -26.81
C ASN A 181 -38.25 15.52 -27.92
N GLN A 182 -37.92 15.80 -29.18
CA GLN A 182 -38.78 15.43 -30.31
C GLN A 182 -38.43 14.07 -30.85
N GLU A 183 -37.15 13.74 -30.86
CA GLU A 183 -36.71 12.44 -31.34
C GLU A 183 -36.93 11.34 -30.32
N GLN A 184 -37.12 11.69 -29.04
CA GLN A 184 -37.52 10.69 -28.06
C GLN A 184 -38.93 10.20 -28.37
N THR A 185 -39.88 11.13 -28.49
CA THR A 185 -41.25 10.75 -28.74
C THR A 185 -41.49 10.36 -30.19
N SER A 186 -40.54 10.62 -31.09
CA SER A 186 -40.69 10.17 -32.47
C SER A 186 -40.05 8.81 -32.66
N LEU A 187 -39.29 8.33 -31.69
CA LEU A 187 -38.71 6.98 -31.73
C LEU A 187 -39.34 6.08 -30.67
N TYR A 188 -39.69 6.63 -29.52
CA TYR A 188 -40.37 5.92 -28.44
C TYR A 188 -41.49 6.81 -27.93
N VAL A 189 -42.74 6.40 -28.16
CA VAL A 189 -43.88 7.28 -27.92
C VAL A 189 -43.89 7.77 -26.47
N GLN A 190 -43.20 7.07 -25.58
CA GLN A 190 -43.16 7.47 -24.18
C GLN A 190 -42.19 8.64 -24.03
N ALA A 191 -42.54 9.57 -23.15
CA ALA A 191 -41.70 10.75 -22.94
C ALA A 191 -40.51 10.46 -22.04
N SER A 192 -40.39 9.21 -21.57
CA SER A 192 -39.27 8.79 -20.74
C SER A 192 -39.15 7.28 -20.85
N GLY A 193 -37.91 6.80 -20.99
CA GLY A 193 -37.64 5.39 -21.15
C GLY A 193 -37.07 4.82 -19.85
N ARG A 194 -36.98 3.50 -19.84
CA ARG A 194 -36.52 2.77 -18.66
C ARG A 194 -36.27 1.32 -19.03
N VAL A 195 -35.15 0.78 -18.54
CA VAL A 195 -34.75 -0.59 -18.81
C VAL A 195 -34.40 -1.26 -17.49
N THR A 196 -35.05 -2.40 -17.22
CA THR A 196 -34.82 -3.20 -16.03
C THR A 196 -34.38 -4.58 -16.50
N VAL A 197 -33.25 -5.06 -15.98
CA VAL A 197 -32.73 -6.37 -16.29
C VAL A 197 -32.47 -7.12 -14.99
N SER A 198 -33.08 -8.30 -14.83
CA SER A 198 -33.06 -8.94 -13.53
C SER A 198 -32.76 -10.41 -13.69
N THR A 199 -31.94 -10.93 -12.77
CA THR A 199 -31.73 -12.35 -12.55
C THR A 199 -32.35 -12.73 -11.21
N ARG A 200 -32.13 -13.99 -10.80
CA ARG A 200 -32.68 -14.42 -9.53
C ARG A 200 -31.95 -13.82 -8.34
N ARG A 201 -30.83 -13.12 -8.57
CA ARG A 201 -30.04 -12.60 -7.48
C ARG A 201 -29.55 -11.16 -7.66
N SER A 202 -29.80 -10.53 -8.81
CA SER A 202 -29.34 -9.17 -9.02
C SER A 202 -30.30 -8.45 -9.96
N GLN A 203 -30.10 -7.14 -10.09
CA GLN A 203 -30.94 -6.33 -10.96
C GLN A 203 -30.22 -5.03 -11.29
N GLN A 204 -30.44 -4.55 -12.52
CA GLN A 204 -29.90 -3.28 -12.98
C GLN A 204 -31.00 -2.53 -13.71
N THR A 205 -31.26 -1.29 -13.28
CA THR A 205 -32.25 -0.42 -13.92
C THR A 205 -31.59 0.89 -14.34
N ILE A 206 -31.77 1.23 -15.62
CA ILE A 206 -31.18 2.42 -16.23
C ILE A 206 -32.28 3.23 -16.89
N ILE A 207 -32.15 4.56 -16.83
CA ILE A 207 -33.09 5.49 -17.44
C ILE A 207 -32.33 6.42 -18.37
N PRO A 208 -32.79 6.60 -19.61
CA PRO A 208 -32.06 7.45 -20.56
C PRO A 208 -32.00 8.90 -20.10
N ASN A 209 -30.92 9.56 -20.49
CA ASN A 209 -30.62 10.94 -20.10
C ASN A 209 -30.65 11.78 -21.36
N ILE A 210 -31.77 12.48 -21.57
CA ILE A 210 -31.93 13.33 -22.74
C ILE A 210 -31.04 14.55 -22.59
N GLY A 211 -30.33 14.91 -23.66
CA GLY A 211 -29.44 16.03 -23.63
C GLY A 211 -28.64 16.09 -24.91
N SER A 212 -27.86 17.16 -25.03
CA SER A 212 -27.01 17.37 -26.18
C SER A 212 -25.58 16.96 -25.86
N ARG A 213 -24.90 16.43 -26.87
CA ARG A 213 -23.54 15.94 -26.77
C ARG A 213 -22.70 16.55 -27.88
N PRO A 214 -21.37 16.41 -27.80
CA PRO A 214 -20.53 16.86 -28.92
C PRO A 214 -20.87 16.07 -30.18
N TRP A 215 -20.72 16.75 -31.32
CA TRP A 215 -21.04 16.13 -32.60
C TRP A 215 -19.96 15.07 -32.85
N VAL A 216 -20.36 13.81 -33.03
CA VAL A 216 -19.42 12.74 -33.35
C VAL A 216 -19.89 11.94 -34.57
N ARG A 217 -19.20 12.12 -35.70
CA ARG A 217 -19.49 11.44 -36.96
C ARG A 217 -20.88 11.79 -37.47
N GLY A 218 -21.45 12.90 -37.03
CA GLY A 218 -22.73 13.34 -37.53
C GLY A 218 -23.89 13.09 -36.61
N LEU A 219 -23.63 12.71 -35.35
CA LEU A 219 -24.69 12.38 -34.40
C LEU A 219 -24.39 13.05 -33.07
N SER A 220 -25.45 13.43 -32.35
CA SER A 220 -25.33 13.94 -30.99
C SER A 220 -26.06 13.07 -29.97
N SER A 221 -26.54 11.90 -30.38
CA SER A 221 -27.10 10.93 -29.45
C SER A 221 -26.00 9.98 -28.99
N ARG A 222 -26.32 9.16 -27.99
CA ARG A 222 -25.31 8.24 -27.47
C ARG A 222 -25.96 6.91 -27.17
N ILE A 223 -25.11 5.91 -26.93
CA ILE A 223 -25.53 4.59 -26.49
C ILE A 223 -24.65 4.18 -25.32
N SER A 224 -25.26 3.69 -24.26
CA SER A 224 -24.52 3.16 -23.13
C SER A 224 -24.65 1.64 -23.14
N ILE A 225 -23.53 0.97 -22.87
CA ILE A 225 -23.42 -0.47 -23.04
C ILE A 225 -23.27 -1.10 -21.67
N TYR A 226 -24.11 -2.09 -21.38
CA TYR A 226 -24.07 -2.82 -20.14
C TYR A 226 -24.05 -4.32 -20.44
N TRP A 227 -23.74 -5.10 -19.41
CA TRP A 227 -23.62 -6.54 -19.55
C TRP A 227 -24.17 -7.21 -18.32
N THR A 228 -24.54 -8.48 -18.49
CA THR A 228 -25.13 -9.30 -17.45
C THR A 228 -24.54 -10.69 -17.56
N ILE A 229 -24.41 -11.36 -16.42
CA ILE A 229 -23.89 -12.72 -16.35
C ILE A 229 -24.96 -13.59 -15.71
N VAL A 230 -25.35 -14.64 -16.43
CA VAL A 230 -26.37 -15.58 -15.97
C VAL A 230 -25.69 -16.92 -15.69
N LYS A 231 -25.84 -17.41 -14.47
CA LYS A 231 -25.23 -18.65 -14.05
C LYS A 231 -26.18 -19.81 -14.25
N PRO A 232 -25.67 -21.04 -14.32
CA PRO A 232 -26.53 -22.19 -14.61
C PRO A 232 -27.61 -22.36 -13.53
N GLY A 233 -28.85 -22.56 -13.99
CA GLY A 233 -30.00 -22.64 -13.13
C GLY A 233 -30.76 -21.34 -12.95
N ASP A 234 -30.26 -20.23 -13.49
CA ASP A 234 -30.92 -18.94 -13.29
C ASP A 234 -31.91 -18.67 -14.41
N VAL A 235 -32.39 -17.43 -14.45
CA VAL A 235 -33.36 -16.94 -15.44
C VAL A 235 -33.12 -15.44 -15.57
N LEU A 236 -33.41 -14.89 -16.74
CA LEU A 236 -33.25 -13.47 -17.00
C LEU A 236 -34.59 -12.90 -17.44
N VAL A 237 -34.96 -11.74 -16.89
CA VAL A 237 -36.19 -11.05 -17.25
C VAL A 237 -35.81 -9.63 -17.62
N ILE A 238 -36.30 -9.17 -18.77
CA ILE A 238 -36.05 -7.83 -19.29
C ILE A 238 -37.38 -7.10 -19.42
N ASN A 239 -37.49 -5.95 -18.76
CA ASN A 239 -38.68 -5.11 -18.81
C ASN A 239 -38.27 -3.72 -19.30
N SER A 240 -39.09 -3.13 -20.17
CA SER A 240 -38.73 -1.84 -20.74
C SER A 240 -39.95 -1.18 -21.36
N ASN A 241 -39.85 0.15 -21.52
CA ASN A 241 -40.86 0.91 -22.25
C ASN A 241 -40.21 1.98 -23.11
N GLY A 242 -39.01 1.73 -23.59
CA GLY A 242 -38.31 2.62 -24.49
C GLY A 242 -36.82 2.72 -24.23
N ASN A 243 -36.08 3.05 -25.29
CA ASN A 243 -34.63 3.30 -25.23
C ASN A 243 -33.89 2.03 -24.78
N LEU A 244 -34.12 0.95 -25.51
CA LEU A 244 -33.50 -0.34 -25.24
C LEU A 244 -32.79 -0.82 -26.50
N ILE A 245 -31.51 -1.13 -26.36
CA ILE A 245 -30.74 -1.80 -27.41
C ILE A 245 -30.62 -3.27 -27.02
N ALA A 246 -31.53 -4.09 -27.52
CA ALA A 246 -31.66 -5.47 -27.09
C ALA A 246 -30.51 -6.32 -27.59
N PRO A 247 -30.25 -7.44 -26.91
CA PRO A 247 -29.25 -8.40 -27.41
C PRO A 247 -29.89 -9.37 -28.41
N ARG A 248 -29.02 -10.10 -29.10
CA ARG A 248 -29.45 -11.11 -30.05
C ARG A 248 -29.11 -12.53 -29.60
N GLY A 249 -28.34 -12.67 -28.52
CA GLY A 249 -27.94 -13.97 -28.04
C GLY A 249 -26.98 -13.82 -26.89
N TYR A 250 -26.11 -14.82 -26.73
CA TYR A 250 -25.16 -14.83 -25.63
C TYR A 250 -23.82 -15.33 -26.11
N PHE A 251 -22.76 -14.86 -25.45
CA PHE A 251 -21.43 -15.41 -25.66
C PHE A 251 -21.19 -16.52 -24.64
N LYS A 252 -20.45 -17.54 -25.07
CA LYS A 252 -20.09 -18.63 -24.17
C LYS A 252 -18.88 -18.21 -23.36
N MET A 253 -18.94 -18.44 -22.05
CA MET A 253 -17.90 -18.01 -21.13
C MET A 253 -17.05 -19.19 -20.70
N ARG A 254 -15.73 -19.03 -20.84
CA ARG A 254 -14.77 -20.05 -20.51
C ARG A 254 -13.79 -19.51 -19.47
N THR A 255 -12.96 -20.40 -18.94
CA THR A 255 -11.90 -20.05 -18.01
C THR A 255 -10.60 -20.72 -18.44
N GLY A 256 -9.51 -19.97 -18.47
CA GLY A 256 -8.24 -20.54 -18.85
C GLY A 256 -7.08 -19.58 -18.75
N LYS A 257 -6.13 -19.70 -19.67
CA LYS A 257 -4.97 -18.81 -19.74
C LYS A 257 -5.11 -17.94 -20.98
N SER A 258 -5.49 -16.68 -20.77
CA SER A 258 -5.65 -15.69 -21.83
C SER A 258 -5.51 -14.31 -21.22
N SER A 259 -5.09 -13.36 -22.04
CA SER A 259 -4.87 -11.99 -21.59
C SER A 259 -4.83 -11.08 -22.80
N ILE A 260 -4.45 -9.82 -22.56
CA ILE A 260 -4.42 -8.80 -23.61
C ILE A 260 -3.20 -7.93 -23.37
N MET A 261 -2.66 -7.38 -24.46
CA MET A 261 -1.41 -6.62 -24.40
C MET A 261 -1.39 -5.61 -25.52
N ARG A 262 -1.06 -4.36 -25.18
CA ARG A 262 -0.93 -3.28 -26.16
C ARG A 262 0.50 -3.24 -26.68
N SER A 263 0.65 -3.40 -27.99
CA SER A 263 1.99 -3.43 -28.58
C SER A 263 1.87 -3.11 -30.05
N ASP A 264 2.88 -2.47 -30.59
CA ASP A 264 2.91 -2.13 -32.00
C ASP A 264 4.04 -2.85 -32.72
N ALA A 265 4.34 -4.07 -32.31
CA ALA A 265 5.39 -4.88 -32.92
C ALA A 265 4.82 -5.88 -33.92
N PRO A 266 5.52 -6.10 -35.02
CA PRO A 266 5.04 -7.04 -36.03
C PRO A 266 5.11 -8.48 -35.52
N ILE A 267 4.56 -9.38 -36.32
CA ILE A 267 4.45 -10.79 -35.94
C ILE A 267 5.22 -11.64 -36.93
N ASP A 268 6.08 -12.50 -36.41
CA ASP A 268 6.90 -13.42 -37.19
C ASP A 268 6.58 -14.85 -36.75
N THR A 269 7.33 -15.79 -37.29
CA THR A 269 7.08 -17.22 -37.10
C THR A 269 8.21 -17.88 -36.31
N CYS A 270 8.71 -17.17 -35.30
CA CYS A 270 9.77 -17.76 -34.44
C CYS A 270 9.12 -18.47 -33.24
N ILE A 271 9.95 -18.83 -32.27
CA ILE A 271 9.56 -19.54 -31.06
C ILE A 271 10.19 -18.84 -29.86
N SER A 272 9.36 -18.41 -28.92
CA SER A 272 9.81 -17.78 -27.68
C SER A 272 8.71 -17.96 -26.65
N GLU A 273 9.10 -18.05 -25.39
CA GLU A 273 8.12 -18.34 -24.35
C GLU A 273 7.61 -17.12 -23.60
N CYS A 274 8.21 -15.95 -23.76
CA CYS A 274 7.74 -14.76 -23.08
C CYS A 274 7.42 -13.68 -24.11
N ILE A 275 6.40 -12.89 -23.85
CA ILE A 275 5.98 -11.85 -24.77
C ILE A 275 5.74 -10.59 -23.96
N THR A 276 6.43 -9.52 -24.34
CA THR A 276 6.34 -8.17 -23.84
C THR A 276 5.91 -7.23 -24.95
N PRO A 277 5.39 -6.04 -24.61
CA PRO A 277 5.01 -5.08 -25.66
C PRO A 277 6.17 -4.69 -26.56
N ASN A 278 7.40 -5.04 -26.23
CA ASN A 278 8.52 -4.81 -27.12
C ASN A 278 8.81 -5.97 -28.06
N GLY A 279 8.19 -7.12 -27.84
CA GLY A 279 8.53 -8.31 -28.60
C GLY A 279 8.81 -9.48 -27.70
N SER A 280 9.25 -10.56 -28.34
CA SER A 280 9.59 -11.80 -27.64
C SER A 280 10.99 -11.71 -27.08
N ILE A 281 11.18 -12.24 -25.88
CA ILE A 281 12.51 -12.25 -25.29
C ILE A 281 12.90 -13.68 -24.91
N PRO A 282 14.16 -14.08 -25.11
CA PRO A 282 14.59 -15.40 -24.64
C PRO A 282 14.53 -15.49 -23.13
N ASN A 283 14.54 -16.71 -22.62
CA ASN A 283 14.39 -16.93 -21.19
C ASN A 283 15.45 -17.90 -20.69
N ASP A 284 16.70 -17.65 -21.07
CA ASP A 284 17.82 -18.41 -20.56
C ASP A 284 18.43 -17.82 -19.29
N LYS A 285 18.23 -16.54 -19.06
CA LYS A 285 18.74 -15.77 -17.94
C LYS A 285 17.64 -15.55 -16.91
N PRO A 286 18.00 -15.39 -15.63
CA PRO A 286 16.97 -15.27 -14.60
C PRO A 286 16.32 -13.90 -14.54
N PHE A 287 16.98 -12.87 -15.07
CA PHE A 287 16.49 -11.51 -14.93
C PHE A 287 16.38 -10.85 -16.29
N GLN A 288 15.60 -9.77 -16.33
CA GLN A 288 15.31 -9.03 -17.55
C GLN A 288 15.08 -7.58 -17.17
N ASN A 289 15.40 -6.67 -18.08
CA ASN A 289 15.21 -5.25 -17.84
C ASN A 289 14.54 -4.58 -19.02
N VAL A 290 13.42 -5.16 -19.47
CA VAL A 290 12.70 -4.64 -20.64
C VAL A 290 11.33 -4.10 -20.23
N ASN A 291 10.47 -4.93 -19.67
CA ASN A 291 9.16 -4.48 -19.23
C ASN A 291 8.67 -5.29 -18.05
N LYS A 292 7.88 -4.63 -17.20
CA LYS A 292 7.26 -5.28 -16.05
C LYS A 292 5.91 -5.89 -16.39
N ILE A 293 5.44 -5.71 -17.63
CA ILE A 293 4.23 -6.36 -18.13
C ILE A 293 4.70 -7.51 -19.00
N THR A 294 4.30 -8.73 -18.67
CA THR A 294 4.87 -9.90 -19.31
C THR A 294 3.83 -11.01 -19.48
N TYR A 295 4.04 -11.86 -20.49
CA TYR A 295 3.17 -13.01 -20.70
C TYR A 295 4.01 -14.25 -20.99
N GLY A 296 3.69 -15.33 -20.30
CA GLY A 296 4.30 -16.64 -20.43
C GLY A 296 5.22 -16.94 -19.26
N ALA A 297 6.16 -17.86 -19.50
CA ALA A 297 7.16 -18.15 -18.47
C ALA A 297 8.40 -17.28 -18.63
N CYS A 298 8.23 -16.01 -18.22
CA CYS A 298 9.22 -14.92 -18.46
C CYS A 298 10.15 -14.80 -17.25
N PRO A 299 11.26 -14.03 -17.34
CA PRO A 299 12.13 -13.79 -16.18
C PRO A 299 11.66 -12.51 -15.48
N LYS A 300 11.95 -12.37 -14.18
CA LYS A 300 11.45 -11.23 -13.41
C LYS A 300 12.13 -9.90 -13.75
N TYR A 301 11.33 -8.85 -13.65
CA TYR A 301 11.71 -7.47 -13.94
C TYR A 301 12.45 -6.82 -12.79
N VAL A 302 13.69 -6.39 -13.05
CA VAL A 302 14.50 -5.70 -12.07
C VAL A 302 14.73 -4.29 -12.59
N LYS A 303 15.21 -3.42 -11.71
CA LYS A 303 15.48 -2.04 -12.11
C LYS A 303 16.91 -1.85 -12.58
N GLN A 304 17.80 -2.78 -12.26
CA GLN A 304 19.20 -2.70 -12.65
C GLN A 304 19.38 -3.13 -14.09
N ASN A 305 20.37 -2.54 -14.77
CA ASN A 305 20.65 -2.89 -16.19
C ASN A 305 21.70 -4.01 -16.23
N THR A 306 22.93 -3.72 -15.82
CA THR A 306 24.02 -4.73 -15.88
C THR A 306 24.24 -5.35 -14.49
N LEU A 307 23.91 -6.63 -14.35
CA LEU A 307 24.31 -7.44 -13.21
C LEU A 307 25.15 -8.61 -13.69
N LYS A 308 26.42 -8.63 -13.29
CA LYS A 308 27.39 -9.62 -13.75
C LYS A 308 27.69 -10.62 -12.65
N LEU A 309 27.71 -11.90 -13.01
CA LEU A 309 28.01 -12.99 -12.09
C LEU A 309 29.37 -13.56 -12.44
N ALA A 310 30.22 -13.70 -11.44
CA ALA A 310 31.58 -14.18 -11.64
C ALA A 310 31.55 -15.70 -11.80
N THR A 311 32.24 -16.20 -12.83
CA THR A 311 32.39 -17.64 -13.01
C THR A 311 33.87 -18.04 -13.05
N GLY A 312 34.72 -17.28 -12.37
CA GLY A 312 36.14 -17.60 -12.32
C GLY A 312 36.82 -17.01 -11.11
N MET A 313 38.02 -16.47 -11.33
CA MET A 313 38.93 -16.04 -10.27
C MET A 313 39.27 -14.58 -10.50
N ARG A 314 39.97 -13.98 -9.55
CA ARG A 314 40.34 -12.58 -9.70
C ARG A 314 41.30 -12.40 -10.85
N ASN A 315 41.32 -11.17 -11.38
CA ASN A 315 42.17 -10.82 -12.50
C ASN A 315 43.56 -10.37 -12.09
N VAL A 316 43.78 -10.09 -10.81
CA VAL A 316 45.09 -9.62 -10.35
C VAL A 316 45.50 -10.36 -9.09
N PRO A 317 46.79 -10.64 -8.90
CA PRO A 317 47.24 -11.29 -7.66
C PRO A 317 47.12 -10.32 -6.48
N GLU A 318 47.25 -10.90 -5.29
CA GLU A 318 47.21 -10.15 -4.04
C GLU A 318 45.92 -9.35 -3.87
N ASP B 37 -56.64 35.16 -1.65
CA ASP B 37 -56.21 36.20 -2.59
C ASP B 37 -55.27 35.65 -3.65
N LEU B 38 -55.53 36.02 -4.90
CA LEU B 38 -54.67 35.57 -5.99
C LEU B 38 -53.27 36.14 -5.85
N LYS B 39 -53.13 37.31 -5.23
CA LYS B 39 -51.81 37.88 -5.01
C LYS B 39 -51.02 37.03 -4.02
N SER B 40 -51.68 36.54 -2.98
CA SER B 40 -51.01 35.66 -2.03
C SER B 40 -50.57 34.37 -2.70
N THR B 41 -51.43 33.81 -3.56
CA THR B 41 -51.07 32.61 -4.30
C THR B 41 -49.88 32.87 -5.22
N GLN B 42 -49.85 34.04 -5.86
CA GLN B 42 -48.74 34.37 -6.74
C GLN B 42 -47.45 34.55 -5.95
N ALA B 43 -47.54 35.16 -4.76
CA ALA B 43 -46.37 35.28 -3.91
C ALA B 43 -45.88 33.92 -3.47
N ALA B 44 -46.80 33.01 -3.15
CA ALA B 44 -46.43 31.64 -2.82
C ALA B 44 -45.73 30.98 -4.00
N ILE B 45 -46.24 31.19 -5.21
CA ILE B 45 -45.60 30.66 -6.41
C ILE B 45 -44.18 31.20 -6.53
N ASP B 46 -44.02 32.51 -6.32
CA ASP B 46 -42.71 33.13 -6.42
C ASP B 46 -41.74 32.53 -5.41
N GLN B 47 -42.18 32.37 -4.17
CA GLN B 47 -41.26 31.90 -3.13
C GLN B 47 -40.95 30.42 -3.31
N ILE B 48 -41.92 29.62 -3.75
CA ILE B 48 -41.60 28.22 -4.00
C ILE B 48 -40.69 28.10 -5.20
N ASN B 49 -40.83 28.96 -6.19
CA ASN B 49 -39.91 28.95 -7.32
C ASN B 49 -38.51 29.36 -6.87
N GLY B 50 -38.44 30.33 -5.96
CA GLY B 50 -37.15 30.70 -5.40
C GLY B 50 -36.49 29.54 -4.67
N LYS B 51 -37.26 28.86 -3.82
CA LYS B 51 -36.73 27.70 -3.12
C LYS B 51 -36.33 26.60 -4.10
N LEU B 52 -37.09 26.47 -5.19
CA LEU B 52 -36.77 25.49 -6.22
C LEU B 52 -35.42 25.80 -6.85
N ASN B 53 -35.23 27.04 -7.27
CA ASN B 53 -33.94 27.43 -7.83
C ASN B 53 -32.83 27.25 -6.82
N ARG B 54 -33.11 27.57 -5.55
CA ARG B 54 -32.11 27.40 -4.49
C ARG B 54 -31.67 25.95 -4.39
N VAL B 55 -32.62 25.04 -4.25
CA VAL B 55 -32.25 23.64 -4.08
C VAL B 55 -31.61 23.11 -5.35
N ILE B 56 -32.02 23.61 -6.51
CA ILE B 56 -31.40 23.19 -7.76
C ILE B 56 -29.92 23.53 -7.77
N GLU B 57 -29.62 24.82 -7.57
CA GLU B 57 -28.22 25.24 -7.62
C GLU B 57 -27.41 24.59 -6.50
N LYS B 58 -28.03 24.42 -5.33
CA LYS B 58 -27.33 23.79 -4.22
C LYS B 58 -26.97 22.35 -4.55
N THR B 59 -27.93 21.58 -5.05
CA THR B 59 -27.64 20.21 -5.46
C THR B 59 -26.58 20.18 -6.54
N ASN B 60 -26.63 21.13 -7.47
CA ASN B 60 -25.66 21.16 -8.56
C ASN B 60 -24.25 21.36 -8.00
N GLU B 61 -24.07 22.37 -7.17
CA GLU B 61 -22.74 22.64 -6.64
C GLU B 61 -22.27 21.52 -5.72
N LYS B 62 -23.18 20.91 -4.97
CA LYS B 62 -22.79 19.79 -4.13
C LYS B 62 -22.31 18.62 -4.97
N PHE B 63 -23.01 18.34 -6.08
CA PHE B 63 -22.59 17.27 -6.97
C PHE B 63 -21.24 17.58 -7.60
N HIS B 64 -21.01 18.85 -7.95
CA HIS B 64 -19.71 19.24 -8.48
C HIS B 64 -18.62 18.98 -7.46
N GLN B 65 -18.85 19.40 -6.21
CA GLN B 65 -17.89 19.13 -5.15
C GLN B 65 -17.65 17.64 -5.02
N ILE B 66 -18.72 16.85 -5.07
CA ILE B 66 -18.61 15.41 -4.88
C ILE B 66 -17.78 14.77 -5.98
N GLU B 67 -18.02 15.18 -7.23
CA GLU B 67 -17.24 14.59 -8.33
C GLU B 67 -15.78 15.02 -8.25
N LYS B 68 -15.53 16.25 -7.79
CA LYS B 68 -14.16 16.69 -7.60
C LYS B 68 -13.48 15.83 -6.55
N GLU B 69 -14.19 15.58 -5.45
CA GLU B 69 -13.62 14.78 -4.39
C GLU B 69 -13.38 13.35 -4.88
N PHE B 70 -14.29 12.84 -5.70
CA PHE B 70 -14.12 11.52 -6.29
C PHE B 70 -12.84 11.45 -7.11
N SER B 71 -12.63 12.46 -7.95
CA SER B 71 -11.43 12.50 -8.79
C SER B 71 -10.17 12.57 -7.95
N GLU B 72 -10.18 13.39 -6.91
CA GLU B 72 -8.96 13.51 -6.11
C GLU B 72 -8.68 12.24 -5.33
N VAL B 73 -9.72 11.55 -4.86
CA VAL B 73 -9.51 10.29 -4.17
C VAL B 73 -8.99 9.24 -5.14
N GLU B 74 -9.51 9.23 -6.37
CA GLU B 74 -9.01 8.33 -7.39
C GLU B 74 -7.54 8.57 -7.64
N GLY B 75 -7.14 9.83 -7.78
CA GLY B 75 -5.73 10.14 -7.98
C GLY B 75 -4.87 9.74 -6.80
N ARG B 76 -5.39 9.90 -5.58
CA ARG B 76 -4.65 9.48 -4.41
C ARG B 76 -4.41 7.98 -4.44
N ILE B 77 -5.44 7.21 -4.76
CA ILE B 77 -5.28 5.76 -4.85
C ILE B 77 -4.29 5.41 -5.96
N GLN B 78 -4.33 6.17 -7.06
CA GLN B 78 -3.41 5.92 -8.15
C GLN B 78 -1.96 6.09 -7.71
N ASP B 79 -1.65 7.22 -7.07
CA ASP B 79 -0.27 7.44 -6.65
C ASP B 79 0.12 6.46 -5.54
N LEU B 80 -0.84 6.03 -4.73
CA LEU B 80 -0.53 5.01 -3.74
C LEU B 80 -0.14 3.70 -4.41
N GLU B 81 -0.89 3.31 -5.45
CA GLU B 81 -0.52 2.13 -6.21
C GLU B 81 0.88 2.28 -6.80
N LYS B 82 1.17 3.46 -7.36
CA LYS B 82 2.49 3.70 -7.92
C LYS B 82 3.58 3.55 -6.87
N TYR B 83 3.34 4.09 -5.68
CA TYR B 83 4.32 3.98 -4.60
C TYR B 83 4.52 2.53 -4.19
N VAL B 84 3.43 1.77 -4.12
CA VAL B 84 3.54 0.35 -3.76
C VAL B 84 4.36 -0.40 -4.79
N GLU B 85 4.08 -0.15 -6.07
CA GLU B 85 4.82 -0.82 -7.13
C GLU B 85 6.28 -0.45 -7.10
N ASP B 86 6.58 0.83 -6.89
CA ASP B 86 7.97 1.27 -6.83
C ASP B 86 8.69 0.60 -5.66
N THR B 87 8.03 0.52 -4.51
CA THR B 87 8.64 -0.12 -3.35
C THR B 87 8.92 -1.59 -3.64
N LYS B 88 7.95 -2.29 -4.23
CA LYS B 88 8.16 -3.70 -4.53
C LYS B 88 9.31 -3.90 -5.50
N ILE B 89 9.39 -3.05 -6.53
CA ILE B 89 10.44 -3.16 -7.51
C ILE B 89 11.81 -2.94 -6.86
N ASP B 90 11.91 -1.88 -6.05
CA ASP B 90 13.18 -1.60 -5.38
C ASP B 90 13.59 -2.75 -4.50
N LEU B 91 12.65 -3.29 -3.72
CA LEU B 91 13.00 -4.35 -2.80
C LEU B 91 13.44 -5.61 -3.53
N TRP B 92 12.73 -5.98 -4.58
CA TRP B 92 13.10 -7.19 -5.32
C TRP B 92 14.44 -7.00 -6.01
N SER B 93 14.69 -5.81 -6.56
CA SER B 93 15.97 -5.54 -7.20
C SER B 93 17.10 -5.63 -6.20
N TYR B 94 16.91 -5.05 -5.01
CA TYR B 94 17.95 -5.13 -4.00
C TYR B 94 18.17 -6.57 -3.55
N ASN B 95 17.09 -7.35 -3.47
CA ASN B 95 17.24 -8.75 -3.15
C ASN B 95 18.09 -9.46 -4.19
N ALA B 96 17.83 -9.20 -5.46
CA ALA B 96 18.63 -9.82 -6.51
C ALA B 96 20.09 -9.39 -6.43
N GLU B 97 20.30 -8.10 -6.14
CA GLU B 97 21.68 -7.54 -6.03
C GLU B 97 22.42 -8.23 -4.89
N LEU B 98 21.77 -8.37 -3.74
CA LEU B 98 22.38 -9.04 -2.59
C LEU B 98 22.63 -10.51 -2.88
N LEU B 99 21.70 -11.15 -3.58
CA LEU B 99 21.85 -12.56 -3.92
C LEU B 99 23.09 -12.76 -4.80
N VAL B 100 23.20 -12.00 -5.87
CA VAL B 100 24.34 -12.17 -6.76
C VAL B 100 25.62 -11.77 -6.06
N ALA B 101 25.56 -10.81 -5.13
CA ALA B 101 26.73 -10.44 -4.38
C ALA B 101 27.20 -11.58 -3.49
N LEU B 102 26.27 -12.23 -2.81
CA LEU B 102 26.63 -13.38 -1.97
C LEU B 102 27.23 -14.49 -2.82
N GLU B 103 26.64 -14.74 -3.99
CA GLU B 103 27.16 -15.78 -4.86
C GLU B 103 28.57 -15.45 -5.32
N ASN B 104 28.79 -14.19 -5.72
CA ASN B 104 30.13 -13.77 -6.14
C ASN B 104 31.12 -13.93 -5.01
N GLN B 105 30.74 -13.54 -3.80
CA GLN B 105 31.64 -13.66 -2.66
C GLN B 105 32.02 -15.11 -2.43
N HIS B 106 31.02 -16.01 -2.45
CA HIS B 106 31.30 -17.42 -2.24
C HIS B 106 32.24 -17.96 -3.32
N THR B 107 31.96 -17.63 -4.58
CA THR B 107 32.79 -18.12 -5.67
C THR B 107 34.23 -17.62 -5.55
N ILE B 108 34.40 -16.33 -5.31
CA ILE B 108 35.74 -15.76 -5.20
C ILE B 108 36.48 -16.39 -4.03
N ASP B 109 35.78 -16.56 -2.91
CA ASP B 109 36.42 -17.15 -1.73
C ASP B 109 36.90 -18.56 -2.02
N LEU B 110 36.03 -19.39 -2.59
CA LEU B 110 36.44 -20.77 -2.85
C LEU B 110 37.60 -20.82 -3.85
N THR B 111 37.54 -20.01 -4.92
CA THR B 111 38.56 -20.13 -5.94
C THR B 111 39.91 -19.62 -5.44
N ASP B 112 39.92 -18.49 -4.72
CA ASP B 112 41.21 -17.98 -4.27
C ASP B 112 41.76 -18.81 -3.13
N SER B 113 40.89 -19.43 -2.33
CA SER B 113 41.37 -20.33 -1.30
C SER B 113 42.05 -21.55 -1.90
N GLU B 114 41.40 -22.18 -2.88
CA GLU B 114 42.05 -23.34 -3.52
C GLU B 114 43.29 -22.92 -4.30
N MET B 115 43.30 -21.70 -4.83
CA MET B 115 44.50 -21.21 -5.51
C MET B 115 45.65 -21.07 -4.53
N ASN B 116 45.39 -20.49 -3.36
CA ASN B 116 46.43 -20.40 -2.34
C ASN B 116 46.88 -21.78 -1.88
N LYS B 117 45.93 -22.72 -1.82
CA LYS B 117 46.28 -24.09 -1.44
C LYS B 117 47.27 -24.70 -2.43
N LEU B 118 46.93 -24.66 -3.72
CA LEU B 118 47.83 -25.23 -4.71
C LEU B 118 49.14 -24.48 -4.78
N PHE B 119 49.12 -23.16 -4.56
CA PHE B 119 50.35 -22.40 -4.55
C PHE B 119 51.25 -22.80 -3.40
N GLU B 120 50.67 -23.05 -2.22
CA GLU B 120 51.46 -23.55 -1.11
C GLU B 120 51.98 -24.96 -1.40
N LYS B 121 51.19 -25.77 -2.09
CA LYS B 121 51.66 -27.10 -2.48
C LYS B 121 52.89 -27.00 -3.38
N THR B 122 52.82 -26.14 -4.39
CA THR B 122 53.96 -25.92 -5.28
C THR B 122 55.16 -25.41 -4.50
N ARG B 123 54.95 -24.40 -3.65
CA ARG B 123 56.03 -23.87 -2.82
C ARG B 123 56.66 -24.95 -1.96
N ARG B 124 55.86 -25.91 -1.51
CA ARG B 124 56.42 -27.04 -0.77
C ARG B 124 57.28 -27.90 -1.68
N GLN B 125 56.75 -28.29 -2.84
CA GLN B 125 57.54 -29.10 -3.77
C GLN B 125 58.64 -28.29 -4.43
N LEU B 126 58.49 -26.96 -4.52
CA LEU B 126 59.53 -26.08 -5.02
C LEU B 126 60.22 -25.44 -3.82
N ARG B 127 61.18 -26.17 -3.26
CA ARG B 127 61.82 -25.74 -2.03
C ARG B 127 63.06 -24.87 -2.28
N GLU B 128 64.06 -25.42 -2.97
CA GLU B 128 65.34 -24.75 -3.14
C GLU B 128 65.82 -24.83 -4.59
N ASN B 129 64.92 -24.59 -5.54
CA ASN B 129 65.29 -24.44 -6.94
C ASN B 129 64.91 -23.08 -7.49
N ALA B 130 63.68 -22.63 -7.28
CA ALA B 130 63.20 -21.32 -7.70
C ALA B 130 62.77 -20.54 -6.46
N GLU B 131 62.39 -19.28 -6.66
CA GLU B 131 61.94 -18.44 -5.55
C GLU B 131 60.79 -17.56 -5.99
N GLU B 132 59.78 -17.45 -5.13
CA GLU B 132 58.63 -16.61 -5.44
C GLU B 132 59.03 -15.14 -5.44
N MET B 133 58.46 -14.38 -6.38
CA MET B 133 58.79 -12.97 -6.52
C MET B 133 57.93 -12.07 -5.66
N GLY B 134 56.76 -12.53 -5.22
CA GLY B 134 55.90 -11.72 -4.37
C GLY B 134 54.47 -11.66 -4.86
N ASN B 135 54.23 -12.08 -6.09
CA ASN B 135 52.89 -12.10 -6.68
C ASN B 135 52.40 -13.52 -6.91
N GLY B 136 52.88 -14.47 -6.11
CA GLY B 136 52.49 -15.85 -6.27
C GLY B 136 53.12 -16.52 -7.47
N CYS B 137 54.26 -16.03 -7.94
CA CYS B 137 54.93 -16.56 -9.11
C CYS B 137 56.38 -16.85 -8.77
N PHE B 138 56.87 -17.99 -9.24
CA PHE B 138 58.22 -18.45 -8.94
C PHE B 138 59.15 -18.12 -10.11
N LYS B 139 60.16 -17.29 -9.83
CA LYS B 139 61.27 -17.08 -10.75
C LYS B 139 62.23 -18.24 -10.61
N ILE B 140 62.51 -18.92 -11.73
CA ILE B 140 63.38 -20.09 -11.75
C ILE B 140 64.79 -19.62 -12.10
N TYR B 141 65.76 -20.11 -11.33
CA TYR B 141 67.16 -19.72 -11.53
C TYR B 141 67.88 -20.58 -12.54
N HIS B 142 67.44 -21.81 -12.75
CA HIS B 142 68.06 -22.73 -13.69
C HIS B 142 67.12 -23.02 -14.86
N LYS B 143 67.65 -23.71 -15.86
CA LYS B 143 66.91 -24.08 -17.05
C LYS B 143 66.62 -25.57 -17.04
N CYS B 144 65.39 -25.93 -17.41
CA CYS B 144 65.00 -27.33 -17.49
C CYS B 144 64.02 -27.50 -18.63
N ASP B 145 64.09 -28.65 -19.30
CA ASP B 145 63.21 -28.93 -20.41
C ASP B 145 61.76 -29.08 -19.92
N ASN B 146 60.85 -29.16 -20.88
CA ASN B 146 59.42 -29.24 -20.56
C ASN B 146 59.09 -30.43 -19.67
N ALA B 147 59.98 -31.44 -19.61
CA ALA B 147 59.77 -32.54 -18.67
C ALA B 147 59.72 -32.04 -17.24
N CYS B 148 60.51 -31.02 -16.91
CA CYS B 148 60.46 -30.48 -15.55
C CYS B 148 59.12 -29.81 -15.28
N ILE B 149 58.60 -29.06 -16.26
CA ILE B 149 57.30 -28.42 -16.10
C ILE B 149 56.21 -29.47 -15.95
N GLU B 150 56.31 -30.56 -16.70
CA GLU B 150 55.36 -31.66 -16.56
C GLU B 150 55.43 -32.26 -15.16
N SER B 151 56.66 -32.49 -14.67
CA SER B 151 56.83 -33.05 -13.34
C SER B 151 56.29 -32.11 -12.27
N ILE B 152 56.38 -30.80 -12.49
CA ILE B 152 55.78 -29.84 -11.57
C ILE B 152 54.26 -29.95 -11.62
N ARG B 153 53.70 -30.04 -12.83
CA ARG B 153 52.24 -30.05 -12.96
C ARG B 153 51.61 -31.34 -12.46
N ASN B 154 52.40 -32.41 -12.33
CA ASN B 154 51.88 -33.67 -11.79
C ASN B 154 52.32 -33.91 -10.35
N GLY B 155 53.04 -32.97 -9.74
CA GLY B 155 53.40 -33.08 -8.34
C GLY B 155 54.47 -34.09 -8.01
N THR B 156 55.16 -34.63 -9.00
CA THR B 156 56.24 -35.59 -8.80
C THR B 156 57.53 -34.93 -9.24
N TYR B 157 58.21 -34.26 -8.31
CA TYR B 157 59.40 -33.49 -8.64
C TYR B 157 60.47 -33.65 -7.57
N ASP B 158 61.72 -33.70 -8.03
CA ASP B 158 62.90 -33.75 -7.17
C ASP B 158 63.73 -32.51 -7.46
N HIS B 159 63.75 -31.57 -6.51
CA HIS B 159 64.49 -30.32 -6.67
C HIS B 159 65.95 -30.45 -6.27
N ASP B 160 66.48 -31.68 -6.25
CA ASP B 160 67.88 -31.92 -5.93
C ASP B 160 68.74 -32.03 -7.17
N VAL B 161 68.20 -32.50 -8.29
CA VAL B 161 69.01 -32.62 -9.51
C VAL B 161 69.49 -31.25 -9.98
N TYR B 162 68.72 -30.21 -9.70
CA TYR B 162 69.03 -28.85 -10.13
C TYR B 162 69.24 -27.90 -8.96
N ARG B 163 69.28 -28.40 -7.72
CA ARG B 163 69.51 -27.51 -6.58
C ARG B 163 70.91 -26.92 -6.64
N ASP B 164 71.87 -27.68 -7.15
CA ASP B 164 73.24 -27.20 -7.26
C ASP B 164 73.32 -26.00 -8.19
N GLU B 165 72.76 -26.13 -9.40
CA GLU B 165 72.79 -24.99 -10.33
C GLU B 165 71.86 -23.87 -9.87
N ALA B 166 70.81 -24.21 -9.11
CA ALA B 166 69.93 -23.18 -8.57
C ALA B 166 70.67 -22.32 -7.55
N LEU B 167 71.47 -22.94 -6.68
CA LEU B 167 72.28 -22.17 -5.75
C LEU B 167 73.41 -21.48 -6.49
N ASN B 168 73.87 -22.06 -7.60
CA ASN B 168 74.92 -21.46 -8.40
C ASN B 168 74.41 -20.29 -9.23
N ASN B 169 73.11 -20.23 -9.52
CA ASN B 169 72.54 -19.15 -10.30
C ASN B 169 71.85 -18.13 -9.40
N CYS C 7 51.39 -12.06 23.56
CA CYS C 7 50.76 -13.36 23.73
C CYS C 7 50.04 -13.81 22.44
N LEU C 8 48.71 -13.94 22.52
CA LEU C 8 47.94 -14.51 21.42
C LEU C 8 47.55 -13.49 20.36
N GLY C 9 47.58 -12.21 20.68
CA GLY C 9 47.26 -11.19 19.70
C GLY C 9 46.36 -10.09 20.21
N HIS C 10 45.45 -10.42 21.12
CA HIS C 10 44.58 -9.43 21.73
C HIS C 10 44.69 -9.55 23.25
N HIS C 11 44.72 -8.40 23.93
CA HIS C 11 45.01 -8.35 25.35
C HIS C 11 43.75 -8.24 26.20
N ALA C 12 42.59 -8.55 25.64
CA ALA C 12 41.33 -8.56 26.37
C ALA C 12 41.07 -7.19 27.01
N VAL C 13 40.85 -6.21 26.12
CA VAL C 13 40.59 -4.82 26.48
C VAL C 13 39.54 -4.75 27.60
N PRO C 14 39.66 -3.81 28.53
CA PRO C 14 38.70 -3.76 29.64
C PRO C 14 37.29 -3.40 29.19
N ASN C 15 37.16 -2.65 28.10
CA ASN C 15 35.85 -2.25 27.58
C ASN C 15 35.46 -3.21 26.47
N GLY C 16 34.42 -4.00 26.72
CA GLY C 16 33.94 -4.93 25.72
C GLY C 16 33.13 -4.24 24.63
N THR C 17 33.12 -4.86 23.45
CA THR C 17 32.40 -4.33 22.30
C THR C 17 31.47 -5.42 21.77
N LEU C 18 30.19 -5.29 22.11
CA LEU C 18 29.17 -6.23 21.68
C LEU C 18 28.75 -5.94 20.24
N VAL C 19 28.75 -6.97 19.42
CA VAL C 19 28.44 -6.85 17.99
C VAL C 19 27.42 -7.91 17.63
N LYS C 20 26.52 -7.54 16.71
CA LYS C 20 25.42 -8.43 16.25
C LYS C 20 25.89 -9.24 15.04
N THR C 21 25.68 -10.56 15.09
CA THR C 21 26.05 -11.46 14.00
C THR C 21 24.82 -12.19 13.50
N ILE C 22 25.00 -13.14 12.60
CA ILE C 22 23.91 -13.97 12.11
C ILE C 22 24.03 -15.41 12.60
N THR C 23 25.24 -15.89 12.88
CA THR C 23 25.40 -17.20 13.48
C THR C 23 25.02 -17.15 14.96
N ASP C 24 25.71 -16.33 15.74
CA ASP C 24 25.29 -16.04 17.10
C ASP C 24 24.37 -14.82 17.10
N ASP C 25 24.08 -14.28 18.27
CA ASP C 25 23.28 -13.06 18.37
C ASP C 25 24.12 -11.83 18.70
N GLN C 26 24.86 -11.88 19.80
CA GLN C 26 25.70 -10.75 20.22
C GLN C 26 26.96 -11.30 20.87
N ILE C 27 28.11 -10.98 20.28
CA ILE C 27 29.38 -11.49 20.78
C ILE C 27 30.31 -10.31 21.06
N GLU C 28 31.44 -10.61 21.69
CA GLU C 28 32.40 -9.61 22.14
C GLU C 28 33.60 -9.62 21.21
N VAL C 29 33.97 -8.45 20.71
CA VAL C 29 35.15 -8.29 19.87
C VAL C 29 36.01 -7.18 20.44
N THR C 30 37.25 -7.12 19.96
CA THR C 30 38.19 -6.12 20.46
C THR C 30 37.73 -4.70 20.13
N ASN C 31 37.66 -4.37 18.85
CA ASN C 31 37.35 -3.01 18.42
C ASN C 31 36.07 -3.00 17.60
N ALA C 32 35.33 -1.89 17.68
CA ALA C 32 34.11 -1.75 16.90
C ALA C 32 33.84 -0.27 16.63
N THR C 33 33.08 -0.02 15.57
CA THR C 33 32.71 1.32 15.16
C THR C 33 31.19 1.45 15.03
N GLU C 34 30.68 2.66 15.23
CA GLU C 34 29.26 2.89 15.18
C GLU C 34 28.88 3.26 13.75
N LEU C 35 27.73 2.78 13.31
CA LEU C 35 27.30 2.97 11.92
C LEU C 35 26.05 3.83 11.81
N VAL C 36 25.64 4.51 12.88
CA VAL C 36 24.39 5.25 12.88
C VAL C 36 24.61 6.54 13.65
N GLN C 37 24.46 7.67 12.97
CA GLN C 37 24.58 8.97 13.60
C GLN C 37 23.22 9.29 14.23
N SER C 38 23.18 9.44 15.55
CA SER C 38 21.90 9.51 16.25
C SER C 38 21.77 10.77 17.10
N SER C 39 22.61 11.77 16.87
CA SER C 39 22.53 13.02 17.60
C SER C 39 22.59 14.19 16.63
N SER C 40 22.02 15.31 17.05
CA SER C 40 21.99 16.52 16.25
C SER C 40 22.57 17.68 17.04
N THR C 41 23.05 18.68 16.30
CA THR C 41 23.66 19.85 16.92
C THR C 41 22.63 20.79 17.51
N GLY C 42 21.45 20.90 16.90
CA GLY C 42 20.41 21.76 17.41
C GLY C 42 20.16 23.00 16.59
N LYS C 43 21.05 23.26 15.63
CA LYS C 43 20.99 24.49 14.80
C LYS C 43 20.84 24.09 13.33
N ILE C 44 20.28 25.00 12.52
CA ILE C 44 20.13 24.82 11.09
C ILE C 44 21.18 25.69 10.41
N CYS C 45 22.18 25.02 9.81
CA CYS C 45 23.20 25.67 8.95
C CYS C 45 22.51 26.52 7.89
N ASN C 46 23.11 27.65 7.52
CA ASN C 46 22.64 28.37 6.35
C ASN C 46 23.68 28.34 5.23
N ASN C 47 24.42 27.25 5.11
CA ASN C 47 25.40 27.10 4.05
C ASN C 47 25.55 25.63 3.74
N PRO C 48 25.66 25.25 2.46
CA PRO C 48 25.64 26.15 1.30
C PRO C 48 24.24 26.32 0.72
N HIS C 49 23.23 25.90 1.47
CA HIS C 49 21.86 26.08 1.06
C HIS C 49 21.36 27.47 1.43
N ARG C 50 20.32 27.91 0.72
CA ARG C 50 19.69 29.21 0.93
C ARG C 50 18.42 29.00 1.74
N ILE C 51 18.50 29.31 3.03
CA ILE C 51 17.39 29.08 3.95
C ILE C 51 16.62 30.38 4.13
N LEU C 52 15.30 30.29 4.10
CA LEU C 52 14.43 31.42 4.35
C LEU C 52 13.62 31.15 5.60
N ASP C 53 13.64 32.08 6.54
CA ASP C 53 12.99 31.88 7.84
C ASP C 53 11.63 32.57 7.84
N GLY C 54 10.57 31.78 7.74
CA GLY C 54 9.22 32.29 7.79
C GLY C 54 8.79 32.50 9.22
N ILE C 55 9.23 33.61 9.82
CA ILE C 55 9.14 33.80 11.26
C ILE C 55 7.71 33.68 11.75
N ASP C 56 6.83 34.58 11.33
CA ASP C 56 5.45 34.55 11.82
C ASP C 56 4.44 34.39 10.69
N CYS C 57 4.91 33.97 9.51
CA CYS C 57 4.09 33.81 8.32
C CYS C 57 4.33 32.44 7.72
N THR C 58 3.27 31.87 7.17
CA THR C 58 3.34 30.67 6.36
C THR C 58 3.66 31.07 4.92
N LEU C 59 3.70 30.07 4.03
CA LEU C 59 3.99 30.36 2.64
C LEU C 59 2.82 31.05 1.96
N ILE C 60 1.60 30.65 2.29
CA ILE C 60 0.43 31.20 1.62
C ILE C 60 0.21 32.65 2.03
N ASP C 61 0.48 32.98 3.31
CA ASP C 61 0.33 34.38 3.73
C ASP C 61 1.40 35.27 3.12
N ALA C 62 2.62 34.76 2.96
CA ALA C 62 3.66 35.51 2.28
C ALA C 62 3.40 35.61 0.78
N LEU C 63 2.63 34.67 0.24
CA LEU C 63 2.21 34.70 -1.16
C LEU C 63 1.11 35.75 -1.39
N LEU C 64 0.11 35.75 -0.53
CA LEU C 64 -1.05 36.63 -0.72
C LEU C 64 -0.69 38.09 -0.47
N GLY C 65 0.26 38.35 0.41
CA GLY C 65 0.63 39.72 0.70
C GLY C 65 0.08 40.18 2.03
N ASP C 66 0.19 39.32 3.05
CA ASP C 66 -0.23 39.71 4.39
C ASP C 66 0.55 40.96 4.80
N PRO C 67 -0.09 41.90 5.50
CA PRO C 67 0.60 43.17 5.80
C PRO C 67 1.79 43.04 6.75
N HIS C 68 1.89 41.98 7.56
CA HIS C 68 3.08 41.83 8.39
C HIS C 68 4.15 40.89 7.82
N CYS C 69 4.02 40.48 6.55
CA CYS C 69 5.19 39.82 5.91
C CYS C 69 5.40 40.37 4.51
N ASP C 70 5.14 41.67 4.40
CA ASP C 70 5.37 42.42 3.17
C ASP C 70 6.86 42.59 2.90
N VAL C 71 7.70 42.23 3.88
CA VAL C 71 9.14 42.16 3.67
C VAL C 71 9.55 40.93 2.87
N PHE C 72 8.64 39.98 2.66
CA PHE C 72 8.94 38.75 1.93
C PHE C 72 8.53 38.82 0.46
N GLN C 73 8.55 40.01 -0.13
CA GLN C 73 8.25 40.15 -1.56
C GLN C 73 9.48 39.76 -2.37
N ASN C 74 9.26 38.91 -3.38
CA ASN C 74 10.33 38.41 -4.24
C ASN C 74 11.43 37.75 -3.42
N GLU C 75 11.04 36.96 -2.44
CA GLU C 75 11.98 36.14 -1.69
C GLU C 75 12.33 34.90 -2.50
N THR C 76 13.62 34.62 -2.61
CA THR C 76 14.11 33.41 -3.26
C THR C 76 14.71 32.49 -2.21
N TRP C 77 14.19 31.27 -2.11
CA TRP C 77 14.63 30.32 -1.09
C TRP C 77 15.16 29.08 -1.78
N ASP C 78 16.04 28.36 -1.07
CA ASP C 78 16.33 26.97 -1.41
C ASP C 78 15.66 25.98 -0.47
N LEU C 79 15.42 26.38 0.78
CA LEU C 79 14.61 25.61 1.70
C LEU C 79 13.87 26.55 2.63
N PHE C 80 12.54 26.50 2.60
CA PHE C 80 11.71 27.30 3.48
C PHE C 80 11.51 26.59 4.81
N VAL C 81 11.73 27.32 5.89
CA VAL C 81 11.57 26.82 7.25
C VAL C 81 10.33 27.48 7.82
N GLU C 82 9.36 26.67 8.22
CA GLU C 82 8.10 27.16 8.73
C GLU C 82 8.05 26.97 10.24
N ARG C 83 7.78 28.07 10.95
CA ARG C 83 7.66 28.01 12.40
C ARG C 83 6.21 27.78 12.80
N SER C 84 6.02 27.37 14.06
CA SER C 84 4.69 27.10 14.60
C SER C 84 4.01 28.33 15.18
N LYS C 85 4.76 29.39 15.46
CA LYS C 85 4.19 30.64 15.96
C LYS C 85 3.59 31.53 14.88
N ALA C 86 3.36 31.01 13.68
CA ALA C 86 2.85 31.82 12.59
C ALA C 86 1.34 32.02 12.75
N PHE C 87 0.87 33.19 12.30
CA PHE C 87 -0.55 33.52 12.37
C PHE C 87 -0.89 34.45 11.23
N SER C 88 -2.19 34.67 11.05
CA SER C 88 -2.70 35.56 10.02
C SER C 88 -3.41 36.74 10.67
N ASN C 89 -3.26 37.92 10.06
CA ASN C 89 -3.81 39.16 10.60
C ASN C 89 -4.42 39.98 9.47
N CYS C 90 -5.20 39.33 8.63
CA CYS C 90 -5.88 39.99 7.52
C CYS C 90 -7.28 39.40 7.40
N TYR C 91 -7.92 39.66 6.27
CA TYR C 91 -9.26 39.14 6.02
C TYR C 91 -9.27 37.62 6.14
N PRO C 92 -10.20 37.04 6.90
CA PRO C 92 -10.24 35.59 7.03
C PRO C 92 -10.55 34.93 5.69
N TYR C 93 -9.78 33.89 5.36
CA TYR C 93 -9.85 33.27 4.06
C TYR C 93 -9.84 31.75 4.22
N ASP C 94 -9.86 31.07 3.08
CA ASP C 94 -9.97 29.62 3.04
C ASP C 94 -9.44 29.16 1.68
N VAL C 95 -8.71 28.04 1.68
CA VAL C 95 -8.14 27.51 0.45
C VAL C 95 -8.59 26.06 0.24
N PRO C 96 -9.39 25.79 -0.78
CA PRO C 96 -9.64 24.40 -1.18
C PRO C 96 -8.39 23.80 -1.81
N ASP C 97 -8.06 22.58 -1.37
CA ASP C 97 -6.82 21.89 -1.74
C ASP C 97 -5.62 22.71 -1.27
N TYR C 98 -5.57 22.92 0.05
CA TYR C 98 -4.50 23.74 0.61
C TYR C 98 -3.15 23.06 0.51
N ALA C 99 -3.08 21.76 0.79
CA ALA C 99 -1.79 21.06 0.77
C ALA C 99 -1.22 21.01 -0.64
N SER C 100 -2.08 20.86 -1.64
CA SER C 100 -1.62 20.80 -3.02
C SER C 100 -0.95 22.11 -3.42
N LEU C 101 -1.61 23.23 -3.09
CA LEU C 101 -1.05 24.53 -3.43
C LEU C 101 0.20 24.81 -2.62
N ARG C 102 0.21 24.40 -1.35
CA ARG C 102 1.39 24.61 -0.52
C ARG C 102 2.59 23.86 -1.07
N SER C 103 2.39 22.64 -1.54
CA SER C 103 3.50 21.88 -2.10
C SER C 103 3.88 22.37 -3.49
N LEU C 104 2.92 22.95 -4.21
CA LEU C 104 3.21 23.51 -5.54
C LEU C 104 4.03 24.78 -5.43
N VAL C 105 3.73 25.62 -4.43
CA VAL C 105 4.47 26.86 -4.30
C VAL C 105 5.80 26.59 -3.59
N ALA C 106 5.82 25.59 -2.72
CA ALA C 106 7.05 25.24 -2.03
C ALA C 106 8.08 24.71 -3.03
N SER C 107 7.63 23.89 -3.98
CA SER C 107 8.51 23.29 -4.97
C SER C 107 8.84 24.21 -6.13
N SER C 108 8.26 25.41 -6.17
CA SER C 108 8.58 26.32 -7.26
C SER C 108 9.85 27.12 -6.95
N GLY C 109 9.99 27.60 -5.73
CA GLY C 109 11.23 28.19 -5.27
C GLY C 109 11.34 29.69 -5.44
N THR C 110 10.27 30.36 -5.89
CA THR C 110 10.29 31.79 -6.11
C THR C 110 8.95 32.39 -5.69
N LEU C 111 9.00 33.65 -5.25
CA LEU C 111 7.81 34.45 -5.03
C LEU C 111 7.79 35.67 -5.95
N GLU C 112 8.39 35.54 -7.14
CA GLU C 112 8.48 36.66 -8.07
C GLU C 112 7.11 36.94 -8.69
N PHE C 113 6.64 38.17 -8.54
CA PHE C 113 5.28 38.56 -8.92
C PHE C 113 5.37 39.67 -9.96
N ILE C 114 4.89 39.38 -11.17
CA ILE C 114 4.82 40.34 -12.25
C ILE C 114 3.41 40.89 -12.28
N THR C 115 3.27 42.20 -12.14
CA THR C 115 1.97 42.83 -12.15
C THR C 115 1.49 43.02 -13.59
N GLU C 116 0.19 42.84 -13.80
CA GLU C 116 -0.41 42.96 -15.12
C GLU C 116 -1.55 43.97 -15.08
N GLY C 117 -1.83 44.55 -16.23
CA GLY C 117 -2.87 45.56 -16.34
C GLY C 117 -4.21 44.99 -16.76
N PHE C 118 -5.06 44.71 -15.77
CA PHE C 118 -6.44 44.33 -16.01
C PHE C 118 -7.32 45.58 -16.12
N THR C 119 -8.38 45.47 -16.91
CA THR C 119 -9.31 46.58 -17.12
C THR C 119 -10.68 46.17 -16.57
N TRP C 120 -11.04 46.71 -15.42
CA TRP C 120 -12.35 46.48 -14.80
C TRP C 120 -13.16 47.76 -14.95
N THR C 121 -14.07 47.77 -15.93
CA THR C 121 -14.90 48.93 -16.20
C THR C 121 -16.30 48.71 -15.65
N GLY C 122 -16.80 49.69 -14.90
CA GLY C 122 -18.11 49.60 -14.30
C GLY C 122 -18.13 49.24 -12.83
N VAL C 123 -16.97 49.09 -12.21
CA VAL C 123 -16.86 48.69 -10.81
C VAL C 123 -15.86 49.60 -10.12
N THR C 124 -15.82 49.50 -8.79
CA THR C 124 -14.87 50.24 -7.96
C THR C 124 -13.77 49.29 -7.51
N GLN C 125 -12.53 49.71 -7.67
CA GLN C 125 -11.37 48.88 -7.38
C GLN C 125 -10.79 49.20 -6.01
N ASN C 126 -9.85 48.36 -5.59
CA ASN C 126 -9.06 48.56 -4.38
C ASN C 126 -9.95 48.62 -3.13
N GLY C 127 -10.73 47.56 -2.95
CA GLY C 127 -11.50 47.45 -1.74
C GLY C 127 -10.63 47.15 -0.53
N GLY C 128 -11.08 47.63 0.63
CA GLY C 128 -10.33 47.53 1.87
C GLY C 128 -11.15 46.89 2.96
N SER C 129 -10.48 46.69 4.11
CA SER C 129 -11.11 46.06 5.25
C SER C 129 -10.43 46.60 6.50
N ASN C 130 -11.21 46.67 7.59
CA ASN C 130 -10.66 47.14 8.85
C ASN C 130 -10.06 46.02 9.69
N ALA C 131 -10.09 44.78 9.19
CA ALA C 131 -9.45 43.64 9.81
C ALA C 131 -8.08 43.37 9.21
N CYS C 132 -7.69 44.14 8.20
CA CYS C 132 -6.45 43.99 7.46
C CYS C 132 -5.75 45.34 7.35
N LYS C 133 -5.62 46.01 8.48
CA LYS C 133 -5.03 47.34 8.53
C LYS C 133 -3.60 47.30 7.99
N ARG C 134 -3.36 48.09 6.94
CA ARG C 134 -2.03 48.31 6.38
C ARG C 134 -1.62 49.72 6.79
N GLY C 135 -0.99 49.83 7.95
CA GLY C 135 -0.64 51.12 8.50
C GLY C 135 -1.68 51.58 9.52
N PRO C 136 -2.04 52.86 9.44
CA PRO C 136 -3.08 53.41 10.31
C PRO C 136 -4.49 53.32 9.72
N GLY C 137 -4.62 52.96 8.44
CA GLY C 137 -5.90 52.90 7.78
C GLY C 137 -6.27 51.48 7.34
N SER C 138 -7.43 51.39 6.71
CA SER C 138 -7.93 50.11 6.23
C SER C 138 -7.07 49.58 5.09
N GLY C 139 -7.13 48.28 4.89
CA GLY C 139 -6.33 47.65 3.85
C GLY C 139 -6.88 46.32 3.42
N PHE C 140 -6.05 45.59 2.68
CA PHE C 140 -6.41 44.29 2.13
C PHE C 140 -5.12 43.57 1.76
N PHE C 141 -5.24 42.38 1.20
CA PHE C 141 -4.10 41.69 0.61
C PHE C 141 -3.50 42.52 -0.52
N SER C 142 -2.19 42.41 -0.69
CA SER C 142 -1.45 43.23 -1.65
C SER C 142 -1.40 42.65 -3.06
N ARG C 143 -1.83 41.42 -3.26
CA ARG C 143 -1.78 40.83 -4.60
C ARG C 143 -3.16 40.63 -5.22
N LEU C 144 -4.22 41.09 -4.55
CA LEU C 144 -5.59 40.92 -5.02
C LEU C 144 -6.31 42.26 -5.02
N ASN C 145 -7.40 42.30 -5.78
CA ASN C 145 -8.16 43.52 -6.02
C ASN C 145 -9.63 43.21 -5.76
N TRP C 146 -10.19 43.90 -4.78
CA TRP C 146 -11.57 43.69 -4.35
C TRP C 146 -12.46 44.71 -5.07
N LEU C 147 -13.24 44.23 -6.02
CA LEU C 147 -14.13 45.07 -6.82
C LEU C 147 -15.54 45.01 -6.26
N THR C 148 -16.18 46.17 -6.16
CA THR C 148 -17.55 46.32 -5.68
C THR C 148 -18.33 47.17 -6.68
N LYS C 149 -19.61 47.38 -6.37
CA LYS C 149 -20.48 48.10 -7.28
C LYS C 149 -20.06 49.56 -7.39
N SER C 150 -20.32 50.14 -8.55
CA SER C 150 -19.94 51.53 -8.85
C SER C 150 -21.20 52.37 -8.88
N GLY C 151 -21.51 52.97 -7.74
CA GLY C 151 -22.68 53.82 -7.60
C GLY C 151 -23.94 53.02 -7.32
N SER C 152 -24.51 52.41 -8.36
CA SER C 152 -25.75 51.67 -8.21
C SER C 152 -25.82 50.39 -9.04
N THR C 153 -24.75 50.01 -9.74
CA THR C 153 -24.81 48.85 -10.62
C THR C 153 -23.49 48.10 -10.60
N TYR C 154 -23.56 46.85 -11.04
CA TYR C 154 -22.39 45.97 -11.15
C TYR C 154 -22.50 45.15 -12.43
N PRO C 155 -21.89 45.61 -13.52
CA PRO C 155 -22.06 44.91 -14.80
C PRO C 155 -21.34 43.58 -14.80
N VAL C 156 -21.50 42.81 -15.88
CA VAL C 156 -20.85 41.50 -15.98
C VAL C 156 -19.43 41.71 -16.49
N LEU C 157 -18.46 41.56 -15.59
CA LEU C 157 -17.07 41.68 -15.99
C LEU C 157 -16.68 40.49 -16.86
N ASN C 158 -15.97 40.78 -17.94
CA ASN C 158 -15.54 39.75 -18.88
C ASN C 158 -14.23 40.22 -19.48
N VAL C 159 -13.12 39.62 -19.04
CA VAL C 159 -11.79 40.08 -19.41
C VAL C 159 -10.99 38.90 -19.92
N THR C 160 -9.96 39.23 -20.71
CA THR C 160 -9.13 38.22 -21.36
C THR C 160 -7.66 38.61 -21.21
N MET C 161 -6.80 37.59 -21.23
CA MET C 161 -5.36 37.80 -21.14
C MET C 161 -4.64 36.63 -21.82
N PRO C 162 -3.91 36.88 -22.90
CA PRO C 162 -3.20 35.80 -23.59
C PRO C 162 -1.79 35.62 -23.04
N ASN C 163 -1.26 34.41 -23.27
CA ASN C 163 0.08 34.04 -22.83
C ASN C 163 0.91 33.77 -24.08
N ASN C 164 1.75 34.74 -24.44
CA ASN C 164 2.62 34.61 -25.61
C ASN C 164 4.06 34.27 -25.25
N ASP C 165 4.39 34.15 -23.97
CA ASP C 165 5.75 33.84 -23.55
C ASP C 165 5.99 32.34 -23.67
N ASN C 166 7.08 31.85 -23.07
CA ASN C 166 7.44 30.44 -23.13
C ASN C 166 7.58 29.84 -21.73
N PHE C 167 6.83 30.33 -20.76
CA PHE C 167 6.81 29.73 -19.43
C PHE C 167 5.38 29.75 -18.90
N ASP C 168 5.15 29.02 -17.82
CA ASP C 168 3.83 28.96 -17.22
C ASP C 168 3.59 30.14 -16.29
N LYS C 169 2.33 30.52 -16.18
CA LYS C 169 1.90 31.62 -15.32
C LYS C 169 0.89 31.09 -14.30
N LEU C 170 1.07 31.52 -13.06
CA LEU C 170 0.19 31.11 -11.97
C LEU C 170 -0.63 32.31 -11.53
N TYR C 171 -1.96 32.19 -11.66
CA TYR C 171 -2.88 33.24 -11.25
C TYR C 171 -3.63 32.80 -10.00
N ILE C 172 -3.74 33.71 -9.04
CA ILE C 172 -4.42 33.47 -7.79
C ILE C 172 -5.62 34.41 -7.71
N TRP C 173 -6.80 33.85 -7.55
CA TRP C 173 -8.04 34.61 -7.46
C TRP C 173 -8.86 34.09 -6.30
N GLY C 174 -10.03 34.68 -6.09
CA GLY C 174 -10.85 34.26 -4.98
C GLY C 174 -12.30 34.62 -5.17
N ILE C 175 -13.11 34.19 -4.21
CA ILE C 175 -14.54 34.48 -4.19
C ILE C 175 -14.93 34.88 -2.77
N HIS C 176 -15.89 35.79 -2.67
CA HIS C 176 -16.29 36.39 -1.41
C HIS C 176 -17.61 35.78 -0.95
N HIS C 177 -17.61 35.15 0.22
CA HIS C 177 -18.83 34.63 0.79
C HIS C 177 -19.37 35.61 1.81
N PRO C 178 -20.47 36.30 1.54
CA PRO C 178 -20.98 37.29 2.50
C PRO C 178 -21.66 36.63 3.70
N SER C 179 -22.13 37.44 4.64
CA SER C 179 -22.72 36.95 5.88
C SER C 179 -24.25 36.98 5.84
N THR C 180 -24.82 38.06 5.36
CA THR C 180 -26.26 38.24 5.26
C THR C 180 -26.66 38.53 3.82
N ASN C 181 -27.97 38.63 3.59
CA ASN C 181 -28.51 38.95 2.29
C ASN C 181 -28.62 40.47 2.05
N GLN C 182 -28.28 41.31 3.03
CA GLN C 182 -28.28 42.75 2.82
C GLN C 182 -26.92 43.24 2.34
N GLU C 183 -25.86 42.63 2.85
CA GLU C 183 -24.52 43.00 2.45
C GLU C 183 -24.14 42.43 1.10
N GLN C 184 -24.86 41.40 0.63
CA GLN C 184 -24.64 40.94 -0.74
C GLN C 184 -25.11 42.00 -1.72
N THR C 185 -26.36 42.44 -1.58
CA THR C 185 -26.91 43.43 -2.49
C THR C 185 -26.39 44.84 -2.20
N SER C 186 -25.73 45.06 -1.07
CA SER C 186 -25.14 46.36 -0.81
C SER C 186 -23.71 46.42 -1.27
N LEU C 187 -23.12 45.27 -1.62
CA LEU C 187 -21.78 45.21 -2.20
C LEU C 187 -21.80 44.80 -3.66
N TYR C 188 -22.72 43.91 -4.02
CA TYR C 188 -22.93 43.47 -5.39
C TYR C 188 -24.43 43.48 -5.67
N VAL C 189 -24.87 44.39 -6.54
CA VAL C 189 -26.30 44.63 -6.70
C VAL C 189 -27.04 43.35 -7.07
N GLN C 190 -26.34 42.35 -7.58
CA GLN C 190 -26.96 41.10 -7.94
C GLN C 190 -27.22 40.28 -6.68
N ALA C 191 -28.35 39.58 -6.66
CA ALA C 191 -28.71 38.79 -5.49
C ALA C 191 -27.97 37.46 -5.43
N SER C 192 -27.12 37.19 -6.42
CA SER C 192 -26.32 35.98 -6.47
C SER C 192 -25.12 36.25 -7.37
N GLY C 193 -23.95 35.79 -6.93
CA GLY C 193 -22.72 36.00 -7.66
C GLY C 193 -22.28 34.71 -8.33
N ARG C 194 -21.27 34.85 -9.18
CA ARG C 194 -20.77 33.73 -9.97
C ARG C 194 -19.46 34.13 -10.63
N VAL C 195 -18.48 33.22 -10.59
CA VAL C 195 -17.17 33.46 -11.17
C VAL C 195 -16.80 32.27 -12.05
N THR C 196 -16.48 32.55 -13.31
CA THR C 196 -16.06 31.56 -14.28
C THR C 196 -14.66 31.94 -14.75
N VAL C 197 -13.74 30.99 -14.67
CA VAL C 197 -12.37 31.19 -15.13
C VAL C 197 -12.01 30.06 -16.10
N SER C 198 -11.59 30.43 -17.30
CA SER C 198 -11.46 29.43 -18.35
C SER C 198 -10.17 29.63 -19.11
N THR C 199 -9.51 28.53 -19.43
CA THR C 199 -8.41 28.45 -20.36
C THR C 199 -8.88 27.70 -21.60
N ARG C 200 -7.94 27.44 -22.52
CA ARG C 200 -8.32 26.72 -23.73
C ARG C 200 -8.59 25.24 -23.47
N ARG C 201 -8.33 24.75 -22.26
CA ARG C 201 -8.49 23.33 -21.97
C ARG C 201 -9.15 23.01 -20.64
N SER C 202 -9.47 24.01 -19.82
CA SER C 202 -10.09 23.75 -18.53
C SER C 202 -10.98 24.92 -18.15
N GLN C 203 -11.76 24.72 -17.08
CA GLN C 203 -12.66 25.76 -16.60
C GLN C 203 -13.05 25.48 -15.16
N GLN C 204 -13.21 26.54 -14.38
CA GLN C 204 -13.66 26.46 -12.99
C GLN C 204 -14.71 27.53 -12.75
N THR C 205 -15.88 27.11 -12.27
CA THR C 205 -16.97 28.01 -11.95
C THR C 205 -17.39 27.84 -10.49
N ILE C 206 -17.41 28.95 -9.75
CA ILE C 206 -17.73 28.98 -8.34
C ILE C 206 -18.85 29.97 -8.09
N ILE C 207 -19.73 29.65 -7.14
CA ILE C 207 -20.84 30.51 -6.76
C ILE C 207 -20.78 30.75 -5.26
N PRO C 208 -20.88 32.01 -4.82
CA PRO C 208 -20.77 32.30 -3.38
C PRO C 208 -21.90 31.66 -2.59
N ASN C 209 -21.57 31.32 -1.35
CA ASN C 209 -22.49 30.63 -0.43
C ASN C 209 -22.78 31.58 0.72
N ILE C 210 -23.94 32.22 0.66
CA ILE C 210 -24.35 33.16 1.70
C ILE C 210 -24.70 32.38 2.95
N GLY C 211 -24.22 32.86 4.10
CA GLY C 211 -24.47 32.20 5.35
C GLY C 211 -23.67 32.85 6.45
N SER C 212 -23.90 32.38 7.67
CA SER C 212 -23.21 32.88 8.84
C SER C 212 -22.07 31.94 9.21
N ARG C 213 -21.00 32.51 9.72
CA ARG C 213 -19.79 31.80 10.11
C ARG C 213 -19.39 32.20 11.52
N PRO C 214 -18.47 31.46 12.14
CA PRO C 214 -17.95 31.91 13.44
C PRO C 214 -17.28 33.27 13.31
N TRP C 215 -17.37 34.05 14.39
CA TRP C 215 -16.78 35.38 14.41
C TRP C 215 -15.27 35.20 14.42
N VAL C 216 -14.57 35.75 13.42
CA VAL C 216 -13.11 35.69 13.38
C VAL C 216 -12.52 37.09 13.16
N ARG C 217 -11.91 37.65 14.20
CA ARG C 217 -11.28 38.97 14.16
C ARG C 217 -12.28 40.07 13.86
N GLY C 218 -13.56 39.82 14.08
CA GLY C 218 -14.57 40.84 13.89
C GLY C 218 -15.37 40.70 12.62
N LEU C 219 -15.28 39.56 11.93
CA LEU C 219 -15.95 39.36 10.66
C LEU C 219 -16.60 37.98 10.65
N SER C 220 -17.73 37.87 9.96
CA SER C 220 -18.38 36.58 9.73
C SER C 220 -18.50 36.24 8.26
N SER C 221 -17.86 37.01 7.38
CA SER C 221 -17.76 36.68 5.97
C SER C 221 -16.50 35.86 5.73
N ARG C 222 -16.37 35.31 4.53
CA ARG C 222 -15.20 34.49 4.24
C ARG C 222 -14.73 34.78 2.82
N ILE C 223 -13.53 34.29 2.51
CA ILE C 223 -12.97 34.34 1.18
C ILE C 223 -12.42 32.97 0.85
N SER C 224 -12.73 32.47 -0.34
CA SER C 224 -12.18 31.22 -0.81
C SER C 224 -11.16 31.52 -1.90
N ILE C 225 -10.02 30.82 -1.85
CA ILE C 225 -8.87 31.13 -2.68
C ILE C 225 -8.69 30.00 -3.68
N TYR C 226 -8.58 30.35 -4.95
CA TYR C 226 -8.36 29.40 -6.01
C TYR C 226 -7.19 29.86 -6.87
N TRP C 227 -6.70 28.96 -7.70
CA TRP C 227 -5.54 29.24 -8.55
C TRP C 227 -5.74 28.59 -9.90
N THR C 228 -5.02 29.13 -10.88
CA THR C 228 -5.08 28.67 -12.25
C THR C 228 -3.67 28.68 -12.81
N ILE C 229 -3.41 27.75 -13.74
CA ILE C 229 -2.11 27.63 -14.39
C ILE C 229 -2.33 27.79 -15.88
N VAL C 230 -1.65 28.75 -16.48
CA VAL C 230 -1.74 29.03 -17.91
C VAL C 230 -0.42 28.66 -18.55
N LYS C 231 -0.48 27.79 -19.54
CA LYS C 231 0.71 27.31 -20.24
C LYS C 231 0.98 28.15 -21.48
N PRO C 232 2.21 28.12 -21.99
CA PRO C 232 2.55 28.99 -23.12
C PRO C 232 1.71 28.67 -24.34
N GLY C 233 1.18 29.73 -24.96
CA GLY C 233 0.26 29.61 -26.08
C GLY C 233 -1.20 29.67 -25.71
N ASP C 234 -1.54 29.68 -24.42
CA ASP C 234 -2.94 29.66 -24.01
C ASP C 234 -3.48 31.07 -23.87
N VAL C 235 -4.68 31.17 -23.28
CA VAL C 235 -5.38 32.42 -23.02
C VAL C 235 -6.27 32.18 -21.82
N LEU C 236 -6.55 33.23 -21.05
CA LEU C 236 -7.41 33.15 -19.89
C LEU C 236 -8.57 34.11 -20.05
N VAL C 237 -9.78 33.66 -19.74
CA VAL C 237 -10.96 34.51 -19.79
C VAL C 237 -11.65 34.40 -18.44
N ILE C 238 -12.00 35.55 -17.87
CA ILE C 238 -12.67 35.65 -16.57
C ILE C 238 -14.01 36.34 -16.77
N ASN C 239 -15.08 35.67 -16.36
CA ASN C 239 -16.43 36.19 -16.45
C ASN C 239 -17.04 36.18 -15.05
N SER C 240 -17.76 37.24 -14.70
CA SER C 240 -18.32 37.33 -13.36
C SER C 240 -19.41 38.39 -13.30
N ASN C 241 -20.26 38.27 -12.28
CA ASN C 241 -21.26 39.28 -11.99
C ASN C 241 -21.40 39.52 -10.49
N GLY C 242 -20.31 39.33 -9.76
CA GLY C 242 -20.28 39.59 -8.33
C GLY C 242 -19.47 38.58 -7.54
N ASN C 243 -18.94 39.03 -6.40
CA ASN C 243 -18.20 38.20 -5.44
C ASN C 243 -16.94 37.63 -6.09
N LEU C 244 -16.12 38.53 -6.61
CA LEU C 244 -14.86 38.19 -7.27
C LEU C 244 -13.72 38.95 -6.58
N ILE C 245 -12.71 38.22 -6.15
CA ILE C 245 -11.46 38.81 -5.66
C ILE C 245 -10.43 38.64 -6.76
N ALA C 246 -10.29 39.67 -7.60
CA ALA C 246 -9.50 39.58 -8.81
C ALA C 246 -8.01 39.53 -8.50
N PRO C 247 -7.21 38.99 -9.43
CA PRO C 247 -5.75 39.05 -9.29
C PRO C 247 -5.20 40.38 -9.82
N ARG C 248 -3.93 40.62 -9.50
CA ARG C 248 -3.23 41.80 -9.98
C ARG C 248 -2.12 41.46 -10.96
N GLY C 249 -1.80 40.17 -11.12
CA GLY C 249 -0.72 39.77 -12.01
C GLY C 249 -0.52 38.27 -11.91
N TYR C 250 0.71 37.85 -12.16
CA TYR C 250 1.03 36.43 -12.16
C TYR C 250 2.38 36.21 -11.50
N PHE C 251 2.55 35.03 -10.91
CA PHE C 251 3.85 34.61 -10.43
C PHE C 251 4.54 33.79 -11.51
N LYS C 252 5.86 33.93 -11.58
CA LYS C 252 6.63 33.16 -12.54
C LYS C 252 6.91 31.79 -11.95
N MET C 253 6.69 30.75 -12.76
CA MET C 253 6.80 29.37 -12.33
C MET C 253 8.09 28.75 -12.83
N ARG C 254 8.85 28.16 -11.92
CA ARG C 254 10.12 27.54 -12.23
C ARG C 254 10.08 26.08 -11.80
N THR C 255 11.12 25.34 -12.18
CA THR C 255 11.30 23.95 -11.77
C THR C 255 12.74 23.75 -11.30
N GLY C 256 12.90 23.09 -10.16
CA GLY C 256 14.22 22.84 -9.64
C GLY C 256 14.26 22.00 -8.38
N LYS C 257 15.19 22.30 -7.49
CA LYS C 257 15.30 21.63 -6.21
C LYS C 257 14.92 22.61 -5.11
N SER C 258 13.71 22.43 -4.57
CA SER C 258 13.18 23.26 -3.49
C SER C 258 12.11 22.46 -2.78
N SER C 259 11.91 22.79 -1.50
CA SER C 259 10.95 22.07 -0.68
C SER C 259 10.64 22.93 0.55
N ILE C 260 9.91 22.35 1.50
CA ILE C 260 9.48 23.05 2.70
C ILE C 260 9.57 22.09 3.87
N MET C 261 9.80 22.64 5.06
CA MET C 261 10.04 21.82 6.25
C MET C 261 9.61 22.60 7.47
N ARG C 262 8.84 21.95 8.34
CA ARG C 262 8.40 22.55 9.60
C ARG C 262 9.43 22.23 10.69
N SER C 263 9.99 23.28 11.30
CA SER C 263 11.03 23.09 12.29
C SER C 263 11.10 24.35 13.15
N ASP C 264 11.43 24.16 14.41
CA ASP C 264 11.57 25.29 15.33
C ASP C 264 13.01 25.42 15.81
N ALA C 265 13.98 25.12 14.96
CA ALA C 265 15.38 25.20 15.29
C ALA C 265 16.00 26.49 14.77
N PRO C 266 16.91 27.08 15.54
CA PRO C 266 17.55 28.33 15.11
C PRO C 266 18.48 28.09 13.93
N ILE C 267 19.00 29.19 13.38
CA ILE C 267 19.83 29.14 12.20
C ILE C 267 21.21 29.71 12.52
N ASP C 268 22.24 28.96 12.18
CA ASP C 268 23.63 29.33 12.39
C ASP C 268 24.34 29.35 11.04
N THR C 269 25.65 29.55 11.07
CA THR C 269 26.46 29.74 9.87
C THR C 269 27.46 28.60 9.70
N CYS C 270 27.00 27.38 9.98
CA CYS C 270 27.87 26.20 9.78
C CYS C 270 27.67 25.64 8.37
N ILE C 271 28.20 24.43 8.14
CA ILE C 271 28.14 23.74 6.86
C ILE C 271 27.72 22.30 7.13
N SER C 272 26.64 21.87 6.50
CA SER C 272 26.15 20.50 6.60
C SER C 272 25.30 20.23 5.36
N GLU C 273 25.28 18.97 4.94
CA GLU C 273 24.58 18.66 3.70
C GLU C 273 23.18 18.10 3.87
N CYS C 274 22.77 17.75 5.08
CA CYS C 274 21.43 17.23 5.30
C CYS C 274 20.72 18.09 6.34
N ILE C 275 19.42 18.28 6.16
CA ILE C 275 18.65 19.11 7.07
C ILE C 275 17.37 18.36 7.40
N THR C 276 17.14 18.16 8.69
CA THR C 276 15.99 17.57 9.32
C THR C 276 15.32 18.59 10.24
N PRO C 277 14.04 18.40 10.58
CA PRO C 277 13.39 19.31 11.52
C PRO C 277 14.07 19.42 12.87
N ASN C 278 15.04 18.56 13.16
CA ASN C 278 15.82 18.69 14.39
C ASN C 278 17.09 19.52 14.20
N GLY C 279 17.47 19.83 12.96
CA GLY C 279 18.74 20.46 12.71
C GLY C 279 19.53 19.74 11.65
N SER C 280 20.76 20.22 11.47
CA SER C 280 21.68 19.65 10.50
C SER C 280 22.37 18.44 11.09
N ILE C 281 22.56 17.41 10.27
CA ILE C 281 23.27 16.23 10.74
C ILE C 281 24.44 15.93 9.82
N PRO C 282 25.59 15.51 10.34
CA PRO C 282 26.70 15.10 9.48
C PRO C 282 26.33 13.86 8.68
N ASN C 283 27.07 13.62 7.61
CA ASN C 283 26.76 12.53 6.69
C ASN C 283 28.01 11.71 6.41
N ASP C 284 28.73 11.35 7.46
CA ASP C 284 29.87 10.45 7.34
C ASP C 284 29.50 8.99 7.49
N LYS C 285 28.39 8.69 8.13
CA LYS C 285 27.86 7.37 8.42
C LYS C 285 26.73 7.03 7.45
N PRO C 286 26.51 5.74 7.16
CA PRO C 286 25.49 5.39 6.16
C PRO C 286 24.07 5.47 6.70
N PHE C 287 23.89 5.41 8.01
CA PHE C 287 22.56 5.34 8.60
C PHE C 287 22.36 6.44 9.63
N GLN C 288 21.10 6.71 9.93
CA GLN C 288 20.70 7.77 10.84
C GLN C 288 19.41 7.35 11.51
N ASN C 289 19.21 7.80 12.73
CA ASN C 289 17.99 7.49 13.48
C ASN C 289 17.39 8.73 14.11
N VAL C 290 17.21 9.78 13.31
CA VAL C 290 16.68 11.04 13.79
C VAL C 290 15.30 11.33 13.19
N ASN C 291 15.20 11.43 11.88
CA ASN C 291 13.93 11.68 11.24
C ASN C 291 13.89 11.05 9.85
N LYS C 292 12.68 10.65 9.45
CA LYS C 292 12.44 10.10 8.12
C LYS C 292 12.10 11.18 7.11
N ILE C 293 12.00 12.44 7.54
CA ILE C 293 11.83 13.58 6.66
C ILE C 293 13.18 14.25 6.56
N THR C 294 13.71 14.38 5.34
CA THR C 294 15.09 14.80 5.18
C THR C 294 15.27 15.64 3.92
N TYR C 295 16.28 16.52 3.95
CA TYR C 295 16.61 17.32 2.78
C TYR C 295 18.11 17.33 2.55
N GLY C 296 18.51 17.07 1.31
CA GLY C 296 19.87 17.07 0.84
C GLY C 296 20.38 15.66 0.60
N ALA C 297 21.71 15.51 0.62
CA ALA C 297 22.29 14.18 0.49
C ALA C 297 22.50 13.53 1.87
N CYS C 298 21.37 13.09 2.44
CA CYS C 298 21.27 12.60 3.85
C CYS C 298 21.47 11.08 3.88
N PRO C 299 21.66 10.46 5.08
CA PRO C 299 21.74 9.00 5.18
C PRO C 299 20.32 8.46 5.46
N LYS C 300 20.06 7.20 5.10
CA LYS C 300 18.73 6.63 5.23
C LYS C 300 18.28 6.36 6.66
N TYR C 301 16.99 6.52 6.87
CA TYR C 301 16.32 6.36 8.16
C TYR C 301 16.03 4.90 8.48
N VAL C 302 16.58 4.42 9.58
CA VAL C 302 16.35 3.06 10.05
C VAL C 302 15.62 3.17 11.39
N LYS C 303 15.06 2.05 11.83
CA LYS C 303 14.35 2.04 13.10
C LYS C 303 15.25 1.65 14.26
N GLN C 304 16.41 1.06 13.99
CA GLN C 304 17.35 0.66 15.01
C GLN C 304 18.16 1.85 15.50
N ASN C 305 18.54 1.81 16.78
CA ASN C 305 19.35 2.90 17.38
C ASN C 305 20.84 2.58 17.23
N THR C 306 21.31 1.55 17.93
CA THR C 306 22.76 1.19 17.89
C THR C 306 22.98 0.00 16.94
N LEU C 307 23.65 0.26 15.82
CA LEU C 307 24.19 -0.79 14.96
C LEU C 307 25.71 -0.64 14.88
N LYS C 308 26.42 -1.62 15.39
CA LYS C 308 27.87 -1.59 15.48
C LYS C 308 28.51 -2.52 14.46
N LEU C 309 29.53 -2.03 13.78
CA LEU C 309 30.27 -2.79 12.77
C LEU C 309 31.65 -3.10 13.31
N ALA C 310 32.03 -4.38 13.23
CA ALA C 310 33.30 -4.82 13.77
C ALA C 310 34.42 -4.46 12.81
N THR C 311 35.49 -3.87 13.34
CA THR C 311 36.68 -3.57 12.55
C THR C 311 37.92 -4.23 13.12
N GLY C 312 37.75 -5.37 13.80
CA GLY C 312 38.87 -6.09 14.35
C GLY C 312 38.57 -7.56 14.58
N MET C 313 39.01 -8.08 15.72
CA MET C 313 39.01 -9.50 16.02
C MET C 313 38.23 -9.71 17.31
N ARG C 314 37.99 -10.97 17.66
CA ARG C 314 37.27 -11.25 18.88
C ARG C 314 38.06 -10.80 20.11
N ASN C 315 37.32 -10.56 21.18
CA ASN C 315 37.90 -10.12 22.44
C ASN C 315 38.35 -11.25 23.34
N VAL C 316 37.98 -12.48 23.05
CA VAL C 316 38.34 -13.61 23.90
C VAL C 316 38.82 -14.78 23.02
N PRO C 317 39.80 -15.56 23.47
CA PRO C 317 40.22 -16.73 22.71
C PRO C 317 39.14 -17.82 22.74
N GLU C 318 39.33 -18.80 21.86
CA GLU C 318 38.43 -19.95 21.75
C GLU C 318 36.98 -19.53 21.48
N CYS D 7 34.60 -45.39 8.86
CA CYS D 7 35.12 -44.96 7.56
C CYS D 7 35.36 -43.45 7.54
N LEU D 8 34.60 -42.75 6.69
CA LEU D 8 34.86 -41.32 6.46
C LEU D 8 34.17 -40.41 7.47
N GLY D 9 33.15 -40.90 8.18
CA GLY D 9 32.49 -40.09 9.17
C GLY D 9 30.98 -40.20 9.16
N HIS D 10 30.39 -40.36 7.97
CA HIS D 10 28.96 -40.54 7.84
C HIS D 10 28.70 -41.80 7.04
N HIS D 11 27.68 -42.56 7.46
CA HIS D 11 27.43 -43.89 6.92
C HIS D 11 26.32 -43.90 5.87
N ALA D 12 25.98 -42.73 5.33
CA ALA D 12 24.99 -42.62 4.25
C ALA D 12 23.65 -43.21 4.70
N VAL D 13 23.05 -42.53 5.68
CA VAL D 13 21.77 -42.92 6.26
C VAL D 13 20.76 -43.24 5.18
N PRO D 14 19.88 -44.23 5.38
CA PRO D 14 18.94 -44.58 4.31
C PRO D 14 17.93 -43.49 4.03
N ASN D 15 17.60 -42.67 5.01
CA ASN D 15 16.64 -41.58 4.83
C ASN D 15 17.40 -40.30 4.56
N GLY D 16 17.26 -39.78 3.33
CA GLY D 16 17.92 -38.54 2.98
C GLY D 16 17.22 -37.32 3.55
N THR D 17 17.99 -36.26 3.74
CA THR D 17 17.48 -35.01 4.30
C THR D 17 17.85 -33.89 3.34
N LEU D 18 16.86 -33.45 2.55
CA LEU D 18 17.03 -32.37 1.60
C LEU D 18 16.96 -31.02 2.31
N VAL D 19 17.95 -30.17 2.05
CA VAL D 19 18.07 -28.88 2.69
C VAL D 19 18.30 -27.83 1.62
N LYS D 20 17.73 -26.64 1.86
CA LYS D 20 17.82 -25.50 0.90
C LYS D 20 19.05 -24.65 1.25
N THR D 21 19.87 -24.34 0.23
CA THR D 21 21.06 -23.52 0.40
C THR D 21 20.97 -22.31 -0.50
N ILE D 22 22.04 -21.51 -0.56
CA ILE D 22 22.08 -20.37 -1.45
C ILE D 22 23.08 -20.59 -2.59
N THR D 23 24.11 -21.41 -2.39
CA THR D 23 24.99 -21.78 -3.49
C THR D 23 24.30 -22.75 -4.43
N ASP D 24 23.92 -23.91 -3.92
CA ASP D 24 23.06 -24.84 -4.65
C ASP D 24 21.60 -24.52 -4.33
N ASP D 25 20.68 -25.40 -4.73
CA ASP D 25 19.27 -25.23 -4.41
C ASP D 25 18.81 -26.18 -3.31
N GLN D 26 19.00 -27.48 -3.51
CA GLN D 26 18.57 -28.48 -2.53
C GLN D 26 19.58 -29.62 -2.53
N ILE D 27 20.24 -29.84 -1.40
CA ILE D 27 21.26 -30.88 -1.30
C ILE D 27 20.89 -31.83 -0.16
N GLU D 28 21.63 -32.92 -0.07
CA GLU D 28 21.38 -33.99 0.89
C GLU D 28 22.41 -33.92 2.01
N VAL D 29 21.92 -33.92 3.24
CA VAL D 29 22.77 -33.92 4.42
C VAL D 29 22.34 -35.05 5.33
N THR D 30 23.20 -35.38 6.30
CA THR D 30 22.92 -36.47 7.22
C THR D 30 21.69 -36.20 8.07
N ASN D 31 21.76 -35.17 8.91
CA ASN D 31 20.69 -34.87 9.86
C ASN D 31 20.11 -33.49 9.59
N ALA D 32 18.83 -33.33 9.89
CA ALA D 32 18.19 -32.03 9.73
C ALA D 32 17.01 -31.91 10.69
N THR D 33 16.65 -30.67 11.00
CA THR D 33 15.55 -30.36 11.89
C THR D 33 14.55 -29.42 11.22
N GLU D 34 13.30 -29.50 11.64
CA GLU D 34 12.25 -28.70 11.04
C GLU D 34 12.15 -27.39 11.81
N LEU D 35 11.90 -26.30 11.10
CA LEU D 35 11.89 -24.97 11.70
C LEU D 35 10.51 -24.32 11.67
N VAL D 36 9.46 -25.07 11.33
CA VAL D 36 8.14 -24.49 11.14
C VAL D 36 7.13 -25.46 11.72
N GLN D 37 6.41 -25.02 12.75
CA GLN D 37 5.34 -25.83 13.34
C GLN D 37 4.09 -25.60 12.49
N SER D 38 3.58 -26.68 11.89
CA SER D 38 2.53 -26.54 10.88
C SER D 38 1.30 -27.37 11.20
N SER D 39 1.15 -27.82 12.44
CA SER D 39 -0.02 -28.59 12.84
C SER D 39 -0.55 -28.03 14.15
N SER D 40 -1.85 -28.23 14.37
CA SER D 40 -2.52 -27.78 15.57
C SER D 40 -3.23 -28.94 16.24
N THR D 41 -3.46 -28.78 17.55
CA THR D 41 -4.10 -29.82 18.34
C THR D 41 -5.60 -29.88 18.10
N GLY D 42 -6.24 -28.74 17.85
CA GLY D 42 -7.66 -28.71 17.58
C GLY D 42 -8.49 -28.11 18.68
N LYS D 43 -7.86 -27.89 19.84
CA LYS D 43 -8.55 -27.38 21.05
C LYS D 43 -7.95 -26.04 21.46
N ILE D 44 -8.73 -25.22 22.18
CA ILE D 44 -8.28 -23.95 22.71
C ILE D 44 -8.08 -24.14 24.21
N CYS D 45 -6.80 -24.10 24.62
CA CYS D 45 -6.40 -24.09 26.05
C CYS D 45 -7.15 -22.98 26.79
N ASN D 46 -7.51 -23.22 28.05
CA ASN D 46 -7.99 -22.12 28.87
C ASN D 46 -7.01 -21.79 29.99
N ASN D 47 -5.71 -21.94 29.73
CA ASN D 47 -4.70 -21.60 30.71
C ASN D 47 -3.44 -21.18 29.98
N PRO D 48 -2.74 -20.14 30.45
CA PRO D 48 -3.08 -19.35 31.63
C PRO D 48 -3.91 -18.12 31.28
N HIS D 49 -4.45 -18.09 30.06
CA HIS D 49 -5.32 -17.01 29.65
C HIS D 49 -6.76 -17.27 30.11
N ARG D 50 -7.52 -16.18 30.21
CA ARG D 50 -8.92 -16.22 30.62
C ARG D 50 -9.79 -16.12 29.37
N ILE D 51 -10.32 -17.26 28.95
CA ILE D 51 -11.10 -17.35 27.73
C ILE D 51 -12.58 -17.29 28.07
N LEU D 52 -13.33 -16.49 27.31
CA LEU D 52 -14.77 -16.40 27.47
C LEU D 52 -15.43 -16.91 26.19
N ASP D 53 -16.36 -17.84 26.34
CA ASP D 53 -16.99 -18.50 25.19
C ASP D 53 -18.34 -17.84 24.91
N GLY D 54 -18.39 -17.04 23.85
CA GLY D 54 -19.62 -16.40 23.43
C GLY D 54 -20.44 -17.37 22.59
N ILE D 55 -21.14 -18.28 23.27
CA ILE D 55 -21.74 -19.43 22.60
C ILE D 55 -22.68 -19.00 21.48
N ASP D 56 -23.78 -18.32 21.83
CA ASP D 56 -24.75 -17.92 20.81
C ASP D 56 -24.94 -16.42 20.74
N CYS D 57 -24.02 -15.67 21.31
CA CYS D 57 -24.08 -14.21 21.38
C CYS D 57 -22.76 -13.63 20.90
N THR D 58 -22.84 -12.49 20.23
CA THR D 58 -21.70 -11.67 19.90
C THR D 58 -21.39 -10.74 21.07
N LEU D 59 -20.39 -9.89 20.90
CA LEU D 59 -20.02 -8.98 21.97
C LEU D 59 -21.06 -7.88 22.13
N ILE D 60 -21.62 -7.39 21.02
CA ILE D 60 -22.57 -6.29 21.11
C ILE D 60 -23.88 -6.75 21.74
N ASP D 61 -24.31 -7.98 21.45
CA ASP D 61 -25.55 -8.47 22.06
C ASP D 61 -25.35 -8.74 23.56
N ALA D 62 -24.17 -9.21 23.96
CA ALA D 62 -23.89 -9.36 25.39
C ALA D 62 -23.69 -8.02 26.07
N LEU D 63 -23.35 -6.99 25.31
CA LEU D 63 -23.25 -5.63 25.82
C LEU D 63 -24.62 -5.01 26.04
N LEU D 64 -25.50 -5.13 25.04
CA LEU D 64 -26.80 -4.48 25.10
C LEU D 64 -27.71 -5.12 26.13
N GLY D 65 -27.55 -6.42 26.38
CA GLY D 65 -28.41 -7.09 27.34
C GLY D 65 -29.46 -7.93 26.65
N ASP D 66 -29.05 -8.67 25.62
CA ASP D 66 -29.97 -9.58 24.96
C ASP D 66 -30.51 -10.58 25.99
N PRO D 67 -31.80 -10.94 25.92
CA PRO D 67 -32.37 -11.79 26.97
C PRO D 67 -31.81 -13.20 27.04
N HIS D 68 -31.19 -13.74 25.99
CA HIS D 68 -30.57 -15.05 26.11
C HIS D 68 -29.07 -15.03 26.36
N CYS D 69 -28.50 -13.86 26.67
CA CYS D 69 -27.10 -13.90 27.19
C CYS D 69 -26.98 -12.96 28.39
N ASP D 70 -28.06 -12.95 29.17
CA ASP D 70 -28.12 -12.21 30.42
C ASP D 70 -27.23 -12.86 31.48
N VAL D 71 -26.72 -14.06 31.21
CA VAL D 71 -25.71 -14.69 32.05
C VAL D 71 -24.33 -14.07 31.87
N PHE D 72 -24.15 -13.22 30.86
CA PHE D 72 -22.86 -12.59 30.57
C PHE D 72 -22.76 -11.19 31.16
N GLN D 73 -23.45 -10.92 32.26
CA GLN D 73 -23.33 -9.63 32.92
C GLN D 73 -22.06 -9.59 33.75
N ASN D 74 -21.29 -8.51 33.58
CA ASN D 74 -20.03 -8.32 34.28
C ASN D 74 -19.08 -9.48 34.04
N GLU D 75 -19.02 -9.93 32.78
CA GLU D 75 -18.05 -10.93 32.37
C GLU D 75 -16.70 -10.26 32.16
N THR D 76 -15.66 -10.85 32.73
CA THR D 76 -14.29 -10.39 32.53
C THR D 76 -13.54 -11.43 31.69
N TRP D 77 -13.00 -11.01 30.56
CA TRP D 77 -12.32 -11.92 29.64
C TRP D 77 -10.88 -11.46 29.47
N ASP D 78 -10.01 -12.40 29.11
CA ASP D 78 -8.73 -12.06 28.51
C ASP D 78 -8.69 -12.27 27.01
N LEU D 79 -9.48 -13.22 26.50
CA LEU D 79 -9.67 -13.37 25.07
C LEU D 79 -11.09 -13.87 24.82
N PHE D 80 -11.86 -13.09 24.08
CA PHE D 80 -13.21 -13.47 23.70
C PHE D 80 -13.20 -14.31 22.43
N VAL D 81 -13.90 -15.44 22.48
CA VAL D 81 -14.01 -16.36 21.36
C VAL D 81 -15.43 -16.25 20.83
N GLU D 82 -15.55 -15.89 19.56
CA GLU D 82 -16.84 -15.67 18.93
C GLU D 82 -17.16 -16.84 18.01
N ARG D 83 -18.32 -17.44 18.22
CA ARG D 83 -18.77 -18.54 17.38
C ARG D 83 -19.61 -18.02 16.22
N SER D 84 -19.78 -18.85 15.21
CA SER D 84 -20.56 -18.51 14.02
C SER D 84 -22.05 -18.79 14.17
N LYS D 85 -22.43 -19.62 15.13
CA LYS D 85 -23.85 -19.93 15.39
C LYS D 85 -24.56 -18.85 16.21
N ALA D 86 -23.99 -17.67 16.35
CA ALA D 86 -24.60 -16.64 17.18
C ALA D 86 -25.73 -15.95 16.41
N PHE D 87 -26.74 -15.52 17.16
CA PHE D 87 -27.89 -14.84 16.56
C PHE D 87 -28.47 -13.88 17.59
N SER D 88 -29.39 -13.03 17.13
CA SER D 88 -30.06 -12.05 17.96
C SER D 88 -31.55 -12.39 18.03
N ASN D 89 -32.14 -12.18 19.20
CA ASN D 89 -33.53 -12.52 19.45
C ASN D 89 -34.21 -11.40 20.24
N CYS D 90 -33.98 -10.17 19.82
CA CYS D 90 -34.57 -9.00 20.45
C CYS D 90 -34.99 -8.02 19.36
N TYR D 91 -35.26 -6.78 19.77
CA TYR D 91 -35.64 -5.75 18.83
C TYR D 91 -34.57 -5.57 17.75
N PRO D 92 -34.94 -5.57 16.48
CA PRO D 92 -33.94 -5.41 15.42
C PRO D 92 -33.28 -4.04 15.51
N TYR D 93 -31.95 -4.04 15.40
CA TYR D 93 -31.18 -2.83 15.63
C TYR D 93 -30.11 -2.71 14.55
N ASP D 94 -29.29 -1.67 14.67
CA ASP D 94 -28.29 -1.32 13.67
C ASP D 94 -27.24 -0.46 14.36
N VAL D 95 -25.98 -0.67 14.01
CA VAL D 95 -24.89 0.10 14.61
C VAL D 95 -24.05 0.76 13.52
N PRO D 96 -24.08 2.09 13.43
CA PRO D 96 -23.10 2.78 12.58
C PRO D 96 -21.70 2.69 13.18
N ASP D 97 -20.73 2.36 12.32
CA ASP D 97 -19.35 2.08 12.73
C ASP D 97 -19.33 0.88 13.68
N TYR D 98 -19.83 -0.25 13.17
CA TYR D 98 -19.92 -1.44 14.00
C TYR D 98 -18.54 -1.99 14.34
N ALA D 99 -17.64 -2.05 13.37
CA ALA D 99 -16.32 -2.64 13.61
C ALA D 99 -15.52 -1.81 14.62
N SER D 100 -15.67 -0.49 14.57
CA SER D 100 -14.95 0.38 15.51
C SER D 100 -15.39 0.11 16.93
N LEU D 101 -16.70 0.02 17.15
CA LEU D 101 -17.22 -0.24 18.49
C LEU D 101 -16.86 -1.65 18.94
N ARG D 102 -16.91 -2.62 18.01
CA ARG D 102 -16.57 -3.98 18.37
C ARG D 102 -15.11 -4.09 18.82
N SER D 103 -14.21 -3.38 18.13
CA SER D 103 -12.81 -3.43 18.52
C SER D 103 -12.55 -2.60 19.76
N LEU D 104 -13.35 -1.56 20.01
CA LEU D 104 -13.21 -0.75 21.20
C LEU D 104 -13.66 -1.52 22.43
N VAL D 105 -14.74 -2.30 22.32
CA VAL D 105 -15.22 -3.04 23.48
C VAL D 105 -14.40 -4.30 23.65
N ALA D 106 -13.90 -4.86 22.56
CA ALA D 106 -13.06 -6.05 22.64
C ALA D 106 -11.76 -5.73 23.37
N SER D 107 -11.18 -4.57 23.07
CA SER D 107 -9.91 -4.17 23.65
C SER D 107 -10.06 -3.56 25.04
N SER D 108 -11.29 -3.40 25.54
CA SER D 108 -11.44 -2.86 26.88
C SER D 108 -11.31 -3.95 27.94
N GLY D 109 -11.93 -5.10 27.70
CA GLY D 109 -11.71 -6.27 28.54
C GLY D 109 -12.68 -6.45 29.67
N THR D 110 -13.71 -5.60 29.77
CA THR D 110 -14.68 -5.67 30.85
C THR D 110 -16.07 -5.36 30.30
N LEU D 111 -17.09 -5.96 30.93
CA LEU D 111 -18.48 -5.60 30.70
C LEU D 111 -19.12 -5.04 31.97
N GLU D 112 -18.32 -4.40 32.82
CA GLU D 112 -18.82 -3.88 34.09
C GLU D 112 -19.71 -2.66 33.85
N PHE D 113 -20.94 -2.73 34.33
CA PHE D 113 -21.96 -1.72 34.06
C PHE D 113 -22.42 -1.12 35.37
N ILE D 114 -22.17 0.18 35.54
CA ILE D 114 -22.62 0.93 36.70
C ILE D 114 -23.88 1.67 36.31
N THR D 115 -24.97 1.40 37.03
CA THR D 115 -26.24 2.05 36.74
C THR D 115 -26.27 3.44 37.36
N GLU D 116 -26.89 4.38 36.64
CA GLU D 116 -26.98 5.76 37.07
C GLU D 116 -28.44 6.19 37.09
N GLY D 117 -28.72 7.19 37.93
CA GLY D 117 -30.07 7.70 38.08
C GLY D 117 -30.38 8.88 37.18
N PHE D 118 -30.98 8.60 36.03
CA PHE D 118 -31.49 9.64 35.15
C PHE D 118 -32.92 10.01 35.56
N THR D 119 -33.28 11.26 35.33
CA THR D 119 -34.61 11.78 35.65
C THR D 119 -35.30 12.17 34.35
N TRP D 120 -36.26 11.34 33.92
CA TRP D 120 -37.08 11.62 32.75
C TRP D 120 -38.48 11.98 33.22
N THR D 121 -38.77 13.28 33.24
CA THR D 121 -40.07 13.77 33.70
C THR D 121 -40.93 14.15 32.50
N GLY D 122 -42.17 13.66 32.49
CA GLY D 122 -43.10 13.93 31.42
C GLY D 122 -43.25 12.81 30.42
N VAL D 123 -42.58 11.67 30.62
CA VAL D 123 -42.62 10.55 29.70
C VAL D 123 -42.86 9.26 30.49
N THR D 124 -43.14 8.19 29.75
CA THR D 124 -43.31 6.87 30.34
C THR D 124 -42.07 6.04 30.07
N GLN D 125 -41.55 5.40 31.11
CA GLN D 125 -40.30 4.66 31.04
C GLN D 125 -40.56 3.17 30.86
N ASN D 126 -39.47 2.44 30.61
CA ASN D 126 -39.48 0.98 30.54
C ASN D 126 -40.42 0.46 29.46
N GLY D 127 -40.19 0.92 28.23
CA GLY D 127 -40.93 0.40 27.10
C GLY D 127 -40.51 -1.02 26.77
N GLY D 128 -41.47 -1.79 26.24
CA GLY D 128 -41.26 -3.19 25.95
C GLY D 128 -41.61 -3.51 24.51
N SER D 129 -41.37 -4.78 24.15
CA SER D 129 -41.63 -5.25 22.80
C SER D 129 -41.96 -6.72 22.88
N ASN D 130 -42.78 -7.19 21.95
CA ASN D 130 -43.15 -8.60 21.91
C ASN D 130 -42.19 -9.42 21.06
N ALA D 131 -41.17 -8.79 20.49
CA ALA D 131 -40.10 -9.47 19.76
C ALA D 131 -38.89 -9.71 20.63
N CYS D 132 -38.92 -9.24 21.87
CA CYS D 132 -37.83 -9.31 22.83
C CYS D 132 -38.34 -9.83 24.16
N LYS D 133 -39.07 -10.94 24.09
CA LYS D 133 -39.69 -11.53 25.27
C LYS D 133 -38.62 -11.89 26.30
N ARG D 134 -38.75 -11.31 27.49
CA ARG D 134 -37.93 -11.65 28.65
C ARG D 134 -38.82 -12.45 29.60
N GLY D 135 -38.83 -13.76 29.42
CA GLY D 135 -39.71 -14.62 30.17
C GLY D 135 -40.97 -14.94 29.39
N PRO D 136 -42.11 -14.88 30.09
CA PRO D 136 -43.40 -15.09 29.43
C PRO D 136 -44.06 -13.81 28.91
N GLY D 137 -43.51 -12.64 29.27
CA GLY D 137 -44.08 -11.37 28.87
C GLY D 137 -43.16 -10.57 27.95
N SER D 138 -43.64 -9.39 27.58
CA SER D 138 -42.87 -8.52 26.71
C SER D 138 -41.64 -7.98 27.43
N GLY D 139 -40.66 -7.57 26.62
CA GLY D 139 -39.42 -7.08 27.18
C GLY D 139 -38.66 -6.18 26.22
N PHE D 140 -37.41 -5.93 26.57
CA PHE D 140 -36.53 -5.07 25.79
C PHE D 140 -35.09 -5.37 26.21
N PHE D 141 -34.14 -4.64 25.65
CA PHE D 141 -32.77 -4.69 26.11
C PHE D 141 -32.69 -4.25 27.57
N SER D 142 -31.73 -4.84 28.30
CA SER D 142 -31.61 -4.61 29.74
C SER D 142 -30.76 -3.40 30.11
N ARG D 143 -30.06 -2.78 29.17
CA ARG D 143 -29.23 -1.63 29.49
C ARG D 143 -29.78 -0.33 28.93
N LEU D 144 -30.96 -0.35 28.31
CA LEU D 144 -31.55 0.84 27.69
C LEU D 144 -32.98 1.01 28.19
N ASN D 145 -33.48 2.23 28.01
CA ASN D 145 -34.76 2.65 28.53
C ASN D 145 -35.54 3.31 27.40
N TRP D 146 -36.67 2.72 27.03
CA TRP D 146 -37.49 3.19 25.94
C TRP D 146 -38.59 4.09 26.49
N LEU D 147 -38.46 5.39 26.24
CA LEU D 147 -39.40 6.39 26.72
C LEU D 147 -40.40 6.74 25.62
N THR D 148 -41.67 6.83 26.01
CA THR D 148 -42.76 7.17 25.12
C THR D 148 -43.59 8.28 25.76
N LYS D 149 -44.63 8.71 25.05
CA LYS D 149 -45.44 9.83 25.52
C LYS D 149 -46.22 9.43 26.77
N SER D 150 -46.48 10.42 27.62
CA SER D 150 -47.16 10.21 28.89
C SER D 150 -48.56 10.80 28.78
N GLY D 151 -49.52 9.95 28.41
CA GLY D 151 -50.90 10.36 28.27
C GLY D 151 -51.18 10.97 26.92
N SER D 152 -50.80 12.23 26.74
CA SER D 152 -51.07 12.94 25.50
C SER D 152 -49.95 13.86 25.04
N THR D 153 -48.81 13.90 25.72
CA THR D 153 -47.75 14.84 25.38
C THR D 153 -46.38 14.20 25.60
N TYR D 154 -45.38 14.81 24.96
CA TYR D 154 -43.99 14.39 25.07
C TYR D 154 -43.11 15.63 25.11
N PRO D 155 -42.75 16.09 26.31
CA PRO D 155 -41.99 17.33 26.42
C PRO D 155 -40.56 17.15 25.94
N VAL D 156 -39.80 18.24 25.88
CA VAL D 156 -38.42 18.19 25.43
C VAL D 156 -37.54 17.76 26.60
N LEU D 157 -37.07 16.52 26.56
CA LEU D 157 -36.19 16.04 27.61
C LEU D 157 -34.84 16.73 27.48
N ASN D 158 -34.30 17.16 28.61
CA ASN D 158 -33.01 17.85 28.65
C ASN D 158 -32.36 17.52 29.99
N VAL D 159 -31.36 16.64 29.96
CA VAL D 159 -30.77 16.12 31.18
C VAL D 159 -29.26 16.27 31.11
N THR D 160 -28.64 16.28 32.28
CA THR D 160 -27.21 16.51 32.40
C THR D 160 -26.62 15.49 33.37
N MET D 161 -25.34 15.20 33.19
CA MET D 161 -24.61 14.28 34.06
C MET D 161 -23.12 14.62 34.03
N PRO D 162 -22.54 15.05 35.14
CA PRO D 162 -21.11 15.39 35.17
C PRO D 162 -20.25 14.19 35.53
N ASN D 163 -18.99 14.28 35.14
CA ASN D 163 -18.00 13.24 35.39
C ASN D 163 -16.93 13.82 36.32
N ASN D 164 -17.01 13.48 37.60
CA ASN D 164 -16.06 13.95 38.58
C ASN D 164 -15.00 12.92 38.96
N ASP D 165 -15.07 11.72 38.39
CA ASP D 165 -14.12 10.66 38.72
C ASP D 165 -12.85 10.87 37.91
N ASN D 166 -11.97 9.86 37.88
CA ASN D 166 -10.71 9.94 37.16
C ASN D 166 -10.55 8.84 36.12
N PHE D 167 -11.67 8.39 35.54
CA PHE D 167 -11.62 7.42 34.45
C PHE D 167 -12.67 7.80 33.42
N ASP D 168 -12.58 7.17 32.25
CA ASP D 168 -13.52 7.44 31.18
C ASP D 168 -14.80 6.62 31.35
N LYS D 169 -15.90 7.17 30.86
CA LYS D 169 -17.21 6.54 30.91
C LYS D 169 -17.74 6.36 29.49
N LEU D 170 -18.29 5.19 29.23
CA LEU D 170 -18.85 4.87 27.92
C LEU D 170 -20.35 4.77 28.03
N TYR D 171 -21.05 5.64 27.31
CA TYR D 171 -22.51 5.66 27.28
C TYR D 171 -23.00 5.14 25.94
N ILE D 172 -24.01 4.27 26.00
CA ILE D 172 -24.61 3.68 24.81
C ILE D 172 -26.06 4.12 24.75
N TRP D 173 -26.44 4.76 23.65
CA TRP D 173 -27.79 5.24 23.44
C TRP D 173 -28.24 4.85 22.04
N GLY D 174 -29.46 5.25 21.70
CA GLY D 174 -29.98 4.88 20.39
C GLY D 174 -31.10 5.80 19.95
N ILE D 175 -31.55 5.54 18.73
CA ILE D 175 -32.67 6.27 18.13
C ILE D 175 -33.60 5.27 17.46
N HIS D 176 -34.89 5.58 17.49
CA HIS D 176 -35.93 4.68 17.01
C HIS D 176 -36.44 5.16 15.66
N HIS D 177 -36.32 4.32 14.64
CA HIS D 177 -36.84 4.64 13.33
C HIS D 177 -38.18 3.94 13.17
N PRO D 178 -39.30 4.66 13.16
CA PRO D 178 -40.61 4.00 13.04
C PRO D 178 -40.88 3.52 11.62
N SER D 179 -42.04 2.89 11.42
CA SER D 179 -42.39 2.31 10.14
C SER D 179 -43.35 3.18 9.34
N THR D 180 -44.37 3.73 10.00
CA THR D 180 -45.38 4.58 9.38
C THR D 180 -45.43 5.92 10.11
N ASN D 181 -46.25 6.82 9.58
CA ASN D 181 -46.46 8.13 10.16
C ASN D 181 -47.56 8.13 11.22
N GLN D 182 -48.24 7.01 11.47
CA GLN D 182 -49.23 6.92 12.53
C GLN D 182 -48.60 6.48 13.84
N GLU D 183 -47.65 5.57 13.74
CA GLU D 183 -46.98 5.07 14.93
C GLU D 183 -45.94 6.05 15.46
N GLN D 184 -45.51 7.00 14.63
CA GLN D 184 -44.64 8.07 15.14
C GLN D 184 -45.43 8.95 16.09
N THR D 185 -46.58 9.46 15.63
CA THR D 185 -47.38 10.34 16.47
C THR D 185 -48.17 9.59 17.53
N SER D 186 -48.24 8.26 17.45
CA SER D 186 -48.89 7.49 18.50
C SER D 186 -47.91 7.05 19.57
N LEU D 187 -46.61 7.20 19.30
CA LEU D 187 -45.57 6.92 20.27
C LEU D 187 -44.86 8.18 20.74
N TYR D 188 -44.69 9.15 19.85
CA TYR D 188 -44.12 10.46 20.15
C TYR D 188 -44.98 11.51 19.48
N VAL D 189 -45.68 12.33 20.29
CA VAL D 189 -46.70 13.22 19.76
C VAL D 189 -46.13 14.14 18.69
N GLN D 190 -44.81 14.32 18.68
CA GLN D 190 -44.18 15.18 17.68
C GLN D 190 -44.11 14.44 16.36
N ALA D 191 -44.31 15.17 15.27
CA ALA D 191 -44.27 14.56 13.95
C ALA D 191 -42.86 14.33 13.45
N SER D 192 -41.86 14.71 14.23
CA SER D 192 -40.47 14.49 13.90
C SER D 192 -39.65 14.50 15.18
N GLY D 193 -38.72 13.56 15.30
CA GLY D 193 -37.90 13.43 16.48
C GLY D 193 -36.49 13.95 16.21
N ARG D 194 -35.73 14.04 17.30
CA ARG D 194 -34.38 14.58 17.23
C ARG D 194 -33.67 14.32 18.55
N VAL D 195 -32.41 13.89 18.46
CA VAL D 195 -31.60 13.58 19.62
C VAL D 195 -30.26 14.29 19.49
N THR D 196 -29.91 15.07 20.50
CA THR D 196 -28.65 15.80 20.58
C THR D 196 -27.92 15.32 21.83
N VAL D 197 -26.68 14.90 21.66
CA VAL D 197 -25.84 14.47 22.76
C VAL D 197 -24.53 15.24 22.72
N SER D 198 -24.20 15.92 23.81
CA SER D 198 -23.09 16.87 23.76
C SER D 198 -22.22 16.71 24.99
N THR D 199 -20.91 16.79 24.77
CA THR D 199 -19.90 16.95 25.80
C THR D 199 -19.29 18.34 25.69
N ARG D 200 -18.27 18.61 26.50
CA ARG D 200 -17.63 19.92 26.44
C ARG D 200 -16.80 20.10 25.18
N ARG D 201 -16.62 19.05 24.38
CA ARG D 201 -15.76 19.16 23.21
C ARG D 201 -16.32 18.50 21.95
N SER D 202 -17.48 17.85 22.01
CA SER D 202 -18.03 17.20 20.83
C SER D 202 -19.55 17.19 20.93
N GLN D 203 -20.19 16.80 19.82
CA GLN D 203 -21.65 16.74 19.78
C GLN D 203 -22.08 15.83 18.63
N GLN D 204 -23.18 15.11 18.85
CA GLN D 204 -23.79 14.26 17.84
C GLN D 204 -25.29 14.49 17.84
N THR D 205 -25.86 14.83 16.69
CA THR D 205 -27.29 15.01 16.53
C THR D 205 -27.83 14.11 15.44
N ILE D 206 -28.85 13.33 15.78
CA ILE D 206 -29.47 12.35 14.89
C ILE D 206 -30.97 12.62 14.81
N ILE D 207 -31.54 12.40 13.63
CA ILE D 207 -32.97 12.57 13.40
C ILE D 207 -33.54 11.28 12.82
N PRO D 208 -34.64 10.76 13.37
CA PRO D 208 -35.19 9.50 12.88
C PRO D 208 -35.64 9.60 11.44
N ASN D 209 -35.54 8.47 10.75
CA ASN D 209 -35.86 8.36 9.33
C ASN D 209 -37.06 7.43 9.20
N ILE D 210 -38.24 8.02 9.02
CA ILE D 210 -39.47 7.25 8.89
C ILE D 210 -39.47 6.55 7.53
N GLY D 211 -39.84 5.28 7.53
CA GLY D 211 -39.87 4.51 6.30
C GLY D 211 -40.15 3.06 6.61
N SER D 212 -40.30 2.29 5.54
CA SER D 212 -40.55 0.86 5.66
C SER D 212 -39.26 0.09 5.45
N ARG D 213 -39.15 -1.02 6.15
CA ARG D 213 -38.00 -1.91 6.14
C ARG D 213 -38.44 -3.34 5.89
N PRO D 214 -37.50 -4.23 5.59
CA PRO D 214 -37.86 -5.65 5.49
C PRO D 214 -38.41 -6.16 6.82
N TRP D 215 -39.33 -7.11 6.73
CA TRP D 215 -39.93 -7.67 7.93
C TRP D 215 -38.86 -8.50 8.63
N VAL D 216 -38.56 -8.18 9.88
CA VAL D 216 -37.59 -8.96 10.66
C VAL D 216 -38.18 -9.35 12.02
N ARG D 217 -38.49 -10.63 12.19
CA ARG D 217 -39.05 -11.18 13.43
C ARG D 217 -40.40 -10.56 13.78
N GLY D 218 -41.08 -9.96 12.79
CA GLY D 218 -42.40 -9.42 13.02
C GLY D 218 -42.43 -7.92 13.13
N LEU D 219 -41.36 -7.21 12.80
CA LEU D 219 -41.28 -5.77 12.95
C LEU D 219 -40.68 -5.17 11.69
N SER D 220 -41.10 -3.96 11.36
CA SER D 220 -40.51 -3.19 10.26
C SER D 220 -39.91 -1.87 10.73
N SER D 221 -39.83 -1.64 12.04
CA SER D 221 -39.13 -0.51 12.60
C SER D 221 -37.68 -0.89 12.87
N ARG D 222 -36.86 0.10 13.19
CA ARG D 222 -35.46 -0.18 13.44
C ARG D 222 -34.97 0.65 14.62
N ILE D 223 -33.78 0.32 15.10
CA ILE D 223 -33.09 1.07 16.13
C ILE D 223 -31.65 1.26 15.69
N SER D 224 -31.15 2.48 15.79
CA SER D 224 -29.76 2.76 15.52
C SER D 224 -29.04 3.02 16.83
N ILE D 225 -27.84 2.46 16.96
CA ILE D 225 -27.11 2.44 18.22
C ILE D 225 -25.89 3.33 18.08
N TYR D 226 -25.73 4.24 19.03
CA TYR D 226 -24.59 5.14 19.07
C TYR D 226 -23.96 5.09 20.46
N TRP D 227 -22.76 5.65 20.55
CA TRP D 227 -22.01 5.64 21.79
C TRP D 227 -21.27 6.95 21.95
N THR D 228 -20.94 7.24 23.20
CA THR D 228 -20.27 8.47 23.58
C THR D 228 -19.23 8.13 24.64
N ILE D 229 -18.13 8.89 24.65
CA ILE D 229 -17.06 8.70 25.61
C ILE D 229 -16.88 10.02 26.36
N VAL D 230 -16.99 9.95 27.68
CA VAL D 230 -16.86 11.11 28.55
C VAL D 230 -15.58 10.95 29.36
N LYS D 231 -14.71 11.93 29.26
CA LYS D 231 -13.42 11.92 29.94
C LYS D 231 -13.52 12.62 31.28
N PRO D 232 -12.59 12.34 32.20
CA PRO D 232 -12.69 12.92 33.55
C PRO D 232 -12.65 14.44 33.51
N GLY D 233 -13.58 15.07 34.24
CA GLY D 233 -13.74 16.50 34.24
C GLY D 233 -14.80 17.02 33.28
N ASP D 234 -15.39 16.16 32.44
CA ASP D 234 -16.35 16.62 31.46
C ASP D 234 -17.77 16.57 32.03
N VAL D 235 -18.75 16.75 31.14
CA VAL D 235 -20.16 16.74 31.45
C VAL D 235 -20.88 16.30 30.18
N LEU D 236 -22.04 15.66 30.34
CA LEU D 236 -22.84 15.20 29.22
C LEU D 236 -24.22 15.83 29.32
N VAL D 237 -24.74 16.33 28.19
CA VAL D 237 -26.08 16.89 28.13
C VAL D 237 -26.81 16.21 26.99
N ILE D 238 -28.03 15.74 27.27
CA ILE D 238 -28.88 15.06 26.31
C ILE D 238 -30.16 15.86 26.13
N ASN D 239 -30.45 16.24 24.90
CA ASN D 239 -31.66 16.98 24.54
C ASN D 239 -32.42 16.19 23.49
N SER D 240 -33.74 16.14 23.62
CA SER D 240 -34.53 15.34 22.69
C SER D 240 -35.99 15.73 22.77
N ASN D 241 -36.72 15.40 21.71
CA ASN D 241 -38.17 15.57 21.68
C ASN D 241 -38.84 14.39 20.98
N GLY D 242 -38.24 13.21 21.08
CA GLY D 242 -38.81 11.99 20.53
C GLY D 242 -37.79 11.07 19.89
N ASN D 243 -38.11 9.77 19.90
CA ASN D 243 -37.31 8.73 19.25
C ASN D 243 -35.92 8.63 19.89
N LEU D 244 -35.92 8.44 21.21
CA LEU D 244 -34.70 8.32 22.00
C LEU D 244 -34.75 7.01 22.77
N ILE D 245 -33.70 6.21 22.61
CA ILE D 245 -33.50 5.00 23.43
C ILE D 245 -32.42 5.35 24.45
N ALA D 246 -32.84 5.78 25.63
CA ALA D 246 -31.95 6.33 26.63
C ALA D 246 -31.06 5.25 27.25
N PRO D 247 -29.92 5.64 27.81
CA PRO D 247 -29.09 4.70 28.56
C PRO D 247 -29.57 4.60 30.01
N ARG D 248 -29.05 3.59 30.70
CA ARG D 248 -29.33 3.38 32.11
C ARG D 248 -28.11 3.61 33.00
N GLY D 249 -26.94 3.77 32.41
CA GLY D 249 -25.72 3.96 33.17
C GLY D 249 -24.53 4.01 32.24
N TYR D 250 -23.38 3.60 32.76
CA TYR D 250 -22.14 3.65 31.99
C TYR D 250 -21.33 2.40 32.25
N PHE D 251 -20.53 2.02 31.26
CA PHE D 251 -19.54 0.97 31.43
C PHE D 251 -18.22 1.60 31.83
N LYS D 252 -17.47 0.89 32.68
CA LYS D 252 -16.15 1.37 33.07
C LYS D 252 -15.14 0.96 32.01
N MET D 253 -14.31 1.92 31.62
CA MET D 253 -13.35 1.73 30.54
C MET D 253 -11.95 1.53 31.09
N ARG D 254 -11.31 0.46 30.65
CA ARG D 254 -9.97 0.10 31.09
C ARG D 254 -9.05 0.02 29.88
N THR D 255 -7.76 -0.13 30.15
CA THR D 255 -6.75 -0.33 29.12
C THR D 255 -5.84 -1.48 29.52
N GLY D 256 -5.57 -2.38 28.59
CA GLY D 256 -4.70 -3.51 28.87
C GLY D 256 -4.43 -4.40 27.69
N LYS D 257 -4.32 -5.70 27.93
CA LYS D 257 -4.12 -6.70 26.89
C LYS D 257 -5.38 -7.53 26.76
N SER D 258 -6.15 -7.25 25.71
CA SER D 258 -7.39 -7.97 25.42
C SER D 258 -7.68 -7.82 23.94
N SER D 259 -8.39 -8.80 23.38
CA SER D 259 -8.71 -8.80 21.96
C SER D 259 -9.87 -9.76 21.73
N ILE D 260 -10.17 -10.02 20.46
CA ILE D 260 -11.28 -10.87 20.07
C ILE D 260 -10.85 -11.71 18.87
N MET D 261 -11.44 -12.89 18.76
CA MET D 261 -11.03 -13.85 17.74
C MET D 261 -12.22 -14.74 17.39
N ARG D 262 -12.46 -14.90 16.10
CA ARG D 262 -13.52 -15.77 15.59
C ARG D 262 -12.96 -17.18 15.39
N SER D 263 -13.55 -18.16 16.07
CA SER D 263 -13.05 -19.52 15.99
C SER D 263 -14.15 -20.47 16.43
N ASP D 264 -14.17 -21.63 15.83
CA ASP D 264 -15.16 -22.65 16.18
C ASP D 264 -14.50 -23.87 16.80
N ALA D 265 -13.43 -23.67 17.57
CA ALA D 265 -12.71 -24.75 18.22
C ALA D 265 -13.12 -24.89 19.68
N PRO D 266 -13.21 -26.13 20.17
CA PRO D 266 -13.59 -26.34 21.57
C PRO D 266 -12.50 -25.88 22.52
N ILE D 267 -12.83 -25.91 23.80
CA ILE D 267 -11.95 -25.40 24.85
C ILE D 267 -11.60 -26.54 25.80
N ASP D 268 -10.30 -26.72 26.04
CA ASP D 268 -9.76 -27.73 26.93
C ASP D 268 -8.96 -27.04 28.02
N THR D 269 -8.31 -27.84 28.86
CA THR D 269 -7.60 -27.35 30.04
C THR D 269 -6.10 -27.59 29.92
N CYS D 270 -5.57 -27.35 28.72
CA CYS D 270 -4.10 -27.48 28.51
C CYS D 270 -3.43 -26.12 28.75
N ILE D 271 -2.16 -26.03 28.37
CA ILE D 271 -1.32 -24.85 28.53
C ILE D 271 -0.60 -24.58 27.21
N SER D 272 -0.79 -23.39 26.66
CA SER D 272 -0.13 -22.96 25.44
C SER D 272 -0.12 -21.44 25.43
N GLU D 273 0.92 -20.87 24.82
CA GLU D 273 1.05 -19.43 24.87
C GLU D 273 0.53 -18.69 23.64
N CYS D 274 0.19 -19.37 22.55
CA CYS D 274 -0.32 -18.71 21.37
C CYS D 274 -1.68 -19.30 21.03
N ILE D 275 -2.58 -18.47 20.53
CA ILE D 275 -3.93 -18.90 20.20
C ILE D 275 -4.27 -18.32 18.84
N THR D 276 -4.62 -19.21 17.91
CA THR D 276 -5.09 -18.96 16.56
C THR D 276 -6.50 -19.51 16.41
N PRO D 277 -7.25 -19.03 15.41
CA PRO D 277 -8.60 -19.57 15.18
C PRO D 277 -8.63 -21.07 14.93
N ASN D 278 -7.48 -21.71 14.73
CA ASN D 278 -7.43 -23.16 14.62
C ASN D 278 -7.19 -23.87 15.95
N GLY D 279 -6.83 -23.14 16.99
CA GLY D 279 -6.44 -23.75 18.23
C GLY D 279 -5.12 -23.22 18.73
N SER D 280 -4.65 -23.84 19.81
CA SER D 280 -3.39 -23.47 20.44
C SER D 280 -2.24 -24.14 19.71
N ILE D 281 -1.14 -23.41 19.55
CA ILE D 281 0.03 -23.98 18.91
C ILE D 281 1.24 -23.84 19.83
N PRO D 282 2.11 -24.85 19.90
CA PRO D 282 3.34 -24.70 20.67
C PRO D 282 4.24 -23.63 20.06
N ASN D 283 5.19 -23.15 20.86
CA ASN D 283 6.05 -22.05 20.44
C ASN D 283 7.50 -22.37 20.72
N ASP D 284 7.92 -23.58 20.34
CA ASP D 284 9.32 -23.96 20.42
C ASP D 284 10.12 -23.63 19.17
N LYS D 285 9.45 -23.48 18.04
CA LYS D 285 10.01 -23.19 16.73
C LYS D 285 9.83 -21.72 16.39
N PRO D 286 10.71 -21.13 15.57
CA PRO D 286 10.61 -19.70 15.29
C PRO D 286 9.52 -19.35 14.30
N PHE D 287 9.08 -20.30 13.49
CA PHE D 287 8.14 -20.01 12.40
C PHE D 287 6.93 -20.92 12.51
N GLN D 288 5.86 -20.51 11.83
CA GLN D 288 4.58 -21.20 11.86
C GLN D 288 3.90 -20.94 10.53
N ASN D 289 3.08 -21.89 10.08
CA ASN D 289 2.36 -21.76 8.84
C ASN D 289 0.90 -22.14 9.01
N VAL D 290 0.24 -21.57 10.01
CA VAL D 290 -1.15 -21.88 10.31
C VAL D 290 -2.05 -20.67 10.06
N ASN D 291 -1.80 -19.56 10.76
CA ASN D 291 -2.60 -18.37 10.56
C ASN D 291 -1.80 -17.12 10.84
N LYS D 292 -2.13 -16.05 10.13
CA LYS D 292 -1.51 -14.75 10.31
C LYS D 292 -2.22 -13.91 11.37
N ILE D 293 -3.32 -14.43 11.92
CA ILE D 293 -4.02 -13.80 13.04
C ILE D 293 -3.63 -14.59 14.27
N THR D 294 -3.05 -13.93 15.27
CA THR D 294 -2.45 -14.64 16.38
C THR D 294 -2.61 -13.87 17.68
N TYR D 295 -2.63 -14.60 18.79
CA TYR D 295 -2.68 -13.97 20.12
C TYR D 295 -1.68 -14.64 21.05
N GLY D 296 -0.91 -13.82 21.73
CA GLY D 296 0.08 -14.19 22.73
C GLY D 296 1.50 -14.05 22.19
N ALA D 297 2.42 -14.79 22.80
CA ALA D 297 3.80 -14.79 22.29
C ALA D 297 4.02 -15.91 21.27
N CYS D 298 3.47 -15.66 20.06
CA CYS D 298 3.37 -16.67 18.97
C CYS D 298 4.59 -16.56 18.05
N PRO D 299 4.83 -17.52 17.13
CA PRO D 299 5.91 -17.39 16.15
C PRO D 299 5.35 -16.74 14.88
N LYS D 300 6.21 -16.09 14.09
CA LYS D 300 5.76 -15.35 12.92
C LYS D 300 5.28 -16.22 11.77
N TYR D 301 4.28 -15.68 11.05
CA TYR D 301 3.64 -16.33 9.92
C TYR D 301 4.42 -16.16 8.63
N VAL D 302 4.81 -17.29 8.05
CA VAL D 302 5.52 -17.31 6.78
C VAL D 302 4.61 -18.00 5.76
N LYS D 303 4.96 -17.87 4.49
CA LYS D 303 4.17 -18.49 3.45
C LYS D 303 4.68 -19.88 3.07
N GLN D 304 5.91 -20.20 3.46
CA GLN D 304 6.51 -21.50 3.17
C GLN D 304 6.01 -22.55 4.16
N ASN D 305 5.92 -23.79 3.67
CA ASN D 305 5.46 -24.91 4.54
C ASN D 305 6.66 -25.57 5.20
N THR D 306 7.51 -26.23 4.41
CA THR D 306 8.69 -26.95 4.99
C THR D 306 9.95 -26.11 4.81
N LEU D 307 10.51 -25.61 5.92
CA LEU D 307 11.85 -25.05 5.96
C LEU D 307 12.70 -25.86 6.93
N LYS D 308 13.73 -26.51 6.40
CA LYS D 308 14.58 -27.41 7.16
C LYS D 308 15.94 -26.78 7.42
N LEU D 309 16.41 -26.89 8.65
CA LEU D 309 17.69 -26.36 9.07
C LEU D 309 18.65 -27.52 9.33
N ALA D 310 19.84 -27.45 8.73
CA ALA D 310 20.81 -28.52 8.86
C ALA D 310 21.50 -28.44 10.21
N THR D 311 21.60 -29.58 10.90
CA THR D 311 22.34 -29.64 12.15
C THR D 311 23.43 -30.70 12.10
N GLY D 312 23.96 -30.96 10.90
CA GLY D 312 25.04 -31.93 10.74
C GLY D 312 25.85 -31.68 9.49
N MET D 313 26.19 -32.77 8.80
CA MET D 313 27.14 -32.77 7.69
C MET D 313 26.44 -33.34 6.47
N ARG D 314 27.12 -33.28 5.33
CA ARG D 314 26.53 -33.82 4.12
C ARG D 314 26.35 -35.33 4.21
N ASN D 315 25.41 -35.82 3.42
CA ASN D 315 25.10 -37.25 3.38
C ASN D 315 25.96 -38.03 2.42
N VAL D 316 26.70 -37.38 1.54
CA VAL D 316 27.52 -38.08 0.56
C VAL D 316 28.91 -37.44 0.50
N PRO D 317 29.97 -38.22 0.27
CA PRO D 317 31.30 -37.64 0.11
C PRO D 317 31.41 -36.87 -1.19
N GLU D 318 32.48 -36.11 -1.29
CA GLU D 318 32.80 -35.32 -2.49
C GLU D 318 31.67 -34.35 -2.86
N ASP E 37 -61.23 25.67 -7.87
CA ASP E 37 -61.45 26.09 -6.49
C ASP E 37 -60.17 26.58 -5.84
N LEU E 38 -60.26 27.72 -5.14
CA LEU E 38 -59.09 28.25 -4.46
C LEU E 38 -58.65 27.33 -3.34
N LYS E 39 -59.58 26.57 -2.75
CA LYS E 39 -59.21 25.62 -1.71
C LYS E 39 -58.37 24.49 -2.29
N SER E 40 -58.72 24.02 -3.49
CA SER E 40 -57.91 23.00 -4.14
C SER E 40 -56.52 23.52 -4.45
N THR E 41 -56.43 24.77 -4.93
CA THR E 41 -55.13 25.36 -5.19
C THR E 41 -54.31 25.49 -3.91
N GLN E 42 -54.96 25.85 -2.80
CA GLN E 42 -54.24 25.97 -1.54
C GLN E 42 -53.77 24.61 -1.04
N ALA E 43 -54.59 23.58 -1.24
CA ALA E 43 -54.17 22.22 -0.87
C ALA E 43 -53.00 21.79 -1.72
N ALA E 44 -53.02 22.13 -3.01
CA ALA E 44 -51.88 21.84 -3.87
C ALA E 44 -50.64 22.56 -3.38
N ILE E 45 -50.79 23.82 -2.96
CA ILE E 45 -49.67 24.57 -2.41
C ILE E 45 -49.13 23.86 -1.18
N ASP E 46 -50.03 23.42 -0.30
CA ASP E 46 -49.60 22.75 0.92
C ASP E 46 -48.84 21.46 0.60
N GLN E 47 -49.34 20.67 -0.33
CA GLN E 47 -48.70 19.39 -0.61
C GLN E 47 -47.39 19.57 -1.34
N ILE E 48 -47.30 20.56 -2.24
CA ILE E 48 -46.03 20.80 -2.89
C ILE E 48 -45.03 21.35 -1.89
N ASN E 49 -45.47 22.15 -0.94
CA ASN E 49 -44.57 22.62 0.10
C ASN E 49 -44.09 21.46 0.96
N GLY E 50 -44.99 20.52 1.25
CA GLY E 50 -44.60 19.33 1.98
C GLY E 50 -43.55 18.53 1.24
N LYS E 51 -43.78 18.31 -0.06
CA LYS E 51 -42.79 17.61 -0.87
C LYS E 51 -41.48 18.37 -0.93
N LEU E 52 -41.57 19.70 -0.95
CA LEU E 52 -40.37 20.53 -0.95
C LEU E 52 -39.56 20.33 0.31
N ASN E 53 -40.23 20.41 1.47
CA ASN E 53 -39.53 20.17 2.73
C ASN E 53 -38.97 18.75 2.76
N ARG E 54 -39.73 17.79 2.23
CA ARG E 54 -39.27 16.40 2.20
C ARG E 54 -37.96 16.28 1.43
N VAL E 55 -37.95 16.79 0.19
CA VAL E 55 -36.75 16.64 -0.62
C VAL E 55 -35.61 17.46 -0.02
N ILE E 56 -35.92 18.58 0.62
CA ILE E 56 -34.88 19.37 1.26
C ILE E 56 -34.19 18.57 2.35
N GLU E 57 -34.98 18.06 3.30
CA GLU E 57 -34.37 17.32 4.40
C GLU E 57 -33.71 16.04 3.91
N LYS E 58 -34.29 15.40 2.89
CA LYS E 58 -33.69 14.18 2.36
C LYS E 58 -32.33 14.48 1.75
N THR E 59 -32.25 15.51 0.91
CA THR E 59 -30.97 15.89 0.33
C THR E 59 -29.97 16.25 1.42
N ASN E 60 -30.44 16.93 2.46
CA ASN E 60 -29.54 17.33 3.54
C ASN E 60 -28.94 16.11 4.22
N GLU E 61 -29.79 15.17 4.63
CA GLU E 61 -29.28 14.00 5.33
C GLU E 61 -28.43 13.13 4.42
N LYS E 62 -28.77 13.07 3.13
CA LYS E 62 -27.95 12.30 2.21
C LYS E 62 -26.57 12.93 2.09
N PHE E 63 -26.51 14.27 2.00
CA PHE E 63 -25.22 14.94 1.93
C PHE E 63 -24.42 14.72 3.20
N HIS E 64 -25.09 14.74 4.35
CA HIS E 64 -24.40 14.46 5.61
C HIS E 64 -23.81 13.05 5.58
N GLN E 65 -24.59 12.07 5.16
CA GLN E 65 -24.08 10.71 5.03
C GLN E 65 -22.88 10.68 4.10
N ILE E 66 -22.99 11.39 2.98
CA ILE E 66 -21.93 11.37 1.97
C ILE E 66 -20.63 11.96 2.53
N GLU E 67 -20.73 13.07 3.24
CA GLU E 67 -19.52 13.67 3.79
C GLU E 67 -18.93 12.80 4.89
N LYS E 68 -19.78 12.12 5.65
CA LYS E 68 -19.28 11.18 6.64
C LYS E 68 -18.51 10.05 5.96
N GLU E 69 -19.08 9.53 4.88
CA GLU E 69 -18.43 8.46 4.17
C GLU E 69 -17.11 8.93 3.57
N PHE E 70 -17.09 10.18 3.09
CA PHE E 70 -15.88 10.77 2.54
C PHE E 70 -14.79 10.80 3.62
N SER E 71 -15.16 11.26 4.81
CA SER E 71 -14.20 11.35 5.90
C SER E 71 -13.66 9.97 6.29
N GLU E 72 -14.55 8.97 6.36
CA GLU E 72 -14.09 7.66 6.77
C GLU E 72 -13.19 7.04 5.71
N VAL E 73 -13.49 7.27 4.44
CA VAL E 73 -12.63 6.75 3.38
C VAL E 73 -11.28 7.45 3.42
N GLU E 74 -11.27 8.75 3.68
CA GLU E 74 -10.02 9.48 3.82
C GLU E 74 -9.18 8.89 4.94
N GLY E 75 -9.81 8.63 6.09
CA GLY E 75 -9.10 8.02 7.19
C GLY E 75 -8.57 6.64 6.87
N ARG E 76 -9.36 5.86 6.12
CA ARG E 76 -8.89 4.54 5.71
C ARG E 76 -7.65 4.65 4.85
N ILE E 77 -7.66 5.56 3.88
CA ILE E 77 -6.48 5.76 3.04
C ILE E 77 -5.31 6.23 3.87
N GLN E 78 -5.57 7.05 4.88
CA GLN E 78 -4.51 7.55 5.75
C GLN E 78 -3.84 6.40 6.49
N ASP E 79 -4.63 5.54 7.13
CA ASP E 79 -4.02 4.44 7.87
C ASP E 79 -3.38 3.44 6.92
N LEU E 80 -3.89 3.31 5.71
CA LEU E 80 -3.23 2.46 4.73
C LEU E 80 -1.86 3.00 4.37
N GLU E 81 -1.76 4.32 4.17
CA GLU E 81 -0.47 4.94 3.94
C GLU E 81 0.47 4.68 5.10
N LYS E 82 -0.04 4.84 6.32
CA LYS E 82 0.78 4.60 7.51
C LYS E 82 1.29 3.16 7.53
N TYR E 83 0.42 2.21 7.21
CA TYR E 83 0.83 0.81 7.20
C TYR E 83 1.89 0.56 6.14
N VAL E 84 1.74 1.16 4.97
CA VAL E 84 2.73 0.99 3.91
C VAL E 84 4.07 1.55 4.35
N GLU E 85 4.06 2.74 4.94
CA GLU E 85 5.31 3.35 5.40
C GLU E 85 5.96 2.50 6.48
N ASP E 86 5.16 1.99 7.41
CA ASP E 86 5.71 1.17 8.48
C ASP E 86 6.33 -0.10 7.90
N THR E 87 5.65 -0.73 6.94
CA THR E 87 6.19 -1.93 6.31
C THR E 87 7.51 -1.64 5.62
N LYS E 88 7.57 -0.54 4.85
CA LYS E 88 8.80 -0.19 4.15
C LYS E 88 9.94 0.05 5.13
N ILE E 89 9.65 0.76 6.22
CA ILE E 89 10.67 1.07 7.21
C ILE E 89 11.20 -0.22 7.84
N ASP E 90 10.28 -1.10 8.24
CA ASP E 90 10.69 -2.37 8.85
C ASP E 90 11.55 -3.17 7.90
N LEU E 91 11.14 -3.26 6.63
CA LEU E 91 11.87 -4.07 5.67
C LEU E 91 13.26 -3.51 5.42
N TRP E 92 13.36 -2.20 5.24
CA TRP E 92 14.68 -1.61 4.98
C TRP E 92 15.58 -1.75 6.20
N SER E 93 15.02 -1.58 7.40
CA SER E 93 15.82 -1.73 8.60
C SER E 93 16.32 -3.16 8.74
N TYR E 94 15.46 -4.14 8.46
CA TYR E 94 15.90 -5.53 8.54
C TYR E 94 16.95 -5.82 7.48
N ASN E 95 16.82 -5.22 6.30
CA ASN E 95 17.84 -5.37 5.28
C ASN E 95 19.17 -4.84 5.77
N ALA E 96 19.16 -3.67 6.40
CA ALA E 96 20.40 -3.11 6.92
C ALA E 96 21.00 -3.99 8.00
N GLU E 97 20.12 -4.54 8.86
CA GLU E 97 20.56 -5.41 9.98
C GLU E 97 21.23 -6.66 9.40
N LEU E 98 20.60 -7.28 8.40
CA LEU E 98 21.15 -8.47 7.77
C LEU E 98 22.46 -8.15 7.05
N LEU E 99 22.52 -7.00 6.40
CA LEU E 99 23.73 -6.60 5.70
C LEU E 99 24.90 -6.47 6.67
N VAL E 100 24.71 -5.72 7.75
CA VAL E 100 25.80 -5.53 8.70
C VAL E 100 26.14 -6.86 9.37
N ALA E 101 25.15 -7.73 9.55
CA ALA E 101 25.43 -9.04 10.13
C ALA E 101 26.31 -9.87 9.22
N LEU E 102 26.00 -9.87 7.92
CA LEU E 102 26.82 -10.61 6.97
C LEU E 102 28.24 -10.05 6.95
N GLU E 103 28.36 -8.73 6.99
CA GLU E 103 29.68 -8.11 6.98
C GLU E 103 30.46 -8.50 8.23
N ASN E 104 29.80 -8.46 9.39
CA ASN E 104 30.47 -8.85 10.63
C ASN E 104 30.91 -10.30 10.58
N GLN E 105 30.05 -11.18 10.05
CA GLN E 105 30.40 -12.59 9.96
C GLN E 105 31.62 -12.77 9.08
N HIS E 106 31.64 -12.13 7.92
CA HIS E 106 32.78 -12.25 7.03
C HIS E 106 34.06 -11.76 7.70
N THR E 107 34.00 -10.59 8.34
CA THR E 107 35.17 -10.04 9.00
C THR E 107 35.69 -10.95 10.09
N ILE E 108 34.80 -11.42 10.96
CA ILE E 108 35.21 -12.29 12.05
C ILE E 108 35.82 -13.57 11.50
N ASP E 109 35.20 -14.13 10.47
CA ASP E 109 35.70 -15.37 9.90
C ASP E 109 37.10 -15.17 9.35
N LEU E 110 37.32 -14.13 8.55
CA LEU E 110 38.64 -13.94 7.98
C LEU E 110 39.68 -13.70 9.07
N THR E 111 39.35 -12.87 10.07
CA THR E 111 40.37 -12.52 11.05
C THR E 111 40.71 -13.71 11.94
N ASP E 112 39.71 -14.48 12.37
CA ASP E 112 40.03 -15.60 13.25
C ASP E 112 40.68 -16.74 12.48
N SER E 113 40.35 -16.88 11.18
CA SER E 113 41.02 -17.87 10.37
C SER E 113 42.50 -17.54 10.22
N GLU E 114 42.82 -16.29 9.88
CA GLU E 114 44.23 -15.94 9.75
C GLU E 114 44.93 -15.97 11.10
N MET E 115 44.21 -15.71 12.18
CA MET E 115 44.80 -15.82 13.50
C MET E 115 45.17 -17.26 13.82
N ASN E 116 44.26 -18.20 13.52
CA ASN E 116 44.57 -19.61 13.70
C ASN E 116 45.73 -20.03 12.81
N LYS E 117 45.80 -19.47 11.60
CA LYS E 117 46.90 -19.78 10.69
C LYS E 117 48.24 -19.37 11.30
N LEU E 118 48.34 -18.12 11.74
CA LEU E 118 49.60 -17.67 12.32
C LEU E 118 49.91 -18.40 13.61
N PHE E 119 48.88 -18.76 14.39
CA PHE E 119 49.11 -19.50 15.62
C PHE E 119 49.67 -20.88 15.31
N GLU E 120 49.15 -21.54 14.27
CA GLU E 120 49.72 -22.82 13.86
C GLU E 120 51.14 -22.66 13.36
N LYS E 121 51.41 -21.56 12.66
CA LYS E 121 52.78 -21.28 12.22
C LYS E 121 53.73 -21.17 13.40
N THR E 122 53.34 -20.40 14.41
CA THR E 122 54.14 -20.28 15.63
C THR E 122 54.33 -21.63 16.29
N ARG E 123 53.24 -22.38 16.46
CA ARG E 123 53.31 -23.71 17.06
C ARG E 123 54.26 -24.61 16.29
N ARG E 124 54.32 -24.44 14.98
CA ARG E 124 55.29 -25.19 14.18
C ARG E 124 56.71 -24.77 14.51
N GLN E 125 56.98 -23.46 14.48
CA GLN E 125 58.30 -22.97 14.82
C GLN E 125 58.61 -23.09 16.31
N LEU E 126 57.57 -23.13 17.15
CA LEU E 126 57.72 -23.37 18.58
C LEU E 126 57.38 -24.83 18.85
N ARG E 127 58.36 -25.69 18.64
CA ARG E 127 58.13 -27.13 18.73
C ARG E 127 58.36 -27.68 20.13
N GLU E 128 59.58 -27.54 20.66
CA GLU E 128 59.95 -28.15 21.93
C GLU E 128 60.71 -27.16 22.82
N ASN E 129 60.22 -25.93 22.91
CA ASN E 129 60.74 -24.96 23.87
C ASN E 129 59.66 -24.49 24.84
N ALA E 130 58.50 -24.09 24.33
CA ALA E 130 57.37 -23.67 25.14
C ALA E 130 56.19 -24.59 24.85
N GLU E 131 55.09 -24.40 25.58
CA GLU E 131 53.90 -25.22 25.38
C GLU E 131 52.64 -24.37 25.52
N GLU E 132 51.69 -24.59 24.62
CA GLU E 132 50.44 -23.84 24.68
C GLU E 132 49.63 -24.26 25.90
N MET E 133 48.98 -23.27 26.52
CA MET E 133 48.21 -23.52 27.73
C MET E 133 46.76 -23.93 27.45
N GLY E 134 46.24 -23.62 26.27
CA GLY E 134 44.88 -24.00 25.94
C GLY E 134 44.05 -22.87 25.38
N ASN E 135 44.55 -21.63 25.53
CA ASN E 135 43.87 -20.44 25.03
C ASN E 135 44.64 -19.80 23.89
N GLY E 136 45.41 -20.59 23.15
CA GLY E 136 46.21 -20.06 22.06
C GLY E 136 47.43 -19.28 22.52
N CYS E 137 47.92 -19.55 23.73
CA CYS E 137 49.05 -18.83 24.29
C CYS E 137 50.09 -19.83 24.77
N PHE E 138 51.35 -19.54 24.49
CA PHE E 138 52.46 -20.42 24.82
C PHE E 138 53.13 -19.97 26.11
N LYS E 139 53.10 -20.84 27.12
CA LYS E 139 53.90 -20.67 28.32
C LYS E 139 55.32 -21.13 28.02
N ILE E 140 56.28 -20.24 28.23
CA ILE E 140 57.69 -20.51 27.95
C ILE E 140 58.34 -21.02 29.23
N TYR E 141 59.11 -22.11 29.11
CA TYR E 141 59.76 -22.72 30.25
C TYR E 141 61.12 -22.12 30.55
N HIS E 142 61.78 -21.54 29.56
CA HIS E 142 63.10 -20.94 29.73
C HIS E 142 63.03 -19.43 29.54
N LYS E 143 64.14 -18.76 29.84
CA LYS E 143 64.27 -17.32 29.71
C LYS E 143 65.15 -16.98 28.53
N CYS E 144 64.74 -15.98 27.75
CA CYS E 144 65.53 -15.52 26.62
C CYS E 144 65.33 -14.02 26.47
N ASP E 145 66.39 -13.34 26.04
CA ASP E 145 66.34 -11.90 25.86
C ASP E 145 65.39 -11.54 24.72
N ASN E 146 65.13 -10.23 24.57
CA ASN E 146 64.20 -9.78 23.55
C ASN E 146 64.60 -10.19 22.15
N ALA E 147 65.88 -10.55 21.95
CA ALA E 147 66.29 -11.08 20.65
C ALA E 147 65.50 -12.34 20.29
N CYS E 148 65.17 -13.16 21.28
CA CYS E 148 64.39 -14.36 20.99
C CYS E 148 62.97 -13.99 20.56
N ILE E 149 62.37 -12.99 21.22
CA ILE E 149 61.04 -12.55 20.84
C ILE E 149 61.06 -11.96 19.43
N GLU E 150 62.11 -11.23 19.10
CA GLU E 150 62.26 -10.70 17.74
C GLU E 150 62.37 -11.83 16.73
N SER E 151 63.18 -12.85 17.05
CA SER E 151 63.32 -13.99 16.16
C SER E 151 62.01 -14.74 15.98
N ILE E 152 61.18 -14.79 17.03
CA ILE E 152 59.86 -15.38 16.91
C ILE E 152 58.99 -14.53 16.00
N ARG E 153 59.03 -13.21 16.16
CA ARG E 153 58.15 -12.33 15.39
C ARG E 153 58.54 -12.26 13.93
N ASN E 154 59.77 -12.63 13.58
CA ASN E 154 60.20 -12.65 12.19
C ASN E 154 60.26 -14.05 11.61
N GLY E 155 59.87 -15.07 12.38
CA GLY E 155 59.80 -16.42 11.87
C GLY E 155 61.11 -17.12 11.64
N THR E 156 62.22 -16.55 12.12
CA THR E 156 63.55 -17.17 12.00
C THR E 156 64.01 -17.55 13.39
N TYR E 157 63.70 -18.79 13.80
CA TYR E 157 63.99 -19.23 15.15
C TYR E 157 64.50 -20.66 15.16
N ASP E 158 65.46 -20.91 16.06
CA ASP E 158 66.00 -22.24 16.30
C ASP E 158 65.71 -22.60 17.75
N HIS E 159 64.79 -23.55 17.95
CA HIS E 159 64.40 -23.97 19.29
C HIS E 159 65.32 -25.04 19.86
N ASP E 160 66.52 -25.17 19.31
CA ASP E 160 67.50 -26.13 19.81
C ASP E 160 68.48 -25.52 20.81
N VAL E 161 68.77 -24.22 20.70
CA VAL E 161 69.71 -23.61 21.64
C VAL E 161 69.15 -23.64 23.05
N TYR E 162 67.83 -23.62 23.19
CA TYR E 162 67.17 -23.61 24.50
C TYR E 162 66.29 -24.83 24.72
N ARG E 163 66.34 -25.83 23.83
CA ARG E 163 65.54 -27.02 24.04
C ARG E 163 66.01 -27.79 25.26
N ASP E 164 67.32 -27.75 25.52
CA ASP E 164 67.87 -28.43 26.69
C ASP E 164 67.31 -27.86 27.98
N GLU E 165 67.37 -26.53 28.14
CA GLU E 165 66.83 -25.92 29.35
C GLU E 165 65.30 -25.98 29.36
N ALA E 166 64.67 -26.03 28.18
CA ALA E 166 63.22 -26.17 28.13
C ALA E 166 62.79 -27.53 28.67
N LEU E 167 63.51 -28.59 28.28
CA LEU E 167 63.21 -29.90 28.85
C LEU E 167 63.63 -29.97 30.31
N ASN E 168 64.66 -29.19 30.69
CA ASN E 168 65.10 -29.14 32.07
C ASN E 168 64.15 -28.34 32.96
N ASN E 169 63.37 -27.43 32.38
CA ASN E 169 62.44 -26.63 33.15
C ASN E 169 61.02 -27.16 33.03
N ASP F 37 -55.51 34.64 -14.11
CA ASP F 37 -56.34 33.53 -14.58
C ASP F 37 -56.04 32.25 -13.81
N LEU F 38 -57.11 31.56 -13.39
CA LEU F 38 -56.93 30.30 -12.67
C LEU F 38 -56.30 29.25 -13.56
N LYS F 39 -56.51 29.33 -14.88
CA LYS F 39 -55.87 28.39 -15.79
C LYS F 39 -54.36 28.60 -15.82
N SER F 40 -53.93 29.85 -15.79
CA SER F 40 -52.49 30.13 -15.74
C SER F 40 -51.89 29.61 -14.44
N THR F 41 -52.60 29.79 -13.33
CA THR F 41 -52.12 29.27 -12.05
C THR F 41 -52.04 27.75 -12.08
N GLN F 42 -53.01 27.11 -12.71
CA GLN F 42 -52.99 25.64 -12.79
C GLN F 42 -51.85 25.16 -13.68
N ALA F 43 -51.58 25.89 -14.77
CA ALA F 43 -50.44 25.54 -15.61
C ALA F 43 -49.13 25.73 -14.85
N ALA F 44 -49.04 26.78 -14.05
CA ALA F 44 -47.87 26.96 -13.21
C ALA F 44 -47.73 25.81 -12.22
N ILE F 45 -48.85 25.37 -11.63
CA ILE F 45 -48.82 24.22 -10.74
C ILE F 45 -48.30 22.99 -11.47
N ASP F 46 -48.80 22.77 -12.68
CA ASP F 46 -48.38 21.61 -13.45
C ASP F 46 -46.89 21.66 -13.75
N GLN F 47 -46.38 22.82 -14.16
CA GLN F 47 -44.98 22.89 -14.55
C GLN F 47 -44.06 22.82 -13.33
N ILE F 48 -44.48 23.40 -12.20
CA ILE F 48 -43.65 23.27 -11.01
C ILE F 48 -43.68 21.84 -10.51
N ASN F 49 -44.80 21.14 -10.66
CA ASN F 49 -44.84 19.73 -10.29
C ASN F 49 -43.95 18.92 -11.21
N GLY F 50 -43.93 19.27 -12.49
CA GLY F 50 -43.02 18.60 -13.42
C GLY F 50 -41.58 18.80 -13.01
N LYS F 51 -41.20 20.04 -12.71
CA LYS F 51 -39.83 20.32 -12.27
C LYS F 51 -39.53 19.59 -10.96
N LEU F 52 -40.53 19.47 -10.09
CA LEU F 52 -40.37 18.76 -8.84
C LEU F 52 -40.05 17.29 -9.09
N ASN F 53 -40.85 16.64 -9.94
CA ASN F 53 -40.58 15.26 -10.29
C ASN F 53 -39.21 15.13 -10.95
N ARG F 54 -38.86 16.09 -11.79
CA ARG F 54 -37.56 16.07 -12.46
C ARG F 54 -36.44 16.07 -11.45
N VAL F 55 -36.44 17.05 -10.53
CA VAL F 55 -35.35 17.13 -9.58
C VAL F 55 -35.36 15.94 -8.65
N ILE F 56 -36.55 15.40 -8.34
CA ILE F 56 -36.63 14.22 -7.49
C ILE F 56 -35.91 13.04 -8.15
N GLU F 57 -36.30 12.71 -9.38
CA GLU F 57 -35.69 11.57 -10.04
C GLU F 57 -34.21 11.81 -10.31
N LYS F 58 -33.85 13.06 -10.62
CA LYS F 58 -32.45 13.37 -10.86
C LYS F 58 -31.62 13.15 -9.61
N THR F 59 -32.08 13.69 -8.48
CA THR F 59 -31.37 13.47 -7.23
C THR F 59 -31.29 11.99 -6.90
N ASN F 60 -32.37 11.24 -7.17
CA ASN F 60 -32.38 9.82 -6.88
C ASN F 60 -31.30 9.10 -7.67
N GLU F 61 -31.29 9.31 -8.99
CA GLU F 61 -30.31 8.61 -9.82
C GLU F 61 -28.89 9.07 -9.51
N LYS F 62 -28.71 10.34 -9.17
CA LYS F 62 -27.38 10.80 -8.79
C LYS F 62 -26.91 10.12 -7.52
N PHE F 63 -27.81 9.97 -6.54
CA PHE F 63 -27.45 9.29 -5.31
C PHE F 63 -27.13 7.82 -5.57
N HIS F 64 -27.88 7.19 -6.47
CA HIS F 64 -27.58 5.82 -6.84
C HIS F 64 -26.18 5.72 -7.44
N GLN F 65 -25.88 6.61 -8.38
CA GLN F 65 -24.54 6.63 -8.95
C GLN F 65 -23.49 6.83 -7.87
N ILE F 66 -23.75 7.73 -6.93
CA ILE F 66 -22.79 8.03 -5.88
C ILE F 66 -22.54 6.82 -4.99
N GLU F 67 -23.59 6.11 -4.61
CA GLU F 67 -23.40 4.95 -3.75
C GLU F 67 -22.70 3.83 -4.51
N LYS F 68 -22.96 3.71 -5.82
CA LYS F 68 -22.24 2.74 -6.62
C LYS F 68 -20.75 3.08 -6.64
N GLU F 69 -20.45 4.36 -6.84
CA GLU F 69 -19.06 4.77 -6.87
C GLU F 69 -18.40 4.54 -5.52
N PHE F 70 -19.14 4.78 -4.44
CA PHE F 70 -18.64 4.52 -3.10
C PHE F 70 -18.27 3.06 -2.94
N SER F 71 -19.16 2.17 -3.38
CA SER F 71 -18.90 0.74 -3.26
C SER F 71 -17.68 0.33 -4.08
N GLU F 72 -17.56 0.85 -5.29
CA GLU F 72 -16.42 0.44 -6.12
C GLU F 72 -15.11 0.96 -5.54
N VAL F 73 -15.13 2.17 -4.98
CA VAL F 73 -13.91 2.69 -4.37
C VAL F 73 -13.55 1.87 -3.13
N GLU F 74 -14.56 1.47 -2.36
CA GLU F 74 -14.32 0.61 -1.21
C GLU F 74 -13.67 -0.69 -1.64
N GLY F 75 -14.20 -1.30 -2.70
CA GLY F 75 -13.61 -2.53 -3.20
C GLY F 75 -12.19 -2.34 -3.70
N ARG F 76 -11.92 -1.20 -4.35
CA ARG F 76 -10.57 -0.90 -4.80
C ARG F 76 -9.61 -0.84 -3.62
N ILE F 77 -10.01 -0.13 -2.57
CA ILE F 77 -9.17 -0.04 -1.38
C ILE F 77 -8.98 -1.42 -0.76
N GLN F 78 -10.03 -2.25 -0.81
CA GLN F 78 -9.94 -3.59 -0.26
C GLN F 78 -8.88 -4.42 -0.99
N ASP F 79 -8.96 -4.44 -2.32
CA ASP F 79 -7.98 -5.22 -3.06
C ASP F 79 -6.58 -4.62 -2.95
N LEU F 80 -6.49 -3.30 -2.77
CA LEU F 80 -5.17 -2.71 -2.54
C LEU F 80 -4.60 -3.18 -1.22
N GLU F 81 -5.42 -3.23 -0.18
CA GLU F 81 -4.97 -3.78 1.10
C GLU F 81 -4.51 -5.21 0.93
N LYS F 82 -5.29 -6.01 0.19
CA LYS F 82 -4.91 -7.40 -0.04
C LYS F 82 -3.56 -7.50 -0.74
N TYR F 83 -3.34 -6.65 -1.75
CA TYR F 83 -2.08 -6.66 -2.47
C TYR F 83 -0.93 -6.27 -1.55
N VAL F 84 -1.14 -5.28 -0.69
CA VAL F 84 -0.09 -4.87 0.23
C VAL F 84 0.25 -6.00 1.19
N GLU F 85 -0.77 -6.66 1.72
CA GLU F 85 -0.54 -7.77 2.64
C GLU F 85 0.20 -8.91 1.96
N ASP F 86 -0.21 -9.23 0.73
CA ASP F 86 0.45 -10.30 -0.01
C ASP F 86 1.91 -9.96 -0.25
N THR F 87 2.19 -8.71 -0.64
CA THR F 87 3.56 -8.29 -0.86
C THR F 87 4.39 -8.42 0.41
N LYS F 88 3.85 -7.94 1.53
CA LYS F 88 4.58 -8.03 2.78
C LYS F 88 4.86 -9.48 3.16
N ILE F 89 3.87 -10.35 2.99
CA ILE F 89 4.04 -11.76 3.34
C ILE F 89 5.12 -12.39 2.46
N ASP F 90 5.06 -12.14 1.16
CA ASP F 90 6.06 -12.70 0.26
C ASP F 90 7.45 -12.23 0.64
N LEU F 91 7.60 -10.93 0.91
CA LEU F 91 8.91 -10.38 1.20
C LEU F 91 9.47 -10.95 2.49
N TRP F 92 8.64 -11.03 3.54
CA TRP F 92 9.13 -11.57 4.80
C TRP F 92 9.47 -13.03 4.67
N SER F 93 8.66 -13.79 3.92
CA SER F 93 8.95 -15.20 3.73
C SER F 93 10.27 -15.39 2.98
N TYR F 94 10.50 -14.58 1.95
CA TYR F 94 11.75 -14.68 1.21
C TYR F 94 12.93 -14.29 2.10
N ASN F 95 12.73 -13.30 2.97
CA ASN F 95 13.78 -12.94 3.91
C ASN F 95 14.12 -14.11 4.81
N ALA F 96 13.09 -14.80 5.32
CA ALA F 96 13.35 -15.94 6.18
C ALA F 96 14.06 -17.04 5.41
N GLU F 97 13.65 -17.26 4.16
CA GLU F 97 14.26 -18.32 3.30
C GLU F 97 15.74 -17.99 3.09
N LEU F 98 16.06 -16.74 2.76
CA LEU F 98 17.44 -16.34 2.55
C LEU F 98 18.24 -16.43 3.83
N LEU F 99 17.63 -16.07 4.97
CA LEU F 99 18.31 -16.15 6.25
C LEU F 99 18.70 -17.59 6.57
N VAL F 100 17.74 -18.51 6.48
CA VAL F 100 18.05 -19.90 6.80
C VAL F 100 19.02 -20.47 5.78
N ALA F 101 18.98 -19.99 4.53
CA ALA F 101 19.93 -20.45 3.53
C ALA F 101 21.34 -20.02 3.89
N LEU F 102 21.50 -18.76 4.29
CA LEU F 102 22.81 -18.28 4.70
C LEU F 102 23.32 -19.07 5.89
N GLU F 103 22.45 -19.34 6.85
CA GLU F 103 22.85 -20.09 8.03
C GLU F 103 23.30 -21.50 7.64
N ASN F 104 22.52 -22.15 6.77
CA ASN F 104 22.88 -23.49 6.32
C ASN F 104 24.23 -23.47 5.60
N GLN F 105 24.44 -22.47 4.75
CA GLN F 105 25.70 -22.39 4.03
C GLN F 105 26.87 -22.25 5.00
N HIS F 106 26.73 -21.36 5.98
CA HIS F 106 27.79 -21.17 6.96
C HIS F 106 28.07 -22.46 7.72
N THR F 107 27.02 -23.13 8.18
CA THR F 107 27.19 -24.36 8.95
C THR F 107 27.89 -25.43 8.12
N ILE F 108 27.41 -25.65 6.90
CA ILE F 108 27.99 -26.67 6.03
C ILE F 108 29.45 -26.35 5.76
N ASP F 109 29.75 -25.08 5.49
CA ASP F 109 31.12 -24.68 5.18
C ASP F 109 32.03 -24.97 6.37
N LEU F 110 31.63 -24.53 7.57
CA LEU F 110 32.49 -24.75 8.71
C LEU F 110 32.69 -26.25 8.98
N THR F 111 31.61 -27.04 8.91
CA THR F 111 31.75 -28.44 9.27
C THR F 111 32.58 -29.20 8.26
N ASP F 112 32.37 -28.96 6.96
CA ASP F 112 33.14 -29.72 5.99
C ASP F 112 34.57 -29.23 5.93
N SER F 113 34.81 -27.95 6.23
CA SER F 113 36.18 -27.47 6.31
C SER F 113 36.94 -28.15 7.45
N GLU F 114 36.34 -28.19 8.64
CA GLU F 114 37.02 -28.86 9.74
C GLU F 114 37.13 -30.36 9.50
N MET F 115 36.17 -30.94 8.79
CA MET F 115 36.28 -32.35 8.44
C MET F 115 37.45 -32.61 7.52
N ASN F 116 37.63 -31.76 6.50
CA ASN F 116 38.80 -31.90 5.64
C ASN F 116 40.09 -31.67 6.42
N LYS F 117 40.06 -30.76 7.39
CA LYS F 117 41.23 -30.51 8.21
C LYS F 117 41.62 -31.77 8.98
N LEU F 118 40.68 -32.36 9.71
CA LEU F 118 41.00 -33.56 10.47
C LEU F 118 41.36 -34.72 9.55
N PHE F 119 40.74 -34.80 8.37
CA PHE F 119 41.10 -35.86 7.44
C PHE F 119 42.53 -35.71 6.95
N GLU F 120 42.95 -34.48 6.67
CA GLU F 120 44.34 -34.24 6.31
C GLU F 120 45.27 -34.56 7.46
N LYS F 121 44.85 -34.26 8.69
CA LYS F 121 45.65 -34.62 9.86
C LYS F 121 45.86 -36.13 9.93
N THR F 122 44.77 -36.88 9.78
CA THR F 122 44.87 -38.35 9.78
C THR F 122 45.78 -38.83 8.65
N ARG F 123 45.56 -38.31 7.44
CA ARG F 123 46.40 -38.67 6.30
C ARG F 123 47.87 -38.39 6.58
N ARG F 124 48.16 -37.33 7.33
CA ARG F 124 49.53 -37.05 7.73
C ARG F 124 50.03 -38.12 8.68
N GLN F 125 49.28 -38.40 9.74
CA GLN F 125 49.70 -39.43 10.68
C GLN F 125 49.56 -40.84 10.10
N LEU F 126 48.70 -41.01 9.10
CA LEU F 126 48.57 -42.28 8.37
C LEU F 126 49.32 -42.14 7.06
N ARG F 127 50.63 -42.34 7.12
CA ARG F 127 51.49 -42.11 5.97
C ARG F 127 51.65 -43.35 5.08
N GLU F 128 52.18 -44.44 5.64
CA GLU F 128 52.50 -45.63 4.85
C GLU F 128 52.04 -46.89 5.56
N ASN F 129 50.82 -46.88 6.08
CA ASN F 129 50.19 -48.09 6.60
C ASN F 129 48.90 -48.42 5.88
N ALA F 130 48.01 -47.45 5.71
CA ALA F 130 46.76 -47.61 4.98
C ALA F 130 46.75 -46.63 3.81
N GLU F 131 45.71 -46.72 2.99
CA GLU F 131 45.59 -45.83 1.83
C GLU F 131 44.14 -45.42 1.64
N GLU F 132 43.93 -44.14 1.35
CA GLU F 132 42.58 -43.64 1.11
C GLU F 132 42.02 -44.21 -0.19
N MET F 133 40.72 -44.52 -0.17
CA MET F 133 40.09 -45.13 -1.33
C MET F 133 39.53 -44.10 -2.30
N GLY F 134 39.29 -42.86 -1.86
CA GLY F 134 38.79 -41.84 -2.75
C GLY F 134 37.60 -41.09 -2.19
N ASN F 135 36.99 -41.63 -1.13
CA ASN F 135 35.84 -41.03 -0.47
C ASN F 135 36.18 -40.53 0.92
N GLY F 136 37.45 -40.20 1.15
CA GLY F 136 37.87 -39.76 2.47
C GLY F 136 37.96 -40.87 3.48
N CYS F 137 38.16 -42.11 3.04
CA CYS F 137 38.19 -43.27 3.92
C CYS F 137 39.45 -44.07 3.62
N PHE F 138 40.13 -44.52 4.66
CA PHE F 138 41.37 -45.25 4.53
C PHE F 138 41.13 -46.75 4.65
N LYS F 139 41.46 -47.48 3.58
CA LYS F 139 41.52 -48.93 3.60
C LYS F 139 42.84 -49.35 4.24
N ILE F 140 42.76 -50.14 5.31
CA ILE F 140 43.93 -50.59 6.05
C ILE F 140 44.36 -51.94 5.49
N TYR F 141 45.66 -52.08 5.25
CA TYR F 141 46.20 -53.31 4.69
C TYR F 141 46.57 -54.34 5.73
N HIS F 142 46.85 -53.91 6.96
CA HIS F 142 47.22 -54.82 8.04
C HIS F 142 46.13 -54.82 9.12
N LYS F 143 46.29 -55.72 10.07
CA LYS F 143 45.36 -55.88 11.18
C LYS F 143 46.01 -55.37 12.47
N CYS F 144 45.25 -54.65 13.27
CA CYS F 144 45.72 -54.15 14.54
C CYS F 144 44.56 -54.11 15.53
N ASP F 145 44.87 -54.39 16.79
CA ASP F 145 43.85 -54.41 17.83
C ASP F 145 43.31 -53.00 18.06
N ASN F 146 42.25 -52.92 18.86
CA ASN F 146 41.59 -51.63 19.10
C ASN F 146 42.54 -50.59 19.69
N ALA F 147 43.67 -51.03 20.26
CA ALA F 147 44.67 -50.07 20.73
C ALA F 147 45.17 -49.19 19.57
N CYS F 148 45.27 -49.75 18.37
CA CYS F 148 45.71 -48.94 17.24
C CYS F 148 44.65 -47.90 16.88
N ILE F 149 43.37 -48.29 16.92
CA ILE F 149 42.30 -47.34 16.64
C ILE F 149 42.28 -46.23 17.68
N GLU F 150 42.52 -46.59 18.95
CA GLU F 150 42.61 -45.60 20.00
C GLU F 150 43.77 -44.64 19.75
N SER F 151 44.93 -45.19 19.37
CA SER F 151 46.09 -44.35 19.08
C SER F 151 45.83 -43.42 17.89
N ILE F 152 45.05 -43.89 16.91
CA ILE F 152 44.65 -43.03 15.81
C ILE F 152 43.74 -41.92 16.30
N ARG F 153 42.77 -42.25 17.15
CA ARG F 153 41.79 -41.27 17.60
C ARG F 153 42.40 -40.24 18.54
N ASN F 154 43.55 -40.53 19.15
CA ASN F 154 44.21 -39.57 20.02
C ASN F 154 45.42 -38.92 19.36
N GLY F 155 45.69 -39.23 18.09
CA GLY F 155 46.76 -38.57 17.36
C GLY F 155 48.16 -38.97 17.73
N THR F 156 48.34 -40.02 18.52
CA THR F 156 49.65 -40.51 18.92
C THR F 156 49.84 -41.89 18.29
N TYR F 157 50.41 -41.90 17.09
CA TYR F 157 50.55 -43.13 16.33
C TYR F 157 51.90 -43.22 15.64
N ASP F 158 52.45 -44.43 15.61
CA ASP F 158 53.69 -44.74 14.90
C ASP F 158 53.36 -45.77 13.84
N HIS F 159 53.40 -45.35 12.57
CA HIS F 159 53.08 -46.22 11.46
C HIS F 159 54.28 -47.03 10.98
N ASP F 160 55.29 -47.18 11.84
CA ASP F 160 56.47 -47.97 11.53
C ASP F 160 56.39 -49.40 12.04
N VAL F 161 55.67 -49.63 13.14
CA VAL F 161 55.57 -50.99 13.67
C VAL F 161 54.86 -51.90 12.69
N TYR F 162 53.95 -51.34 11.89
CA TYR F 162 53.17 -52.10 10.92
C TYR F 162 53.43 -51.68 9.48
N ARG F 163 54.41 -50.81 9.23
CA ARG F 163 54.70 -50.42 7.85
C ARG F 163 55.21 -51.60 7.06
N ASP F 164 55.95 -52.51 7.71
CA ASP F 164 56.48 -53.68 7.03
C ASP F 164 55.35 -54.56 6.51
N GLU F 165 54.40 -54.91 7.39
CA GLU F 165 53.28 -55.73 6.94
C GLU F 165 52.35 -54.95 6.02
N ALA F 166 52.30 -53.62 6.16
CA ALA F 166 51.48 -52.82 5.26
C ALA F 166 52.04 -52.87 3.84
N LEU F 167 53.36 -52.77 3.70
CA LEU F 167 53.96 -52.93 2.38
C LEU F 167 53.88 -54.37 1.92
N ASN F 168 53.87 -55.32 2.85
CA ASN F 168 53.73 -56.72 2.52
C ASN F 168 52.31 -57.10 2.13
N ASN F 169 51.32 -56.34 2.56
CA ASN F 169 49.92 -56.61 2.23
C ASN F 169 49.44 -55.71 1.10
#